data_6LVU
# 
_entry.id   6LVU 
# 
_audit_conform.dict_name       mmcif_pdbx.dic 
_audit_conform.dict_version    5.380 
_audit_conform.dict_location   http://mmcif.pdb.org/dictionaries/ascii/mmcif_pdbx.dic 
# 
loop_
_database_2.database_id 
_database_2.database_code 
_database_2.pdbx_database_accession 
_database_2.pdbx_DOI 
PDB   6LVU         pdb_00006lvu 10.2210/pdb6lvu/pdb 
WWPDB D_1300015584 ?            ?                   
# 
_pdbx_database_status.status_code                     REL 
_pdbx_database_status.status_code_sf                  REL 
_pdbx_database_status.status_code_mr                  ? 
_pdbx_database_status.entry_id                        6LVU 
_pdbx_database_status.recvd_initial_deposition_date   2020-02-05 
_pdbx_database_status.SG_entry                        N 
_pdbx_database_status.deposit_site                    PDBJ 
_pdbx_database_status.process_site                    PDBJ 
_pdbx_database_status.status_code_cs                  ? 
_pdbx_database_status.status_code_nmr_data            ? 
_pdbx_database_status.methods_development_category    ? 
_pdbx_database_status.pdb_format_compatible           Y 
# 
loop_
_audit_author.name 
_audit_author.pdbx_ordinal 
_audit_author.identifier_ORCID 
'Lee, Y.'   1 0000-0002-9156-6477 
'Lee, W.C.' 2 0000-0002-5500-9518 
'Kim, Y.'   3 0000-0001-6438-4718 
# 
_citation.abstract                  ? 
_citation.abstract_id_CAS           ? 
_citation.book_id_ISBN              ? 
_citation.book_publisher            ? 
_citation.book_publisher_city       ? 
_citation.book_title                ? 
_citation.coordinate_linkage        ? 
_citation.country                   CH 
_citation.database_id_Medline       ? 
_citation.details                   ? 
_citation.id                        primary 
_citation.journal_abbrev            'Int J Mol Sci' 
_citation.journal_id_ASTM           ? 
_citation.journal_id_CSD            ? 
_citation.journal_id_ISSN           1422-0067 
_citation.journal_full              ? 
_citation.journal_issue             ? 
_citation.journal_volume            21 
_citation.language                  ? 
_citation.page_first                ? 
_citation.page_last                 ? 
_citation.title                     
'Structural Characterization of an ACP fromThermotoga maritima: Insights into Hyperthermal Adaptation.' 
_citation.year                      2020 
_citation.database_id_CSD           ? 
_citation.pdbx_database_id_DOI      10.3390/ijms21072600 
_citation.pdbx_database_id_PubMed   32283632 
_citation.unpublished_flag          ? 
# 
loop_
_citation_author.citation_id 
_citation_author.name 
_citation_author.ordinal 
_citation_author.identifier_ORCID 
primary 'Lee, Y.'     1 ? 
primary 'Jang, A.'    2 ? 
primary 'Jeong, M.C.' 3 ? 
primary 'Park, N.'    4 ? 
primary 'Park, J.'    5 ? 
primary 'Lee, W.C.'   6 ? 
primary 'Cheong, C.'  7 ? 
primary 'Kim, Y.'     8 ? 
# 
_cell.angle_alpha                  90.000 
_cell.angle_alpha_esd              ? 
_cell.angle_beta                   90.000 
_cell.angle_beta_esd               ? 
_cell.angle_gamma                  90.000 
_cell.angle_gamma_esd              ? 
_cell.entry_id                     6LVU 
_cell.details                      ? 
_cell.formula_units_Z              ? 
_cell.length_a                     23.834 
_cell.length_a_esd                 ? 
_cell.length_b                     61.955 
_cell.length_b_esd                 ? 
_cell.length_c                     95.724 
_cell.length_c_esd                 ? 
_cell.volume                       ? 
_cell.volume_esd                   ? 
_cell.Z_PDB                        8 
_cell.reciprocal_angle_alpha       ? 
_cell.reciprocal_angle_beta        ? 
_cell.reciprocal_angle_gamma       ? 
_cell.reciprocal_angle_alpha_esd   ? 
_cell.reciprocal_angle_beta_esd    ? 
_cell.reciprocal_angle_gamma_esd   ? 
_cell.reciprocal_length_a          ? 
_cell.reciprocal_length_b          ? 
_cell.reciprocal_length_c          ? 
_cell.reciprocal_length_a_esd      ? 
_cell.reciprocal_length_b_esd      ? 
_cell.reciprocal_length_c_esd      ? 
_cell.pdbx_unique_axis             ? 
# 
_symmetry.entry_id                         6LVU 
_symmetry.cell_setting                     ? 
_symmetry.Int_Tables_number                19 
_symmetry.space_group_name_Hall            ? 
_symmetry.space_group_name_H-M             'P 21 21 21' 
_symmetry.pdbx_full_space_group_name_H-M   ? 
# 
loop_
_entity.id 
_entity.type 
_entity.src_method 
_entity.pdbx_description 
_entity.formula_weight 
_entity.pdbx_number_of_molecules 
_entity.pdbx_ec 
_entity.pdbx_mutation 
_entity.pdbx_fragment 
_entity.details 
1 polymer     man 'Acyl carrier protein' 8905.988 2  ? ? ACP ? 
2 non-polymer syn 'ZINC ION'             65.409   9  ? ? ?   ? 
3 water       nat water                  18.015   17 ? ? ?   ? 
# 
_entity_name_com.entity_id   1 
_entity_name_com.name        ACP 
# 
_entity_poly.entity_id                      1 
_entity_poly.type                           'polypeptide(L)' 
_entity_poly.nstd_linkage                   no 
_entity_poly.nstd_monomer                   no 
_entity_poly.pdbx_seq_one_letter_code       
;MASREEIFSKVKSIISEKLGVDESQVTEEAKLIDDLGADSLDLVDLVMDFESEFGVKVDDADLEKISTVGDIVSYIEKKL
G
;
_entity_poly.pdbx_seq_one_letter_code_can   
;MASREEIFSKVKSIISEKLGVDESQVTEEAKLIDDLGADSLDLVDLVMDFESEFGVKVDDADLEKISTVGDIVSYIEKKL
G
;
_entity_poly.pdbx_strand_id                 A,B 
_entity_poly.pdbx_target_identifier         ? 
# 
loop_
_entity_poly_seq.entity_id 
_entity_poly_seq.num 
_entity_poly_seq.mon_id 
_entity_poly_seq.hetero 
1 1  MET n 
1 2  ALA n 
1 3  SER n 
1 4  ARG n 
1 5  GLU n 
1 6  GLU n 
1 7  ILE n 
1 8  PHE n 
1 9  SER n 
1 10 LYS n 
1 11 VAL n 
1 12 LYS n 
1 13 SER n 
1 14 ILE n 
1 15 ILE n 
1 16 SER n 
1 17 GLU n 
1 18 LYS n 
1 19 LEU n 
1 20 GLY n 
1 21 VAL n 
1 22 ASP n 
1 23 GLU n 
1 24 SER n 
1 25 GLN n 
1 26 VAL n 
1 27 THR n 
1 28 GLU n 
1 29 GLU n 
1 30 ALA n 
1 31 LYS n 
1 32 LEU n 
1 33 ILE n 
1 34 ASP n 
1 35 ASP n 
1 36 LEU n 
1 37 GLY n 
1 38 ALA n 
1 39 ASP n 
1 40 SER n 
1 41 LEU n 
1 42 ASP n 
1 43 LEU n 
1 44 VAL n 
1 45 ASP n 
1 46 LEU n 
1 47 VAL n 
1 48 MET n 
1 49 ASP n 
1 50 PHE n 
1 51 GLU n 
1 52 SER n 
1 53 GLU n 
1 54 PHE n 
1 55 GLY n 
1 56 VAL n 
1 57 LYS n 
1 58 VAL n 
1 59 ASP n 
1 60 ASP n 
1 61 ALA n 
1 62 ASP n 
1 63 LEU n 
1 64 GLU n 
1 65 LYS n 
1 66 ILE n 
1 67 SER n 
1 68 THR n 
1 69 VAL n 
1 70 GLY n 
1 71 ASP n 
1 72 ILE n 
1 73 VAL n 
1 74 SER n 
1 75 TYR n 
1 76 ILE n 
1 77 GLU n 
1 78 LYS n 
1 79 LYS n 
1 80 LEU n 
1 81 GLY n 
# 
_entity_src_gen.entity_id                          1 
_entity_src_gen.pdbx_src_id                        1 
_entity_src_gen.pdbx_alt_source_flag               sample 
_entity_src_gen.pdbx_seq_type                      'Biological sequence' 
_entity_src_gen.pdbx_beg_seq_num                   1 
_entity_src_gen.pdbx_end_seq_num                   81 
_entity_src_gen.gene_src_common_name               ? 
_entity_src_gen.gene_src_genus                     ? 
_entity_src_gen.pdbx_gene_src_gene                 acpP 
_entity_src_gen.gene_src_species                   ? 
_entity_src_gen.gene_src_strain                    MSB8 
_entity_src_gen.gene_src_tissue                    ? 
_entity_src_gen.gene_src_tissue_fraction           ? 
_entity_src_gen.gene_src_details                   ? 
_entity_src_gen.pdbx_gene_src_fragment             ? 
_entity_src_gen.pdbx_gene_src_scientific_name      'Thermotoga maritima MSB8' 
_entity_src_gen.pdbx_gene_src_ncbi_taxonomy_id     243274 
_entity_src_gen.pdbx_gene_src_variant              ? 
_entity_src_gen.pdbx_gene_src_cell_line            ? 
_entity_src_gen.pdbx_gene_src_atcc                 43589 
_entity_src_gen.pdbx_gene_src_organ                ? 
_entity_src_gen.pdbx_gene_src_organelle            ? 
_entity_src_gen.pdbx_gene_src_cell                 ? 
_entity_src_gen.pdbx_gene_src_cellular_location    ? 
_entity_src_gen.host_org_common_name               ? 
_entity_src_gen.pdbx_host_org_scientific_name      'Escherichia coli BL21(DE3)' 
_entity_src_gen.pdbx_host_org_ncbi_taxonomy_id     469008 
_entity_src_gen.host_org_genus                     ? 
_entity_src_gen.pdbx_host_org_gene                 ? 
_entity_src_gen.pdbx_host_org_organ                ? 
_entity_src_gen.host_org_species                   ? 
_entity_src_gen.pdbx_host_org_tissue               ? 
_entity_src_gen.pdbx_host_org_tissue_fraction      ? 
_entity_src_gen.pdbx_host_org_strain               'BL21(DE3)' 
_entity_src_gen.pdbx_host_org_variant              ? 
_entity_src_gen.pdbx_host_org_cell_line            ? 
_entity_src_gen.pdbx_host_org_atcc                 ? 
_entity_src_gen.pdbx_host_org_culture_collection   ? 
_entity_src_gen.pdbx_host_org_cell                 ? 
_entity_src_gen.pdbx_host_org_organelle            ? 
_entity_src_gen.pdbx_host_org_cellular_location    ? 
_entity_src_gen.pdbx_host_org_vector_type          plasmid 
_entity_src_gen.pdbx_host_org_vector               ? 
_entity_src_gen.host_org_details                   ? 
_entity_src_gen.expression_system_id               ? 
_entity_src_gen.plasmid_name                       pET11a 
_entity_src_gen.plasmid_details                    ? 
_entity_src_gen.pdbx_description                   ? 
# 
_struct_ref.id                         1 
_struct_ref.db_name                    UNP 
_struct_ref.db_code                    ACP_THEMA 
_struct_ref.pdbx_db_accession          Q9WZD0 
_struct_ref.pdbx_db_isoform            ? 
_struct_ref.entity_id                  1 
_struct_ref.pdbx_seq_one_letter_code   
;MASREEIFSKVKSIISEKLGVDESQVTEEAKLIDDLGADSLDLVDLVMDFESEFGVKVDDADLEKISTVGDIVSYIEKKL
G
;
_struct_ref.pdbx_align_begin           1 
# 
loop_
_struct_ref_seq.align_id 
_struct_ref_seq.ref_id 
_struct_ref_seq.pdbx_PDB_id_code 
_struct_ref_seq.pdbx_strand_id 
_struct_ref_seq.seq_align_beg 
_struct_ref_seq.pdbx_seq_align_beg_ins_code 
_struct_ref_seq.seq_align_end 
_struct_ref_seq.pdbx_seq_align_end_ins_code 
_struct_ref_seq.pdbx_db_accession 
_struct_ref_seq.db_align_beg 
_struct_ref_seq.pdbx_db_align_beg_ins_code 
_struct_ref_seq.db_align_end 
_struct_ref_seq.pdbx_db_align_end_ins_code 
_struct_ref_seq.pdbx_auth_seq_align_beg 
_struct_ref_seq.pdbx_auth_seq_align_end 
1 1 6LVU A 1 ? 81 ? Q9WZD0 1 ? 81 ? 1 81 
2 1 6LVU B 1 ? 81 ? Q9WZD0 1 ? 81 ? 1 81 
# 
loop_
_chem_comp.id 
_chem_comp.type 
_chem_comp.mon_nstd_flag 
_chem_comp.name 
_chem_comp.pdbx_synonyms 
_chem_comp.formula 
_chem_comp.formula_weight 
ALA 'L-peptide linking' y ALANINE         ? 'C3 H7 N O2'     89.093  
ARG 'L-peptide linking' y ARGININE        ? 'C6 H15 N4 O2 1' 175.209 
ASP 'L-peptide linking' y 'ASPARTIC ACID' ? 'C4 H7 N O4'     133.103 
GLN 'L-peptide linking' y GLUTAMINE       ? 'C5 H10 N2 O3'   146.144 
GLU 'L-peptide linking' y 'GLUTAMIC ACID' ? 'C5 H9 N O4'     147.129 
GLY 'peptide linking'   y GLYCINE         ? 'C2 H5 N O2'     75.067  
HOH non-polymer         . WATER           ? 'H2 O'           18.015  
ILE 'L-peptide linking' y ISOLEUCINE      ? 'C6 H13 N O2'    131.173 
LEU 'L-peptide linking' y LEUCINE         ? 'C6 H13 N O2'    131.173 
LYS 'L-peptide linking' y LYSINE          ? 'C6 H15 N2 O2 1' 147.195 
MET 'L-peptide linking' y METHIONINE      ? 'C5 H11 N O2 S'  149.211 
PHE 'L-peptide linking' y PHENYLALANINE   ? 'C9 H11 N O2'    165.189 
SER 'L-peptide linking' y SERINE          ? 'C3 H7 N O3'     105.093 
THR 'L-peptide linking' y THREONINE       ? 'C4 H9 N O3'     119.119 
TYR 'L-peptide linking' y TYROSINE        ? 'C9 H11 N O3'    181.189 
VAL 'L-peptide linking' y VALINE          ? 'C5 H11 N O2'    117.146 
ZN  non-polymer         . 'ZINC ION'      ? 'Zn 2'           65.409  
# 
_exptl.absorpt_coefficient_mu     ? 
_exptl.absorpt_correction_T_max   ? 
_exptl.absorpt_correction_T_min   ? 
_exptl.absorpt_correction_type    ? 
_exptl.absorpt_process_details    ? 
_exptl.entry_id                   6LVU 
_exptl.crystals_number            1 
_exptl.details                    ? 
_exptl.method                     'X-RAY DIFFRACTION' 
_exptl.method_details             ? 
# 
_exptl_crystal.colour                      ? 
_exptl_crystal.density_diffrn              ? 
_exptl_crystal.density_Matthews            1.98 
_exptl_crystal.density_method              ? 
_exptl_crystal.density_percent_sol         38.00 
_exptl_crystal.description                 ? 
_exptl_crystal.F_000                       ? 
_exptl_crystal.id                          1 
_exptl_crystal.preparation                 ? 
_exptl_crystal.size_max                    ? 
_exptl_crystal.size_mid                    ? 
_exptl_crystal.size_min                    ? 
_exptl_crystal.size_rad                    ? 
_exptl_crystal.colour_lustre               ? 
_exptl_crystal.colour_modifier             ? 
_exptl_crystal.colour_primary              ? 
_exptl_crystal.density_meas                ? 
_exptl_crystal.density_meas_esd            ? 
_exptl_crystal.density_meas_gt             ? 
_exptl_crystal.density_meas_lt             ? 
_exptl_crystal.density_meas_temp           ? 
_exptl_crystal.density_meas_temp_esd       ? 
_exptl_crystal.density_meas_temp_gt        ? 
_exptl_crystal.density_meas_temp_lt        ? 
_exptl_crystal.pdbx_crystal_image_url      ? 
_exptl_crystal.pdbx_crystal_image_format   ? 
_exptl_crystal.pdbx_mosaicity              ? 
_exptl_crystal.pdbx_mosaicity_esd          ? 
# 
_exptl_crystal_grow.apparatus       ? 
_exptl_crystal_grow.atmosphere      ? 
_exptl_crystal_grow.crystal_id      1 
_exptl_crystal_grow.details         ? 
_exptl_crystal_grow.method          'VAPOR DIFFUSION' 
_exptl_crystal_grow.method_ref      ? 
_exptl_crystal_grow.pH              6.4 
_exptl_crystal_grow.pressure        ? 
_exptl_crystal_grow.pressure_esd    ? 
_exptl_crystal_grow.seeding         ? 
_exptl_crystal_grow.seeding_ref     ? 
_exptl_crystal_grow.temp            293 
_exptl_crystal_grow.temp_details    ? 
_exptl_crystal_grow.temp_esd        ? 
_exptl_crystal_grow.time            ? 
_exptl_crystal_grow.pdbx_details    '0.2M zinc acetate dihydrate, 20% PEG 3350' 
_exptl_crystal_grow.pdbx_pH_range   ? 
# 
_diffrn.ambient_environment              ? 
_diffrn.ambient_temp                     100 
_diffrn.ambient_temp_details             ? 
_diffrn.ambient_temp_esd                 ? 
_diffrn.crystal_id                       1 
_diffrn.crystal_support                  ? 
_diffrn.crystal_treatment                ? 
_diffrn.details                          ? 
_diffrn.id                               1 
_diffrn.ambient_pressure                 ? 
_diffrn.ambient_pressure_esd             ? 
_diffrn.ambient_pressure_gt              ? 
_diffrn.ambient_pressure_lt              ? 
_diffrn.ambient_temp_gt                  ? 
_diffrn.ambient_temp_lt                  ? 
_diffrn.pdbx_serial_crystal_experiment   N 
# 
_diffrn_detector.details                      ? 
_diffrn_detector.detector                     CCD 
_diffrn_detector.diffrn_id                    1 
_diffrn_detector.type                         'ADSC QUANTUM 270' 
_diffrn_detector.area_resol_mean              ? 
_diffrn_detector.dtime                        ? 
_diffrn_detector.pdbx_frames_total            ? 
_diffrn_detector.pdbx_collection_time_total   ? 
_diffrn_detector.pdbx_collection_date         2018-02-25 
_diffrn_detector.pdbx_frequency               ? 
# 
_diffrn_radiation.collimation                      ? 
_diffrn_radiation.diffrn_id                        1 
_diffrn_radiation.filter_edge                      ? 
_diffrn_radiation.inhomogeneity                    ? 
_diffrn_radiation.monochromator                    ? 
_diffrn_radiation.polarisn_norm                    ? 
_diffrn_radiation.polarisn_ratio                   ? 
_diffrn_radiation.probe                            ? 
_diffrn_radiation.type                             ? 
_diffrn_radiation.xray_symbol                      ? 
_diffrn_radiation.wavelength_id                    1 
_diffrn_radiation.pdbx_monochromatic_or_laue_m_l   M 
_diffrn_radiation.pdbx_wavelength_list             ? 
_diffrn_radiation.pdbx_wavelength                  ? 
_diffrn_radiation.pdbx_diffrn_protocol             'SINGLE WAVELENGTH' 
_diffrn_radiation.pdbx_analyzer                    ? 
_diffrn_radiation.pdbx_scattering_type             x-ray 
# 
_diffrn_radiation_wavelength.id           1 
_diffrn_radiation_wavelength.wavelength   0.979 
_diffrn_radiation_wavelength.wt           1.0 
# 
_diffrn_source.current                     ? 
_diffrn_source.details                     ? 
_diffrn_source.diffrn_id                   1 
_diffrn_source.power                       ? 
_diffrn_source.size                        ? 
_diffrn_source.source                      SYNCHROTRON 
_diffrn_source.target                      ? 
_diffrn_source.type                        'PAL/PLS BEAMLINE 7A (6B, 6C1)' 
_diffrn_source.voltage                     ? 
_diffrn_source.take-off_angle              ? 
_diffrn_source.pdbx_wavelength_list        0.979 
_diffrn_source.pdbx_wavelength             ? 
_diffrn_source.pdbx_synchrotron_beamline   '7A (6B, 6C1)' 
_diffrn_source.pdbx_synchrotron_site       PAL/PLS 
# 
_reflns.B_iso_Wilson_estimate            20.070 
_reflns.entry_id                         6LVU 
_reflns.data_reduction_details           ? 
_reflns.data_reduction_method            ? 
_reflns.d_resolution_high                2.2940 
_reflns.d_resolution_low                 50.000 
_reflns.details                          ? 
_reflns.limit_h_max                      ? 
_reflns.limit_h_min                      ? 
_reflns.limit_k_max                      ? 
_reflns.limit_k_min                      ? 
_reflns.limit_l_max                      ? 
_reflns.limit_l_min                      ? 
_reflns.number_all                       ? 
_reflns.number_obs                       6764 
_reflns.observed_criterion               ? 
_reflns.observed_criterion_F_max         ? 
_reflns.observed_criterion_F_min         ? 
_reflns.observed_criterion_I_max         ? 
_reflns.observed_criterion_I_min         ? 
_reflns.observed_criterion_sigma_F       ? 
_reflns.observed_criterion_sigma_I       ? 
_reflns.percent_possible_obs             99.000 
_reflns.R_free_details                   ? 
_reflns.Rmerge_F_all                     ? 
_reflns.Rmerge_F_obs                     ? 
_reflns.Friedel_coverage                 ? 
_reflns.number_gt                        ? 
_reflns.threshold_expression             ? 
_reflns.pdbx_redundancy                  7.300 
_reflns.pdbx_Rmerge_I_obs                0.081 
_reflns.pdbx_Rmerge_I_all                ? 
_reflns.pdbx_Rsym_value                  ? 
_reflns.pdbx_netI_over_av_sigmaI         ? 
_reflns.pdbx_netI_over_sigmaI            22.800 
_reflns.pdbx_res_netI_over_av_sigmaI_2   ? 
_reflns.pdbx_res_netI_over_sigmaI_2      ? 
_reflns.pdbx_chi_squared                 3.869 
_reflns.pdbx_scaling_rejects             ? 
_reflns.pdbx_d_res_high_opt              ? 
_reflns.pdbx_d_res_low_opt               ? 
_reflns.pdbx_d_res_opt_method            ? 
_reflns.phase_calculation_details        ? 
_reflns.pdbx_Rrim_I_all                  0.088 
_reflns.pdbx_Rpim_I_all                  0.032 
_reflns.pdbx_d_opt                       ? 
_reflns.pdbx_number_measured_all         ? 
_reflns.pdbx_diffrn_id                   1 
_reflns.pdbx_ordinal                     1 
_reflns.pdbx_CC_half                     ? 
_reflns.pdbx_CC_star                     ? 
_reflns.pdbx_R_split                     ? 
# 
loop_
_reflns_shell.d_res_high 
_reflns_shell.d_res_low 
_reflns_shell.meanI_over_sigI_all 
_reflns_shell.meanI_over_sigI_obs 
_reflns_shell.number_measured_all 
_reflns_shell.number_measured_obs 
_reflns_shell.number_possible 
_reflns_shell.number_unique_all 
_reflns_shell.number_unique_obs 
_reflns_shell.percent_possible_all 
_reflns_shell.percent_possible_obs 
_reflns_shell.Rmerge_F_all 
_reflns_shell.Rmerge_F_obs 
_reflns_shell.Rmerge_I_all 
_reflns_shell.Rmerge_I_obs 
_reflns_shell.meanI_over_sigI_gt 
_reflns_shell.meanI_over_uI_all 
_reflns_shell.meanI_over_uI_gt 
_reflns_shell.number_measured_gt 
_reflns_shell.number_unique_gt 
_reflns_shell.percent_possible_gt 
_reflns_shell.Rmerge_F_gt 
_reflns_shell.Rmerge_I_gt 
_reflns_shell.pdbx_redundancy 
_reflns_shell.pdbx_Rsym_value 
_reflns_shell.pdbx_chi_squared 
_reflns_shell.pdbx_netI_over_sigmaI_all 
_reflns_shell.pdbx_netI_over_sigmaI_obs 
_reflns_shell.pdbx_Rrim_I_all 
_reflns_shell.pdbx_Rpim_I_all 
_reflns_shell.pdbx_rejects 
_reflns_shell.pdbx_ordinal 
_reflns_shell.pdbx_diffrn_id 
_reflns_shell.pdbx_CC_half 
_reflns_shell.pdbx_CC_star 
_reflns_shell.pdbx_R_split 
2.300 2.380 ? ? ? ? ? ? 685 99.700  ? ? ? ? 0.201 ? ? ? ? ? ? ? ? 7.100 ? 3.183 ? ? 0.218 0.082 ? 1  1 0.992 ? ? 
2.380 2.480 ? ? ? ? ? ? 635 100.000 ? ? ? ? 0.183 ? ? ? ? ? ? ? ? 7.900 ? 3.408 ? ? 0.196 0.070 ? 2  1 0.995 ? ? 
2.480 2.590 ? ? ? ? ? ? 661 100.000 ? ? ? ? 0.147 ? ? ? ? ? ? ? ? 7.700 ? 3.396 ? ? 0.158 0.057 ? 3  1 0.995 ? ? 
2.590 2.730 ? ? ? ? ? ? 662 99.500  ? ? ? ? 0.126 ? ? ? ? ? ? ? ? 7.700 ? 3.623 ? ? 0.135 0.049 ? 4  1 0.995 ? ? 
2.730 2.900 ? ? ? ? ? ? 673 99.900  ? ? ? ? 0.111 ? ? ? ? ? ? ? ? 7.700 ? 3.716 ? ? 0.119 0.042 ? 5  1 0.997 ? ? 
2.900 3.120 ? ? ? ? ? ? 666 99.900  ? ? ? ? 0.094 ? ? ? ? ? ? ? ? 7.700 ? 3.900 ? ? 0.100 0.035 ? 6  1 0.998 ? ? 
3.120 3.440 ? ? ? ? ? ? 692 99.600  ? ? ? ? 0.074 ? ? ? ? ? ? ? ? 7.400 ? 4.186 ? ? 0.079 0.029 ? 7  1 0.997 ? ? 
3.440 3.930 ? ? ? ? ? ? 681 99.900  ? ? ? ? 0.063 ? ? ? ? ? ? ? ? 7.200 ? 4.447 ? ? 0.068 0.025 ? 8  1 0.998 ? ? 
3.930 4.950 ? ? ? ? ? ? 701 99.700  ? ? ? ? 0.056 ? ? ? ? ? ? ? ? 6.800 ? 4.438 ? ? 0.061 0.023 ? 9  1 0.998 ? ? 
4.950 10    ? ? ? ? ? ? 708 92.400  ? ? ? ? 0.054 ? ? ? ? ? ? ? ? 6.100 ? 4.548 ? ? 0.058 0.022 ? 10 1 0.998 ? ? 
# 
_refine.aniso_B[1][1]                            ? 
_refine.aniso_B[1][2]                            ? 
_refine.aniso_B[1][3]                            ? 
_refine.aniso_B[2][2]                            ? 
_refine.aniso_B[2][3]                            ? 
_refine.aniso_B[3][3]                            ? 
_refine.B_iso_max                                70.240 
_refine.B_iso_mean                               27.4444 
_refine.B_iso_min                                9.360 
_refine.correlation_coeff_Fo_to_Fc               ? 
_refine.correlation_coeff_Fo_to_Fc_free          ? 
_refine.details                                  ? 
_refine.diff_density_max                         ? 
_refine.diff_density_max_esd                     ? 
_refine.diff_density_min                         ? 
_refine.diff_density_min_esd                     ? 
_refine.diff_density_rms                         ? 
_refine.diff_density_rms_esd                     ? 
_refine.entry_id                                 6LVU 
_refine.pdbx_refine_id                           'X-RAY DIFFRACTION' 
_refine.ls_abs_structure_details                 ? 
_refine.ls_abs_structure_Flack                   ? 
_refine.ls_abs_structure_Flack_esd               ? 
_refine.ls_abs_structure_Rogers                  ? 
_refine.ls_abs_structure_Rogers_esd              ? 
_refine.ls_d_res_high                            2.2940 
_refine.ls_d_res_low                             28.3670 
_refine.ls_extinction_coef                       ? 
_refine.ls_extinction_coef_esd                   ? 
_refine.ls_extinction_expression                 ? 
_refine.ls_extinction_method                     ? 
_refine.ls_goodness_of_fit_all                   ? 
_refine.ls_goodness_of_fit_all_esd               ? 
_refine.ls_goodness_of_fit_obs                   ? 
_refine.ls_goodness_of_fit_obs_esd               ? 
_refine.ls_hydrogen_treatment                    ? 
_refine.ls_matrix_type                           ? 
_refine.ls_number_constraints                    ? 
_refine.ls_number_parameters                     ? 
_refine.ls_number_reflns_all                     ? 
_refine.ls_number_reflns_obs                     6697 
_refine.ls_number_reflns_R_free                  671 
_refine.ls_number_reflns_R_work                  ? 
_refine.ls_number_restraints                     ? 
_refine.ls_percent_reflns_obs                    98.1800 
_refine.ls_percent_reflns_R_free                 10.0200 
_refine.ls_R_factor_all                          ? 
_refine.ls_R_factor_obs                          0.2280 
_refine.ls_R_factor_R_free                       0.2841 
_refine.ls_R_factor_R_free_error                 ? 
_refine.ls_R_factor_R_free_error_details         ? 
_refine.ls_R_factor_R_work                       0.2217 
_refine.ls_R_Fsqd_factor_obs                     ? 
_refine.ls_R_I_factor_obs                        ? 
_refine.ls_redundancy_reflns_all                 ? 
_refine.ls_redundancy_reflns_obs                 ? 
_refine.ls_restrained_S_all                      ? 
_refine.ls_restrained_S_obs                      ? 
_refine.ls_shift_over_esd_max                    ? 
_refine.ls_shift_over_esd_mean                   ? 
_refine.ls_structure_factor_coef                 ? 
_refine.ls_weighting_details                     ? 
_refine.ls_weighting_scheme                      ? 
_refine.ls_wR_factor_all                         ? 
_refine.ls_wR_factor_obs                         ? 
_refine.ls_wR_factor_R_free                      ? 
_refine.ls_wR_factor_R_work                      ? 
_refine.occupancy_max                            ? 
_refine.occupancy_min                            ? 
_refine.solvent_model_details                    ? 
_refine.solvent_model_param_bsol                 ? 
_refine.solvent_model_param_ksol                 ? 
_refine.pdbx_R_complete                          ? 
_refine.ls_R_factor_gt                           ? 
_refine.ls_goodness_of_fit_gt                    ? 
_refine.ls_goodness_of_fit_ref                   ? 
_refine.ls_shift_over_su_max                     ? 
_refine.ls_shift_over_su_max_lt                  ? 
_refine.ls_shift_over_su_mean                    ? 
_refine.ls_shift_over_su_mean_lt                 ? 
_refine.pdbx_ls_sigma_I                          ? 
_refine.pdbx_ls_sigma_F                          1.340 
_refine.pdbx_ls_sigma_Fsqd                       ? 
_refine.pdbx_data_cutoff_high_absF               ? 
_refine.pdbx_data_cutoff_high_rms_absF           ? 
_refine.pdbx_data_cutoff_low_absF                ? 
_refine.pdbx_isotropic_thermal_model             ? 
_refine.pdbx_ls_cross_valid_method               THROUGHOUT 
_refine.pdbx_method_to_determine_struct          'MOLECULAR REPLACEMENT' 
_refine.pdbx_starting_model                      2EHS 
_refine.pdbx_stereochemistry_target_values       ? 
_refine.pdbx_R_Free_selection_details            ? 
_refine.pdbx_stereochem_target_val_spec_case     ? 
_refine.pdbx_overall_ESU_R                       ? 
_refine.pdbx_overall_ESU_R_Free                  ? 
_refine.pdbx_solvent_vdw_probe_radii             1.1100 
_refine.pdbx_solvent_ion_probe_radii             ? 
_refine.pdbx_solvent_shrinkage_radii             0.9000 
_refine.pdbx_real_space_R                        ? 
_refine.pdbx_density_correlation                 ? 
_refine.pdbx_pd_number_of_powder_patterns        ? 
_refine.pdbx_pd_number_of_points                 ? 
_refine.pdbx_pd_meas_number_of_points            ? 
_refine.pdbx_pd_proc_ls_prof_R_factor            ? 
_refine.pdbx_pd_proc_ls_prof_wR_factor           ? 
_refine.pdbx_pd_Marquardt_correlation_coeff      ? 
_refine.pdbx_pd_Fsqrd_R_factor                   ? 
_refine.pdbx_pd_ls_matrix_band_width             ? 
_refine.pdbx_overall_phase_error                 33.5500 
_refine.pdbx_overall_SU_R_free_Cruickshank_DPI   ? 
_refine.pdbx_overall_SU_R_free_Blow_DPI          ? 
_refine.pdbx_overall_SU_R_Blow_DPI               ? 
_refine.pdbx_TLS_residual_ADP_flag               ? 
_refine.pdbx_diffrn_id                           1 
_refine.overall_SU_B                             ? 
_refine.overall_SU_ML                            0.2100 
_refine.overall_SU_R_Cruickshank_DPI             ? 
_refine.overall_SU_R_free                        ? 
_refine.overall_FOM_free_R_set                   ? 
_refine.overall_FOM_work_R_set                   ? 
_refine.pdbx_average_fsc_overall                 ? 
_refine.pdbx_average_fsc_work                    ? 
_refine.pdbx_average_fsc_free                    ? 
# 
_refine_hist.pdbx_refine_id                   'X-RAY DIFFRACTION' 
_refine_hist.cycle_id                         final 
_refine_hist.details                          ? 
_refine_hist.d_res_high                       2.2940 
_refine_hist.d_res_low                        28.3670 
_refine_hist.number_atoms_solvent             17 
_refine_hist.number_atoms_total               1236 
_refine_hist.number_reflns_all                ? 
_refine_hist.number_reflns_obs                ? 
_refine_hist.number_reflns_R_free             ? 
_refine_hist.number_reflns_R_work             ? 
_refine_hist.R_factor_all                     ? 
_refine_hist.R_factor_obs                     ? 
_refine_hist.R_factor_R_free                  ? 
_refine_hist.R_factor_R_work                  ? 
_refine_hist.pdbx_number_residues_total       156 
_refine_hist.pdbx_B_iso_mean_ligand           40.01 
_refine_hist.pdbx_B_iso_mean_solvent          27.95 
_refine_hist.pdbx_number_atoms_protein        1210 
_refine_hist.pdbx_number_atoms_nucleic_acid   0 
_refine_hist.pdbx_number_atoms_ligand         9 
_refine_hist.pdbx_number_atoms_lipid          ? 
_refine_hist.pdbx_number_atoms_carb           ? 
_refine_hist.pdbx_pseudo_atom_details         ? 
# 
loop_
_refine_ls_restr.pdbx_refine_id 
_refine_ls_restr.criterion 
_refine_ls_restr.dev_ideal 
_refine_ls_restr.dev_ideal_target 
_refine_ls_restr.number 
_refine_ls_restr.rejects 
_refine_ls_restr.type 
_refine_ls_restr.weight 
_refine_ls_restr.pdbx_restraint_function 
'X-RAY DIFFRACTION' ? 0.008 ? 1216 ? f_bond_d           ? ? 
'X-RAY DIFFRACTION' ? 1.086 ? 1632 ? f_angle_d          ? ? 
'X-RAY DIFFRACTION' ? 0.054 ? 200  ? f_chiral_restr     ? ? 
'X-RAY DIFFRACTION' ? 0.005 ? 208  ? f_plane_restr      ? ? 
'X-RAY DIFFRACTION' ? 4.329 ? 758  ? f_dihedral_angle_d ? ? 
# 
loop_
_refine_ls_restr_ncs.pdbx_refine_id 
_refine_ls_restr_ncs.dom_id 
_refine_ls_restr_ncs.ncs_model_details 
_refine_ls_restr_ncs.rms_dev_B_iso 
_refine_ls_restr_ncs.rms_dev_position 
_refine_ls_restr_ncs.weight_B_iso 
_refine_ls_restr_ncs.weight_position 
_refine_ls_restr_ncs.pdbx_ordinal 
_refine_ls_restr_ncs.pdbx_type 
_refine_ls_restr_ncs.pdbx_asym_id 
_refine_ls_restr_ncs.pdbx_auth_asym_id 
_refine_ls_restr_ncs.pdbx_number 
_refine_ls_restr_ncs.pdbx_rms 
_refine_ls_restr_ncs.pdbx_weight 
_refine_ls_restr_ncs.pdbx_ens_id 
'X-RAY DIFFRACTION' 1 ? ? ? ? ? 1 TORSIONAL ? A 738 9.023 ? 1 
'X-RAY DIFFRACTION' 2 ? ? ? ? ? 2 TORSIONAL ? B 738 9.023 ? 1 
# 
loop_
_refine_ls_shell.pdbx_refine_id 
_refine_ls_shell.d_res_high 
_refine_ls_shell.d_res_low 
_refine_ls_shell.number_reflns_all 
_refine_ls_shell.number_reflns_obs 
_refine_ls_shell.number_reflns_R_free 
_refine_ls_shell.number_reflns_R_work 
_refine_ls_shell.percent_reflns_obs 
_refine_ls_shell.percent_reflns_R_free 
_refine_ls_shell.R_factor_all 
_refine_ls_shell.R_factor_obs 
_refine_ls_shell.R_factor_R_free 
_refine_ls_shell.R_factor_R_free_error 
_refine_ls_shell.R_factor_R_work 
_refine_ls_shell.redundancy_reflns_all 
_refine_ls_shell.redundancy_reflns_obs 
_refine_ls_shell.wR_factor_all 
_refine_ls_shell.wR_factor_obs 
_refine_ls_shell.wR_factor_R_free 
_refine_ls_shell.wR_factor_R_work 
_refine_ls_shell.pdbx_R_complete 
_refine_ls_shell.pdbx_total_number_of_bins_used 
_refine_ls_shell.pdbx_phase_error 
_refine_ls_shell.pdbx_fsc_work 
_refine_ls_shell.pdbx_fsc_free 
'X-RAY DIFFRACTION' 2.2944 2.4714 . . 128 1154 97.0000 . . . 0.2762 0.0000 0.2104 . . . . . . . . . . . 
'X-RAY DIFFRACTION' 2.4714 2.7199 . . 132 1186 99.0000 . . . 0.2543 0.0000 0.2144 . . . . . . . . . . . 
'X-RAY DIFFRACTION' 2.7199 3.1131 . . 134 1198 99.0000 . . . 0.3461 0.0000 0.2378 . . . . . . . . . . . 
'X-RAY DIFFRACTION' 3.1131 3.9205 . . 139 1235 99.0000 . . . 0.2828 0.0000 0.2123 . . . . . . . . . . . 
'X-RAY DIFFRACTION' 3.9205 10     . . 138 1253 96.0000 . . . 0.2709 0.0000 0.2286 . . . . . . . . . . . 
# 
loop_
_struct_ncs_dom.pdbx_ens_id 
_struct_ncs_dom.id 
_struct_ncs_dom.details 
1 1 'chain A' 
1 2 'chain B' 
# 
loop_
_struct_ncs_dom_lim.pdbx_ens_id 
_struct_ncs_dom_lim.dom_id 
_struct_ncs_dom_lim.pdbx_component_id 
_struct_ncs_dom_lim.beg_label_asym_id 
_struct_ncs_dom_lim.beg_label_comp_id 
_struct_ncs_dom_lim.beg_label_seq_id 
_struct_ncs_dom_lim.beg_label_alt_id 
_struct_ncs_dom_lim.end_label_asym_id 
_struct_ncs_dom_lim.end_label_comp_id 
_struct_ncs_dom_lim.end_label_seq_id 
_struct_ncs_dom_lim.end_label_alt_id 
_struct_ncs_dom_lim.beg_auth_asym_id 
_struct_ncs_dom_lim.beg_auth_comp_id 
_struct_ncs_dom_lim.beg_auth_seq_id 
_struct_ncs_dom_lim.end_auth_asym_id 
_struct_ncs_dom_lim.end_auth_comp_id 
_struct_ncs_dom_lim.end_auth_seq_id 
_struct_ncs_dom_lim.pdbx_refine_code 
_struct_ncs_dom_lim.selection_details 
1 1 1 A SER 3 . A LEU 80 . A SER 3 A LEU 80 ? 'chain A' 
1 2 1 B SER 3 . B LEU 80 . B SER 3 B LEU 80 ? 'chain B' 
# 
_struct_ncs_ens.id        1 
_struct_ncs_ens.details   ? 
# 
_struct.entry_id                     6LVU 
_struct.title                        'Crystal structure of apo acyl carrier protein from Thermotoga maritima' 
_struct.pdbx_model_details           ? 
_struct.pdbx_formula_weight          ? 
_struct.pdbx_formula_weight_method   ? 
_struct.pdbx_model_type_details      ? 
_struct.pdbx_CASP_flag               N 
# 
_struct_keywords.entry_id        6LVU 
_struct_keywords.text            'acyl carrier protein, BIOSYNTHETIC PROTEIN' 
_struct_keywords.pdbx_keywords   'BIOSYNTHETIC PROTEIN' 
# 
loop_
_struct_asym.id 
_struct_asym.pdbx_blank_PDB_chainid_flag 
_struct_asym.pdbx_modified 
_struct_asym.entity_id 
_struct_asym.details 
A N N 1 ? 
B N N 1 ? 
C N N 2 ? 
D N N 2 ? 
E N N 2 ? 
F N N 2 ? 
G N N 2 ? 
H N N 2 ? 
I N N 2 ? 
J N N 2 ? 
K N N 2 ? 
L N N 3 ? 
M N N 3 ? 
# 
loop_
_struct_conf.conf_type_id 
_struct_conf.id 
_struct_conf.pdbx_PDB_helix_id 
_struct_conf.beg_label_comp_id 
_struct_conf.beg_label_asym_id 
_struct_conf.beg_label_seq_id 
_struct_conf.pdbx_beg_PDB_ins_code 
_struct_conf.end_label_comp_id 
_struct_conf.end_label_asym_id 
_struct_conf.end_label_seq_id 
_struct_conf.pdbx_end_PDB_ins_code 
_struct_conf.beg_auth_comp_id 
_struct_conf.beg_auth_asym_id 
_struct_conf.beg_auth_seq_id 
_struct_conf.end_auth_comp_id 
_struct_conf.end_auth_asym_id 
_struct_conf.end_auth_seq_id 
_struct_conf.pdbx_PDB_helix_class 
_struct_conf.details 
_struct_conf.pdbx_PDB_helix_length 
HELX_P HELX_P1  AA1 SER A 3  ? GLY A 20 ? SER A 3  GLY A 20 1 ? 18 
HELX_P HELX_P2  AA2 ASP A 22 ? VAL A 26 ? ASP A 22 VAL A 26 5 ? 5  
HELX_P HELX_P3  AA3 LEU A 41 ? GLY A 55 ? LEU A 41 GLY A 55 1 ? 15 
HELX_P HELX_P4  AA4 ASP A 60 ? GLU A 64 ? ASP A 60 GLU A 64 5 ? 5  
HELX_P HELX_P5  AA5 THR A 68 ? LEU A 80 ? THR A 68 LEU A 80 1 ? 13 
HELX_P HELX_P6  AA6 ARG B 4  ? GLY B 20 ? ARG B 4  GLY B 20 1 ? 17 
HELX_P HELX_P7  AA7 ASP B 22 ? VAL B 26 ? ASP B 22 VAL B 26 5 ? 5  
HELX_P HELX_P8  AA8 LEU B 41 ? GLY B 55 ? LEU B 41 GLY B 55 1 ? 15 
HELX_P HELX_P9  AA9 ASP B 60 ? GLU B 64 ? ASP B 60 GLU B 64 5 ? 5  
HELX_P HELX_P10 AB1 THR B 68 ? LEU B 80 ? THR B 68 LEU B 80 1 ? 13 
# 
_struct_conf_type.id          HELX_P 
_struct_conf_type.criteria    ? 
_struct_conf_type.reference   ? 
# 
loop_
_struct_conn.id 
_struct_conn.conn_type_id 
_struct_conn.pdbx_leaving_atom_flag 
_struct_conn.pdbx_PDB_id 
_struct_conn.ptnr1_label_asym_id 
_struct_conn.ptnr1_label_comp_id 
_struct_conn.ptnr1_label_seq_id 
_struct_conn.ptnr1_label_atom_id 
_struct_conn.pdbx_ptnr1_label_alt_id 
_struct_conn.pdbx_ptnr1_PDB_ins_code 
_struct_conn.pdbx_ptnr1_standard_comp_id 
_struct_conn.ptnr1_symmetry 
_struct_conn.ptnr2_label_asym_id 
_struct_conn.ptnr2_label_comp_id 
_struct_conn.ptnr2_label_seq_id 
_struct_conn.ptnr2_label_atom_id 
_struct_conn.pdbx_ptnr2_label_alt_id 
_struct_conn.pdbx_ptnr2_PDB_ins_code 
_struct_conn.ptnr1_auth_asym_id 
_struct_conn.ptnr1_auth_comp_id 
_struct_conn.ptnr1_auth_seq_id 
_struct_conn.ptnr2_auth_asym_id 
_struct_conn.ptnr2_auth_comp_id 
_struct_conn.ptnr2_auth_seq_id 
_struct_conn.ptnr2_symmetry 
_struct_conn.pdbx_ptnr3_label_atom_id 
_struct_conn.pdbx_ptnr3_label_seq_id 
_struct_conn.pdbx_ptnr3_label_comp_id 
_struct_conn.pdbx_ptnr3_label_asym_id 
_struct_conn.pdbx_ptnr3_label_alt_id 
_struct_conn.pdbx_ptnr3_PDB_ins_code 
_struct_conn.details 
_struct_conn.pdbx_dist_value 
_struct_conn.pdbx_value_order 
_struct_conn.pdbx_role 
metalc1  metalc ? ? A SER 3  OG  ? ? ? 1_555 K ZN  . ZN  ? ? A SER 3   B ZN  105 1_655 ? ? ? ? ? ? ? 2.523 ? ? 
metalc2  metalc ? ? A GLU 5  OE2 ? ? ? 1_555 G ZN  . ZN  ? ? A GLU 5   B ZN  101 1_655 ? ? ? ? ? ? ? 2.187 ? ? 
metalc3  metalc ? ? A GLU 17 OE1 ? ? ? 1_555 D ZN  . ZN  ? ? A GLU 17  A ZN  102 1_555 ? ? ? ? ? ? ? 2.432 ? ? 
metalc4  metalc ? ? A GLU 17 OE2 ? ? ? 1_555 D ZN  . ZN  ? ? A GLU 17  A ZN  102 1_555 ? ? ? ? ? ? ? 2.007 ? ? 
metalc5  metalc ? ? A GLU 23 OE1 ? ? ? 1_555 F ZN  . ZN  ? ? A GLU 23  A ZN  104 1_555 ? ? ? ? ? ? ? 2.533 ? ? 
metalc6  metalc ? ? A ASP 39 OD2 ? ? ? 1_555 J ZN  . ZN  ? ? A ASP 39  B ZN  104 2_454 ? ? ? ? ? ? ? 2.037 ? ? 
metalc7  metalc ? ? A ASP 42 OD1 ? ? ? 1_555 J ZN  . ZN  ? ? A ASP 42  B ZN  104 2_454 ? ? ? ? ? ? ? 1.980 ? ? 
metalc8  metalc ? ? A ASP 45 OD2 ? ? ? 1_555 E ZN  . ZN  ? ? A ASP 45  A ZN  103 1_555 ? ? ? ? ? ? ? 2.489 ? ? 
metalc9  metalc ? ? A ASP 49 OD1 ? ? ? 1_555 E ZN  . ZN  ? ? A ASP 49  A ZN  103 1_555 ? ? ? ? ? ? ? 2.114 ? ? 
metalc10 metalc ? ? A GLU 53 OE1 ? ? ? 1_555 C ZN  . ZN  ? ? A GLU 53  A ZN  101 1_555 ? ? ? ? ? ? ? 2.093 ? ? 
metalc11 metalc ? ? A ASP 71 OD1 ? ? ? 1_555 D ZN  . ZN  ? ? A ASP 71  A ZN  102 1_655 ? ? ? ? ? ? ? 2.192 ? ? 
metalc12 metalc ? ? C ZN  .  ZN  ? ? ? 1_555 L HOH . O   ? ? A ZN  101 A HOH 208 1_555 ? ? ? ? ? ? ? 2.240 ? ? 
metalc13 metalc ? ? C ZN  .  ZN  ? ? ? 1_555 B GLU 5 OE1 ? ? A ZN  101 B GLU 5   1_555 ? ? ? ? ? ? ? 2.162 ? ? 
metalc14 metalc ? ? D ZN  .  ZN  ? ? ? 1_555 L HOH . O   ? ? A ZN  102 A HOH 209 1_455 ? ? ? ? ? ? ? 2.643 ? ? 
metalc15 metalc ? ? E ZN  .  ZN  ? ? ? 1_555 L HOH . O   ? ? A ZN  103 A HOH 202 1_555 ? ? ? ? ? ? ? 2.301 ? ? 
metalc16 metalc ? ? F ZN  .  ZN  ? ? ? 1_555 L HOH . O   ? ? A ZN  104 A HOH 204 1_555 ? ? ? ? ? ? ? 2.504 ? ? 
metalc17 metalc ? ? F ZN  .  ZN  ? ? ? 1_555 L HOH . O   ? ? A ZN  104 A HOH 207 1_555 ? ? ? ? ? ? ? 2.285 ? ? 
metalc18 metalc ? ? F ZN  .  ZN  ? ? ? 1_555 M HOH . O   ? ? A ZN  104 B HOH 203 1_555 ? ? ? ? ? ? ? 2.118 ? ? 
metalc19 metalc ? ? L HOH .  O   ? ? ? 2_455 J ZN  . ZN  ? ? A HOH 201 B ZN  104 1_555 ? ? ? ? ? ? ? 2.414 ? ? 
metalc20 metalc ? ? L HOH .  O   ? ? ? 1_455 K ZN  . ZN  ? ? A HOH 203 B ZN  105 1_555 ? ? ? ? ? ? ? 2.155 ? ? 
metalc21 metalc ? ? L HOH .  O   ? ? ? 1_455 K ZN  . ZN  ? ? A HOH 206 B ZN  105 1_555 ? ? ? ? ? ? ? 2.259 ? ? 
metalc22 metalc ? ? B GLU 17 OE1 ? ? ? 1_555 H ZN  . ZN  ? ? B GLU 17  B ZN  102 1_555 ? ? ? ? ? ? ? 2.477 ? ? 
metalc23 metalc ? ? B GLU 17 OE2 ? ? ? 1_555 H ZN  . ZN  ? ? B GLU 17  B ZN  102 1_555 ? ? ? ? ? ? ? 2.067 ? ? 
metalc24 metalc ? ? B GLU 23 OE1 ? ? ? 1_555 K ZN  . ZN  ? ? B GLU 23  B ZN  105 1_555 ? ? ? ? ? ? ? 2.485 ? ? 
metalc25 metalc ? ? B ASP 39 OD2 ? ? ? 1_555 J ZN  . ZN  ? ? B ASP 39  B ZN  104 1_555 ? ? ? ? ? ? ? 2.174 ? ? 
metalc26 metalc ? ? B ASP 42 OD1 ? ? ? 1_555 J ZN  . ZN  ? ? B ASP 42  B ZN  104 1_555 ? ? ? ? ? ? ? 2.015 ? ? 
metalc27 metalc ? ? B ASP 45 OD1 ? ? ? 1_555 I ZN  . ZN  ? ? B ASP 45  B ZN  103 1_555 ? ? ? ? ? ? ? 2.536 ? ? 
metalc28 metalc ? ? B ASP 49 OD1 ? ? ? 1_555 I ZN  . ZN  ? ? B ASP 49  B ZN  103 1_555 ? ? ? ? ? ? ? 2.257 ? ? 
metalc29 metalc ? ? B GLU 53 OE1 ? ? ? 1_555 G ZN  . ZN  ? ? B GLU 53  B ZN  101 1_555 ? ? ? ? ? ? ? 2.170 ? ? 
metalc30 metalc ? ? B ASP 71 OD2 ? ? ? 1_555 H ZN  . ZN  ? ? B ASP 71  B ZN  102 1_655 ? ? ? ? ? ? ? 2.131 ? ? 
metalc31 metalc ? ? H ZN  .  ZN  ? ? ? 1_555 M HOH . O   ? ? B ZN  102 B HOH 204 1_455 ? ? ? ? ? ? ? 1.897 ? ? 
metalc32 metalc ? ? I ZN  .  ZN  ? ? ? 1_555 M HOH . O   ? ? B ZN  103 B HOH 202 1_555 ? ? ? ? ? ? ? 2.352 ? ? 
metalc33 metalc ? ? K ZN  .  ZN  ? ? ? 1_555 M HOH . O   ? ? B ZN  105 B HOH 201 1_555 ? ? ? ? ? ? ? 2.536 ? ? 
# 
_struct_conn_type.id          metalc 
_struct_conn_type.criteria    ? 
_struct_conn_type.reference   ? 
# 
loop_
_struct_site.id 
_struct_site.pdbx_evidence_code 
_struct_site.pdbx_auth_asym_id 
_struct_site.pdbx_auth_comp_id 
_struct_site.pdbx_auth_seq_id 
_struct_site.pdbx_auth_ins_code 
_struct_site.pdbx_num_residues 
_struct_site.details 
AC1 Software A ZN 101 ? 4 'binding site for residue ZN A 101' 
AC2 Software A ZN 102 ? 3 'binding site for residue ZN A 102' 
AC3 Software A ZN 103 ? 3 'binding site for residue ZN A 103' 
AC4 Software A ZN 104 ? 4 'binding site for residue ZN A 104' 
AC5 Software B ZN 101 ? 3 'binding site for residue ZN B 101' 
AC6 Software B ZN 102 ? 4 'binding site for residue ZN B 102' 
AC7 Software B ZN 103 ? 3 'binding site for residue ZN B 103' 
AC8 Software B ZN 104 ? 5 'binding site for residue ZN B 104' 
AC9 Software B ZN 105 ? 6 'binding site for residue ZN B 105' 
# 
loop_
_struct_site_gen.id 
_struct_site_gen.site_id 
_struct_site_gen.pdbx_num_res 
_struct_site_gen.label_comp_id 
_struct_site_gen.label_asym_id 
_struct_site_gen.label_seq_id 
_struct_site_gen.pdbx_auth_ins_code 
_struct_site_gen.auth_comp_id 
_struct_site_gen.auth_asym_id 
_struct_site_gen.auth_seq_id 
_struct_site_gen.label_atom_id 
_struct_site_gen.label_alt_id 
_struct_site_gen.symmetry 
_struct_site_gen.details 
1  AC1 4 GLU A 53 ? GLU A 53  . ? 1_555 ? 
2  AC1 4 HOH L .  ? HOH A 208 . ? 1_555 ? 
3  AC1 4 HOH L .  ? HOH A 209 . ? 1_455 ? 
4  AC1 4 GLU B 5  ? GLU B 5   . ? 1_555 ? 
5  AC2 3 GLU A 17 ? GLU A 17  . ? 1_555 ? 
6  AC2 3 ASP A 71 ? ASP A 71  . ? 1_455 ? 
7  AC2 3 HOH L .  ? HOH A 209 . ? 1_455 ? 
8  AC3 3 ASP A 45 ? ASP A 45  . ? 1_555 ? 
9  AC3 3 ASP A 49 ? ASP A 49  . ? 1_555 ? 
10 AC3 3 HOH L .  ? HOH A 202 . ? 1_555 ? 
11 AC4 4 GLU A 23 ? GLU A 23  . ? 1_555 ? 
12 AC4 4 HOH L .  ? HOH A 204 . ? 1_555 ? 
13 AC4 4 HOH L .  ? HOH A 207 . ? 1_555 ? 
14 AC4 4 HOH M .  ? HOH B 203 . ? 1_555 ? 
15 AC5 3 GLU A 5  ? GLU A 5   . ? 1_455 ? 
16 AC5 3 GLU B 53 ? GLU B 53  . ? 1_555 ? 
17 AC5 3 HOH M .  ? HOH B 208 . ? 1_455 ? 
18 AC6 4 GLU B 17 ? GLU B 17  . ? 1_555 ? 
19 AC6 4 ASP B 71 ? ASP B 71  . ? 1_455 ? 
20 AC6 4 HOH M .  ? HOH B 204 . ? 1_455 ? 
21 AC6 4 HOH M .  ? HOH B 208 . ? 1_455 ? 
22 AC7 3 ASP B 45 ? ASP B 45  . ? 1_555 ? 
23 AC7 3 ASP B 49 ? ASP B 49  . ? 1_555 ? 
24 AC7 3 HOH M .  ? HOH B 202 . ? 1_555 ? 
25 AC8 5 ASP A 39 ? ASP A 39  . ? 2_455 ? 
26 AC8 5 ASP A 42 ? ASP A 42  . ? 2_455 ? 
27 AC8 5 HOH L .  ? HOH A 201 . ? 2_455 ? 
28 AC8 5 ASP B 39 ? ASP B 39  . ? 1_555 ? 
29 AC8 5 ASP B 42 ? ASP B 42  . ? 1_555 ? 
30 AC9 6 SER A 3  ? SER A 3   . ? 1_455 ? 
31 AC9 6 HOH L .  ? HOH A 203 . ? 1_455 ? 
32 AC9 6 HOH L .  ? HOH A 206 . ? 1_455 ? 
33 AC9 6 LYS B 12 ? LYS B 12  . ? 1_555 ? 
34 AC9 6 GLU B 23 ? GLU B 23  . ? 1_555 ? 
35 AC9 6 HOH M .  ? HOH B 201 . ? 1_555 ? 
# 
_atom_sites.entry_id                    6LVU 
_atom_sites.Cartn_transf_matrix[1][1]   ? 
_atom_sites.Cartn_transf_matrix[1][2]   ? 
_atom_sites.Cartn_transf_matrix[1][3]   ? 
_atom_sites.Cartn_transf_matrix[2][1]   ? 
_atom_sites.Cartn_transf_matrix[2][2]   ? 
_atom_sites.Cartn_transf_matrix[2][3]   ? 
_atom_sites.Cartn_transf_matrix[3][1]   ? 
_atom_sites.Cartn_transf_matrix[3][2]   ? 
_atom_sites.Cartn_transf_matrix[3][3]   ? 
_atom_sites.Cartn_transf_vector[1]      ? 
_atom_sites.Cartn_transf_vector[2]      ? 
_atom_sites.Cartn_transf_vector[3]      ? 
_atom_sites.fract_transf_matrix[1][1]   0.00454430 
_atom_sites.fract_transf_matrix[1][2]   -0.03415617 
_atom_sites.fract_transf_matrix[1][3]   -0.02393940 
_atom_sites.fract_transf_matrix[2][1]   -0.00951508 
_atom_sites.fract_transf_matrix[2][2]   -0.00830846 
_atom_sites.fract_transf_matrix[2][3]   0.01004811 
_atom_sites.fract_transf_matrix[3][1]   -0.00836257 
_atom_sites.fract_transf_matrix[3][2]   0.00280946 
_atom_sites.fract_transf_matrix[3][3]   -0.00559590 
_atom_sites.fract_transf_vector[1]      -0.104261 
_atom_sites.fract_transf_vector[2]      -0.000253 
_atom_sites.fract_transf_vector[3]      0.512445 
_atom_sites.solution_primary            ? 
_atom_sites.solution_secondary          ? 
_atom_sites.solution_hydrogens          ? 
_atom_sites.special_details             ? 
# 
loop_
_atom_type.symbol 
C  
N  
O  
S  
ZN 
# 
loop_
_atom_site.group_PDB 
_atom_site.id 
_atom_site.type_symbol 
_atom_site.label_atom_id 
_atom_site.label_alt_id 
_atom_site.label_comp_id 
_atom_site.label_asym_id 
_atom_site.label_entity_id 
_atom_site.label_seq_id 
_atom_site.pdbx_PDB_ins_code 
_atom_site.Cartn_x 
_atom_site.Cartn_y 
_atom_site.Cartn_z 
_atom_site.occupancy 
_atom_site.B_iso_or_equiv 
_atom_site.pdbx_formal_charge 
_atom_site.auth_seq_id 
_atom_site.auth_comp_id 
_atom_site.auth_asym_id 
_atom_site.auth_atom_id 
_atom_site.pdbx_PDB_model_num 
ATOM   1    N  N   . SER A 1 3  ? -4.270  -5.546  -1.727  1.00 26.61 ? 3   SER A N   1 
ATOM   2    C  CA  . SER A 1 3  ? -3.505  -6.130  -0.649  1.00 17.70 ? 3   SER A CA  1 
ATOM   3    C  C   . SER A 1 3  ? -2.043  -6.251  -1.080  1.00 20.13 ? 3   SER A C   1 
ATOM   4    O  O   . SER A 1 3  ? -1.147  -5.840  -0.328  1.00 19.28 ? 3   SER A O   1 
ATOM   5    C  CB  . SER A 1 3  ? -4.092  -7.482  -0.231  1.00 17.43 ? 3   SER A CB  1 
ATOM   6    O  OG  . SER A 1 3  ? -4.165  -8.373  -1.329  1.00 29.46 ? 3   SER A OG  1 
ATOM   7    N  N   . ARG A 1 4  ? -1.779  -6.815  -2.264  1.00 13.84 ? 4   ARG A N   1 
ATOM   8    C  CA  . ARG A 1 4  ? -0.401  -6.814  -2.752  1.00 18.89 ? 4   ARG A CA  1 
ATOM   9    C  C   . ARG A 1 4  ? 0.113   -5.396  -2.925  1.00 17.17 ? 4   ARG A C   1 
ATOM   10   O  O   . ARG A 1 4  ? 1.249   -5.083  -2.544  1.00 16.00 ? 4   ARG A O   1 
ATOM   11   C  CB  . ARG A 1 4  ? -0.261  -7.550  -4.082  1.00 15.51 ? 4   ARG A CB  1 
ATOM   12   C  CG  . ARG A 1 4  ? 1.238   -7.673  -4.514  1.00 19.79 ? 4   ARG A CG  1 
ATOM   13   C  CD  . ARG A 1 4  ? 1.519   -8.919  -5.310  1.00 20.57 ? 4   ARG A CD  1 
ATOM   14   N  NE  . ARG A 1 4  ? 2.945   -9.196  -5.492  1.00 24.00 ? 4   ARG A NE  1 
ATOM   15   C  CZ  . ARG A 1 4  ? 3.533   -10.322 -5.093  1.00 17.14 ? 4   ARG A CZ  1 
ATOM   16   N  NH1 . ARG A 1 4  ? 2.827   -11.257 -4.473  1.00 12.06 ? 4   ARG A NH1 1 
ATOM   17   N  NH2 . ARG A 1 4  ? 4.829   -10.514 -5.307  1.00 23.63 ? 4   ARG A NH2 1 
ATOM   18   N  N   . GLU A 1 5  ? -0.718  -4.526  -3.509  1.00 15.13 ? 5   GLU A N   1 
ATOM   19   C  CA  . GLU A 1 5  ? -0.315  -3.146  -3.731  1.00 14.36 ? 5   GLU A CA  1 
ATOM   20   C  C   . GLU A 1 5  ? -0.044  -2.452  -2.401  1.00 15.58 ? 5   GLU A C   1 
ATOM   21   O  O   . GLU A 1 5  ? 0.890   -1.647  -2.296  1.00 15.18 ? 5   GLU A O   1 
ATOM   22   C  CB  . GLU A 1 5  ? -1.382  -2.418  -4.549  1.00 17.07 ? 5   GLU A CB  1 
ATOM   23   C  CG  . GLU A 1 5  ? -1.296  -2.700  -6.066  1.00 12.00 ? 5   GLU A CG  1 
ATOM   24   C  CD  . GLU A 1 5  ? -2.619  -2.355  -6.802  1.00 23.12 ? 5   GLU A CD  1 
ATOM   25   O  OE1 . GLU A 1 5  ? -3.486  -1.645  -6.231  1.00 15.11 ? 5   GLU A OE1 1 
ATOM   26   O  OE2 . GLU A 1 5  ? -2.783  -2.781  -7.962  1.00 23.34 ? 5   GLU A OE2 1 
ATOM   27   N  N   . GLU A 1 6  ? -0.830  -2.779  -1.364  1.00 15.94 ? 6   GLU A N   1 
ATOM   28   C  CA  . GLU A 1 6  ? -0.591  -2.230  -0.031  1.00 18.64 ? 6   GLU A CA  1 
ATOM   29   C  C   . GLU A 1 6  ? 0.727   -2.737  0.540   1.00 16.69 ? 6   GLU A C   1 
ATOM   30   O  O   . GLU A 1 6  ? 1.550   -1.955  1.024   1.00 16.79 ? 6   GLU A O   1 
ATOM   31   C  CB  . GLU A 1 6  ? -1.723  -2.606  0.924   1.00 19.94 ? 6   GLU A CB  1 
ATOM   32   C  CG  . GLU A 1 6  ? -1.377  -2.264  2.383   1.00 22.54 ? 6   GLU A CG  1 
ATOM   33   C  CD  . GLU A 1 6  ? -2.437  -2.697  3.401   1.00 34.18 ? 6   GLU A CD  1 
ATOM   34   O  OE1 . GLU A 1 6  ? -3.363  -3.458  3.046   1.00 30.69 ? 6   GLU A OE1 1 
ATOM   35   O  OE2 . GLU A 1 6  ? -2.338  -2.263  4.571   1.00 38.09 ? 6   GLU A OE2 1 
ATOM   36   N  N   . ILE A 1 7  ? 0.921   -4.055  0.513   1.00 14.34 ? 7   ILE A N   1 
ATOM   37   C  CA  . ILE A 1 7  ? 2.128   -4.650  1.060   1.00 12.17 ? 7   ILE A CA  1 
ATOM   38   C  C   . ILE A 1 7  ? 3.346   -4.133  0.317   1.00 13.81 ? 7   ILE A C   1 
ATOM   39   O  O   . ILE A 1 7  ? 4.337   -3.713  0.927   1.00 12.45 ? 7   ILE A O   1 
ATOM   40   C  CB  . ILE A 1 7  ? 2.038   -6.182  0.981   1.00 17.11 ? 7   ILE A CB  1 
ATOM   41   C  CG1 . ILE A 1 7  ? 0.886   -6.678  1.846   1.00 14.18 ? 7   ILE A CG1 1 
ATOM   42   C  CG2 . ILE A 1 7  ? 3.365   -6.826  1.396   1.00 12.74 ? 7   ILE A CG2 1 
ATOM   43   C  CD1 . ILE A 1 7  ? 0.522   -8.112  1.587   1.00 19.81 ? 7   ILE A CD1 1 
ATOM   44   N  N   . PHE A 1 8  ? 3.283   -4.139  -1.014  1.00 13.67 ? 8   PHE A N   1 
ATOM   45   C  CA  . PHE A 1 8  ? 4.430   -3.715  -1.808  1.00 16.03 ? 8   PHE A CA  1 
ATOM   46   C  C   . PHE A 1 8  ? 4.776   -2.240  -1.577  1.00 14.05 ? 8   PHE A C   1 
ATOM   47   O  O   . PHE A 1 8  ? 5.956   -1.873  -1.528  1.00 14.63 ? 8   PHE A O   1 
ATOM   48   C  CB  . PHE A 1 8  ? 4.174   -3.983  -3.295  1.00 13.69 ? 8   PHE A CB  1 
ATOM   49   C  CG  . PHE A 1 8  ? 5.163   -3.318  -4.183  1.00 18.53 ? 8   PHE A CG  1 
ATOM   50   C  CD1 . PHE A 1 8  ? 4.826   -2.184  -4.896  1.00 26.17 ? 8   PHE A CD1 1 
ATOM   51   C  CD2 . PHE A 1 8  ? 6.455   -3.789  -4.257  1.00 23.05 ? 8   PHE A CD2 1 
ATOM   52   C  CE1 . PHE A 1 8  ? 5.757   -1.553  -5.696  1.00 29.79 ? 8   PHE A CE1 1 
ATOM   53   C  CE2 . PHE A 1 8  ? 7.393   -3.159  -5.043  1.00 23.58 ? 8   PHE A CE2 1 
ATOM   54   C  CZ  . PHE A 1 8  ? 7.044   -2.046  -5.765  1.00 27.84 ? 8   PHE A CZ  1 
ATOM   55   N  N   . SER A 1 9  ? 3.770   -1.377  -1.452  1.00 11.84 ? 9   SER A N   1 
ATOM   56   C  CA  . SER A 1 9  ? 4.049   0.032   -1.170  1.00 15.63 ? 9   SER A CA  1 
ATOM   57   C  C   . SER A 1 9  ? 4.805   0.197   0.141   1.00 16.15 ? 9   SER A C   1 
ATOM   58   O  O   . SER A 1 9  ? 5.763   0.975   0.224   1.00 18.02 ? 9   SER A O   1 
ATOM   59   C  CB  . SER A 1 9  ? 2.755   0.835   -1.130  1.00 19.86 ? 9   SER A CB  1 
ATOM   60   O  OG  . SER A 1 9  ? 3.048   2.168   -0.737  1.00 21.45 ? 9   SER A OG  1 
ATOM   61   N  N   . LYS A 1 10 ? 4.362   -0.496  1.193   1.00 13.65 ? 10  LYS A N   1 
ATOM   62   C  CA  . LYS A 1 10 ? 5.027   -0.388  2.493   1.00 16.59 ? 10  LYS A CA  1 
ATOM   63   C  C   . LYS A 1 10 ? 6.396   -1.056  2.481   1.00 20.53 ? 10  LYS A C   1 
ATOM   64   O  O   . LYS A 1 10 ? 7.333   -0.585  3.145   1.00 19.44 ? 10  LYS A O   1 
ATOM   65   C  CB  . LYS A 1 10 ? 4.146   -0.991  3.586   1.00 11.79 ? 10  LYS A CB  1 
ATOM   66   C  CG  . LYS A 1 10 ? 2.827   -0.213  3.847   1.00 14.20 ? 10  LYS A CG  1 
ATOM   67   C  CD  . LYS A 1 10 ? 2.022   -0.945  4.942   1.00 16.47 ? 10  LYS A CD  1 
ATOM   68   C  CE  . LYS A 1 10 ? 1.005   -0.066  5.632   1.00 21.16 ? 10  LYS A CE  1 
ATOM   69   N  NZ  . LYS A 1 10 ? -0.354  -0.241  5.063   1.00 21.92 ? 10  LYS A NZ  1 
ATOM   70   N  N   . VAL A 1 11 ? 6.520   -2.186  1.781   1.00 13.33 ? 11  VAL A N   1 
ATOM   71   C  CA  . VAL A 1 11 ? 7.829   -2.820  1.665   1.00 16.25 ? 11  VAL A CA  1 
ATOM   72   C  C   . VAL A 1 11 ? 8.791   -1.874  0.974   1.00 15.68 ? 11  VAL A C   1 
ATOM   73   O  O   . VAL A 1 11 ? 9.970   -1.774  1.337   1.00 15.78 ? 11  VAL A O   1 
ATOM   74   C  CB  . VAL A 1 11 ? 7.710   -4.159  0.911   1.00 13.24 ? 11  VAL A CB  1 
ATOM   75   C  CG1 . VAL A 1 11 ? 9.064   -4.548  0.337   1.00 11.95 ? 11  VAL A CG1 1 
ATOM   76   C  CG2 . VAL A 1 11 ? 7.162   -5.266  1.844   1.00 12.14 ? 11  VAL A CG2 1 
ATOM   77   N  N   . LYS A 1 12 ? 8.291   -1.138  -0.013  1.00 15.92 ? 12  LYS A N   1 
ATOM   78   C  CA  . LYS A 1 12 ? 9.156   -0.294  -0.816  1.00 17.44 ? 12  LYS A CA  1 
ATOM   79   C  C   . LYS A 1 12 ? 9.637   0.908   -0.016  1.00 20.00 ? 12  LYS A C   1 
ATOM   80   O  O   . LYS A 1 12 ? 10.814  1.279   -0.092  1.00 15.88 ? 12  LYS A O   1 
ATOM   81   C  CB  . LYS A 1 12 ? 8.401   0.130   -2.078  1.00 15.83 ? 12  LYS A CB  1 
ATOM   82   C  CG  . LYS A 1 12 ? 8.990   1.315   -2.807  1.00 23.52 ? 12  LYS A CG  1 
ATOM   83   C  CD  . LYS A 1 12 ? 8.227   1.570   -4.101  1.00 23.29 ? 12  LYS A CD  1 
ATOM   84   C  CE  . LYS A 1 12 ? 6.806   2.027   -3.801  1.00 28.49 ? 12  LYS A CE  1 
ATOM   85   N  NZ  . LYS A 1 12 ? 5.979   2.178   -5.029  1.00 36.37 ? 12  LYS A NZ  1 
ATOM   86   N  N   . SER A 1 13 ? 8.761   1.481   0.812   1.00 17.40 ? 13  SER A N   1 
ATOM   87   C  CA  . SER A 1 13 ? 9.154   2.607   1.644   1.00 17.97 ? 13  SER A CA  1 
ATOM   88   C  C   . SER A 1 13 ? 10.199  2.185   2.668   1.00 17.50 ? 13  SER A C   1 
ATOM   89   O  O   . SER A 1 13 ? 11.215  2.865   2.856   1.00 16.09 ? 13  SER A O   1 
ATOM   90   C  CB  . SER A 1 13 ? 7.915   3.184   2.336   1.00 16.66 ? 13  SER A CB  1 
ATOM   91   O  OG  . SER A 1 13 ? 7.068   3.818   1.381   1.00 21.01 ? 13  SER A OG  1 
ATOM   92   N  N   . ILE A 1 14 ? 9.964   1.065   3.347   1.00 15.23 ? 14  ILE A N   1 
ATOM   93   C  CA  . ILE A 1 14 ? 10.917  0.600   4.345   1.00 13.39 ? 14  ILE A CA  1 
ATOM   94   C  C   . ILE A 1 14 ? 12.275  0.346   3.703   1.00 13.80 ? 14  ILE A C   1 
ATOM   95   O  O   . ILE A 1 14 ? 13.310  0.731   4.252   1.00 14.96 ? 14  ILE A O   1 
ATOM   96   C  CB  . ILE A 1 14 ? 10.375  -0.657  5.050   1.00 15.11 ? 14  ILE A CB  1 
ATOM   97   C  CG1 . ILE A 1 14 ? 9.135   -0.299  5.883   1.00 18.26 ? 14  ILE A CG1 1 
ATOM   98   C  CG2 . ILE A 1 14 ? 11.432  -1.300  5.896   1.00 13.80 ? 14  ILE A CG2 1 
ATOM   99   C  CD1 . ILE A 1 14 ? 8.349   -1.517  6.359   1.00 15.82 ? 14  ILE A CD1 1 
ATOM   100  N  N   . ILE A 1 15 ? 12.289  -0.306  2.533   1.00 16.20 ? 15  ILE A N   1 
ATOM   101  C  CA  . ILE A 1 15 ? 13.569  -0.602  1.885   1.00 18.32 ? 15  ILE A CA  1 
ATOM   102  C  C   . ILE A 1 15 ? 14.275  0.689   1.531   1.00 20.01 ? 15  ILE A C   1 
ATOM   103  O  O   . ILE A 1 15 ? 15.478  0.851   1.785   1.00 15.62 ? 15  ILE A O   1 
ATOM   104  C  CB  . ILE A 1 15 ? 13.361  -1.492  0.644   1.00 17.11 ? 15  ILE A CB  1 
ATOM   105  C  CG1 . ILE A 1 15 ? 13.043  -2.924  1.054   1.00 20.93 ? 15  ILE A CG1 1 
ATOM   106  C  CG2 . ILE A 1 15 ? 14.589  -1.453  -0.251  1.00 16.47 ? 15  ILE A CG2 1 
ATOM   107  C  CD1 . ILE A 1 15 ? 12.818  -3.853  -0.136  1.00 13.59 ? 15  ILE A CD1 1 
ATOM   108  N  N   . SER A 1 16 ? 13.530  1.642   0.969   1.00 16.16 ? 16  SER A N   1 
ATOM   109  C  CA  . SER A 1 16 ? 14.092  2.932   0.605   1.00 20.10 ? 16  SER A CA  1 
ATOM   110  C  C   . SER A 1 16 ? 14.594  3.679   1.832   1.00 23.67 ? 16  SER A C   1 
ATOM   111  O  O   . SER A 1 16 ? 15.671  4.289   1.796   1.00 26.09 ? 16  SER A O   1 
ATOM   112  C  CB  . SER A 1 16 ? 13.043  3.768   -0.126  1.00 22.21 ? 16  SER A CB  1 
ATOM   113  O  OG  . SER A 1 16 ? 13.587  4.994   -0.573  1.00 27.23 ? 16  SER A OG  1 
ATOM   114  N  N   . GLU A 1 17 ? 13.831  3.646   2.931   1.00 16.96 ? 17  GLU A N   1 
ATOM   115  C  CA  . GLU A 1 17 ? 14.269  4.358   4.132   1.00 22.22 ? 17  GLU A CA  1 
ATOM   116  C  C   . GLU A 1 17 ? 15.564  3.767   4.682   1.00 26.00 ? 17  GLU A C   1 
ATOM   117  O  O   . GLU A 1 17 ? 16.485  4.504   5.045   1.00 26.85 ? 17  GLU A O   1 
ATOM   118  C  CB  . GLU A 1 17 ? 13.177  4.334   5.216   1.00 16.89 ? 17  GLU A CB  1 
ATOM   119  C  CG  . GLU A 1 17 ? 11.888  5.126   4.910   1.00 16.81 ? 17  GLU A CG  1 
ATOM   120  C  CD  . GLU A 1 17 ? 10.734  4.791   5.865   1.00 20.08 ? 17  GLU A CD  1 
ATOM   121  O  OE1 . GLU A 1 17 ? 9.623   5.384   5.765   1.00 19.32 ? 17  GLU A OE1 1 
ATOM   122  O  OE2 . GLU A 1 17 ? 10.937  3.923   6.732   1.00 20.83 ? 17  GLU A OE2 1 
ATOM   123  N  N   . LYS A 1 18 ? 15.674  2.434   4.717   1.00 19.42 ? 18  LYS A N   1 
ATOM   124  C  CA  . LYS A 1 18 ? 16.794  1.807   5.407   1.00 24.87 ? 18  LYS A CA  1 
ATOM   125  C  C   . LYS A 1 18 ? 17.988  1.531   4.504   1.00 22.90 ? 18  LYS A C   1 
ATOM   126  O  O   . LYS A 1 18 ? 19.126  1.651   4.961   1.00 26.43 ? 18  LYS A O   1 
ATOM   127  C  CB  . LYS A 1 18 ? 16.344  0.521   6.105   1.00 25.31 ? 18  LYS A CB  1 
ATOM   128  C  CG  . LYS A 1 18 ? 15.597  0.831   7.394   1.00 33.35 ? 18  LYS A CG  1 
ATOM   129  C  CD  . LYS A 1 18 ? 14.714  -0.290  7.859   1.00 41.48 ? 18  LYS A CD  1 
ATOM   130  C  CE  . LYS A 1 18 ? 14.070  0.096   9.203   1.00 43.11 ? 18  LYS A CE  1 
ATOM   131  N  NZ  . LYS A 1 18 ? 12.565  0.154   9.178   1.00 39.87 ? 18  LYS A NZ  1 
ATOM   132  N  N   . LEU A 1 19 ? 17.774  1.183   3.240   1.00 21.12 ? 19  LEU A N   1 
ATOM   133  C  CA  . LEU A 1 19 ? 18.901  0.994   2.330   1.00 26.09 ? 19  LEU A CA  1 
ATOM   134  C  C   . LEU A 1 19 ? 19.394  2.301   1.720   1.00 28.40 ? 19  LEU A C   1 
ATOM   135  O  O   . LEU A 1 19 ? 20.493  2.336   1.158   1.00 28.59 ? 19  LEU A O   1 
ATOM   136  C  CB  . LEU A 1 19 ? 18.528  0.033   1.203   1.00 19.66 ? 19  LEU A CB  1 
ATOM   137  C  CG  . LEU A 1 19 ? 18.861  -1.453  1.326   1.00 25.18 ? 19  LEU A CG  1 
ATOM   138  C  CD1 . LEU A 1 19 ? 18.436  -2.045  2.658   1.00 24.68 ? 19  LEU A CD1 1 
ATOM   139  C  CD2 . LEU A 1 19 ? 18.203  -2.196  0.174   1.00 22.96 ? 19  LEU A CD2 1 
ATOM   140  N  N   . GLY A 1 20 ? 18.606  3.365   1.789   1.00 27.45 ? 20  GLY A N   1 
ATOM   141  C  CA  . GLY A 1 20 ? 19.053  4.644   1.291   1.00 24.29 ? 20  GLY A CA  1 
ATOM   142  C  C   . GLY A 1 20 ? 18.893  4.817   -0.196  1.00 35.71 ? 20  GLY A C   1 
ATOM   143  O  O   . GLY A 1 20 ? 19.305  5.856   -0.734  1.00 43.86 ? 20  GLY A O   1 
ATOM   144  N  N   . VAL A 1 21 ? 18.295  3.850   -0.870  1.00 24.86 ? 21  VAL A N   1 
ATOM   145  C  CA  . VAL A 1 21 ? 18.097  3.937   -2.299  1.00 21.92 ? 21  VAL A CA  1 
ATOM   146  C  C   . VAL A 1 21 ? 16.799  4.679   -2.556  1.00 24.39 ? 21  VAL A C   1 
ATOM   147  O  O   . VAL A 1 21 ? 15.928  4.780   -1.691  1.00 27.27 ? 21  VAL A O   1 
ATOM   148  C  CB  . VAL A 1 21 ? 18.073  2.543   -2.950  1.00 21.06 ? 21  VAL A CB  1 
ATOM   149  C  CG1 . VAL A 1 21 ? 19.274  1.737   -2.519  1.00 21.94 ? 21  VAL A CG1 1 
ATOM   150  C  CG2 . VAL A 1 21 ? 16.784  1.833   -2.584  1.00 24.89 ? 21  VAL A CG2 1 
ATOM   151  N  N   . ASP A 1 22 ? 16.646  5.158   -3.786  1.00 27.65 ? 22  ASP A N   1 
ATOM   152  C  CA  . ASP A 1 22 ? 15.460  5.890   -4.180  1.00 22.28 ? 22  ASP A CA  1 
ATOM   153  C  C   . ASP A 1 22 ? 14.345  4.914   -4.519  1.00 23.46 ? 22  ASP A C   1 
ATOM   154  O  O   . ASP A 1 22 ? 14.594  3.803   -4.989  1.00 26.09 ? 22  ASP A O   1 
ATOM   155  C  CB  . ASP A 1 22 ? 15.780  6.778   -5.374  1.00 30.11 ? 22  ASP A CB  1 
ATOM   156  C  CG  . ASP A 1 22 ? 14.636  7.670   -5.755  1.00 39.06 ? 22  ASP A CG  1 
ATOM   157  O  OD1 . ASP A 1 22 ? 14.816  8.906   -5.658  1.00 54.13 ? 22  ASP A OD1 1 
ATOM   158  O  OD2 . ASP A 1 22 ? 13.573  7.149   -6.160  1.00 38.35 ? 22  ASP A OD2 1 
ATOM   159  N  N   . GLU A 1 23 ? 13.103  5.330   -4.261  1.00 23.20 ? 23  GLU A N   1 
ATOM   160  C  CA  . GLU A 1 23 ? 11.978  4.417   -4.461  1.00 29.06 ? 23  GLU A CA  1 
ATOM   161  C  C   . GLU A 1 23 ? 11.811  4.011   -5.922  1.00 25.40 ? 23  GLU A C   1 
ATOM   162  O  O   . GLU A 1 23 ? 11.246  2.949   -6.208  1.00 24.84 ? 23  GLU A O   1 
ATOM   163  C  CB  . GLU A 1 23 ? 10.675  5.034   -3.964  1.00 26.00 ? 23  GLU A CB  1 
ATOM   164  C  CG  . GLU A 1 23 ? 10.519  5.090   -2.472  1.00 32.06 ? 23  GLU A CG  1 
ATOM   165  C  CD  . GLU A 1 23 ? 9.051   5.142   -2.085  1.00 40.71 ? 23  GLU A CD  1 
ATOM   166  O  OE1 . GLU A 1 23 ? 8.240   5.541   -2.944  1.00 38.41 ? 23  GLU A OE1 1 
ATOM   167  O  OE2 . GLU A 1 23 ? 8.716   4.825   -0.919  1.00 42.13 ? 23  GLU A OE2 1 
ATOM   168  N  N   . SER A 1 24 ? 12.270  4.842   -6.854  1.00 24.83 ? 24  SER A N   1 
ATOM   169  C  CA  . SER A 1 24 ? 12.178  4.504   -8.265  1.00 23.55 ? 24  SER A CA  1 
ATOM   170  C  C   . SER A 1 24 ? 12.971  3.244   -8.612  1.00 27.86 ? 24  SER A C   1 
ATOM   171  O  O   . SER A 1 24 ? 12.693  2.614   -9.636  1.00 27.31 ? 24  SER A O   1 
ATOM   172  C  CB  . SER A 1 24 ? 12.644  5.692   -9.095  1.00 25.51 ? 24  SER A CB  1 
ATOM   173  O  OG  . SER A 1 24 ? 13.891  6.156   -8.623  1.00 31.18 ? 24  SER A OG  1 
ATOM   174  N  N   . GLN A 1 25 ? 13.954  2.863   -7.791  1.00 24.39 ? 25  GLN A N   1 
ATOM   175  C  CA  . GLN A 1 25 ? 14.747  1.656   -8.010  1.00 26.81 ? 25  GLN A CA  1 
ATOM   176  C  C   . GLN A 1 25 ? 14.125  0.396   -7.406  1.00 23.97 ? 25  GLN A C   1 
ATOM   177  O  O   . GLN A 1 25 ? 14.607  -0.712  -7.683  1.00 18.50 ? 25  GLN A O   1 
ATOM   178  C  CB  . GLN A 1 25 ? 16.171  1.824   -7.432  1.00 21.78 ? 25  GLN A CB  1 
ATOM   179  C  CG  . GLN A 1 25 ? 16.818  3.188   -7.698  1.00 28.26 ? 25  GLN A CG  1 
ATOM   180  C  CD  . GLN A 1 25 ? 18.116  3.399   -6.910  1.00 35.37 ? 25  GLN A CD  1 
ATOM   181  O  OE1 . GLN A 1 25 ? 18.263  4.378   -6.171  1.00 27.01 ? 25  GLN A OE1 1 
ATOM   182  N  NE2 . GLN A 1 25 ? 19.067  2.466   -7.071  1.00 25.56 ? 25  GLN A NE2 1 
ATOM   183  N  N   . VAL A 1 26 ? 13.106  0.521   -6.562  1.00 23.78 ? 26  VAL A N   1 
ATOM   184  C  CA  . VAL A 1 26 ? 12.566  -0.622  -5.834  1.00 23.15 ? 26  VAL A CA  1 
ATOM   185  C  C   . VAL A 1 26 ? 11.366  -1.139  -6.619  1.00 21.92 ? 26  VAL A C   1 
ATOM   186  O  O   . VAL A 1 26 ? 10.260  -0.610  -6.522  1.00 26.41 ? 26  VAL A O   1 
ATOM   187  C  CB  . VAL A 1 26 ? 12.205  -0.259  -4.394  1.00 25.13 ? 26  VAL A CB  1 
ATOM   188  C  CG1 . VAL A 1 26 ? 11.665  -1.486  -3.647  1.00 22.79 ? 26  VAL A CG1 1 
ATOM   189  C  CG2 . VAL A 1 26 ? 13.421  0.319   -3.694  1.00 19.93 ? 26  VAL A CG2 1 
ATOM   190  N  N   . THR A 1 27 ? 11.583  -2.191  -7.396  1.00 21.96 ? 27  THR A N   1 
ATOM   191  C  CA  . THR A 1 27 ? 10.543  -2.840  -8.173  1.00 21.66 ? 27  THR A CA  1 
ATOM   192  C  C   . THR A 1 27 ? 10.397  -4.278  -7.703  1.00 24.15 ? 27  THR A C   1 
ATOM   193  O  O   . THR A 1 27 ? 11.236  -4.799  -6.960  1.00 21.55 ? 27  THR A O   1 
ATOM   194  C  CB  . THR A 1 27 ? 10.875  -2.810  -9.663  1.00 21.26 ? 27  THR A CB  1 
ATOM   195  O  OG1 . THR A 1 27 ? 12.060  -3.581  -9.883  1.00 24.90 ? 27  THR A OG1 1 
ATOM   196  C  CG2 . THR A 1 27 ? 11.114  -1.367  -10.130 1.00 23.27 ? 27  THR A CG2 1 
ATOM   197  N  N   . GLU A 1 28 ? 9.310   -4.922  -8.144  1.00 18.41 ? 28  GLU A N   1 
ATOM   198  C  CA  . GLU A 1 28 ? 9.104   -6.328  -7.812  1.00 27.11 ? 28  GLU A CA  1 
ATOM   199  C  C   . GLU A 1 28 ? 10.286  -7.203  -8.220  1.00 22.32 ? 28  GLU A C   1 
ATOM   200  O  O   . GLU A 1 28 ? 10.594  -8.181  -7.531  1.00 25.16 ? 28  GLU A O   1 
ATOM   201  C  CB  . GLU A 1 28 ? 7.839   -6.865  -8.487  1.00 31.61 ? 28  GLU A CB  1 
ATOM   202  C  CG  . GLU A 1 28 ? 6.516   -6.314  -7.962  1.00 35.76 ? 28  GLU A CG  1 
ATOM   203  C  CD  . GLU A 1 28 ? 5.817   -7.277  -7.019  1.00 36.03 ? 28  GLU A CD  1 
ATOM   204  O  OE1 . GLU A 1 28 ? 6.127   -8.491  -7.089  1.00 28.28 ? 28  GLU A OE1 1 
ATOM   205  O  OE2 . GLU A 1 28 ? 4.918   -6.826  -6.256  1.00 31.20 ? 28  GLU A OE2 1 
ATOM   206  N  N   . GLU A 1 29 ? 10.971  -6.860  -9.311  1.00 21.86 ? 29  GLU A N   1 
ATOM   207  C  CA  . GLU A 1 29 ? 12.034  -7.691  -9.881  1.00 27.50 ? 29  GLU A CA  1 
ATOM   208  C  C   . GLU A 1 29 ? 13.413  -7.390  -9.321  1.00 23.07 ? 29  GLU A C   1 
ATOM   209  O  O   . GLU A 1 29 ? 14.363  -8.093  -9.674  1.00 30.40 ? 29  GLU A O   1 
ATOM   210  C  CB  . GLU A 1 29 ? 12.107  -7.529  -11.408 1.00 25.53 ? 29  GLU A CB  1 
ATOM   211  C  CG  . GLU A 1 29 ? 10.982  -8.179  -12.207 1.00 34.69 ? 29  GLU A CG  1 
ATOM   212  C  CD  . GLU A 1 29 ? 9.640   -7.527  -11.979 1.00 40.23 ? 29  GLU A CD  1 
ATOM   213  O  OE1 . GLU A 1 29 ? 9.566   -6.267  -11.974 1.00 43.14 ? 29  GLU A OE1 1 
ATOM   214  O  OE2 . GLU A 1 29 ? 8.657   -8.284  -11.804 1.00 40.73 ? 29  GLU A OE2 1 
ATOM   215  N  N   . ALA A 1 30 ? 13.551  -6.347  -8.506  1.00 20.52 ? 30  ALA A N   1 
ATOM   216  C  CA  . ALA A 1 30 ? 14.862  -5.929  -8.018  1.00 20.35 ? 30  ALA A CA  1 
ATOM   217  C  C   . ALA A 1 30 ? 15.417  -6.950  -7.032  1.00 26.12 ? 30  ALA A C   1 
ATOM   218  O  O   . ALA A 1 30 ? 14.736  -7.351  -6.084  1.00 27.72 ? 30  ALA A O   1 
ATOM   219  C  CB  . ALA A 1 30 ? 14.767  -4.549  -7.358  1.00 16.46 ? 30  ALA A CB  1 
ATOM   220  N  N   . LYS A 1 31 ? 16.660  -7.368  -7.251  1.00 25.24 ? 31  LYS A N   1 
ATOM   221  C  CA  . LYS A 1 31 ? 17.351  -8.228  -6.302  1.00 24.27 ? 31  LYS A CA  1 
ATOM   222  C  C   . LYS A 1 31 ? 17.933  -7.346  -5.203  1.00 24.47 ? 31  LYS A C   1 
ATOM   223  O  O   . LYS A 1 31 ? 18.504  -6.285  -5.487  1.00 22.26 ? 31  LYS A O   1 
ATOM   224  C  CB  . LYS A 1 31 ? 18.436  -9.015  -7.040  1.00 26.00 ? 31  LYS A CB  1 
ATOM   225  C  CG  . LYS A 1 31 ? 17.822  -9.868  -8.162  1.00 35.41 ? 31  LYS A CG  1 
ATOM   226  C  CD  . LYS A 1 31 ? 18.828  -10.381 -9.185  1.00 37.00 ? 31  LYS A CD  1 
ATOM   227  C  CE  . LYS A 1 31 ? 19.145  -11.844 -9.018  1.00 38.02 ? 31  LYS A CE  1 
ATOM   228  N  NZ  . LYS A 1 31 ? 19.853  -12.142 -7.746  1.00 42.20 ? 31  LYS A NZ  1 
ATOM   229  N  N   . LEU A 1 32 ? 17.731  -7.745  -3.941  1.00 24.26 ? 32  LEU A N   1 
ATOM   230  C  CA  . LEU A 1 32 ? 18.198  -6.911  -2.834  1.00 24.33 ? 32  LEU A CA  1 
ATOM   231  C  C   . LEU A 1 32 ? 19.686  -6.621  -2.971  1.00 25.31 ? 32  LEU A C   1 
ATOM   232  O  O   . LEU A 1 32 ? 20.109  -5.459  -2.946  1.00 27.41 ? 32  LEU A O   1 
ATOM   233  C  CB  . LEU A 1 32 ? 17.926  -7.582  -1.484  1.00 30.52 ? 32  LEU A CB  1 
ATOM   234  C  CG  . LEU A 1 32 ? 16.540  -7.819  -0.870  1.00 30.06 ? 32  LEU A CG  1 
ATOM   235  C  CD1 . LEU A 1 32 ? 15.552  -6.685  -1.164  1.00 21.68 ? 32  LEU A CD1 1 
ATOM   236  C  CD2 . LEU A 1 32 ? 15.999  -9.163  -1.328  1.00 22.82 ? 32  LEU A CD2 1 
ATOM   237  N  N   . ILE A 1 33 ? 20.492  -7.663  -3.120  1.00 26.27 ? 33  ILE A N   1 
ATOM   238  C  CA  . ILE A 1 33 ? 21.936  -7.487  -3.173  1.00 22.83 ? 33  ILE A CA  1 
ATOM   239  C  C   . ILE A 1 33 ? 22.350  -6.899  -4.516  1.00 28.32 ? 33  ILE A C   1 
ATOM   240  O  O   . ILE A 1 33 ? 22.893  -5.795  -4.590  1.00 30.36 ? 33  ILE A O   1 
ATOM   241  C  CB  . ILE A 1 33 ? 22.640  -8.821  -2.891  1.00 26.61 ? 33  ILE A CB  1 
ATOM   242  C  CG1 . ILE A 1 33 ? 22.145  -9.370  -1.546  1.00 28.16 ? 33  ILE A CG1 1 
ATOM   243  C  CG2 . ILE A 1 33 ? 24.173  -8.638  -2.915  1.00 31.56 ? 33  ILE A CG2 1 
ATOM   244  C  CD1 . ILE A 1 33 ? 23.037  -10.431 -0.923  1.00 33.28 ? 33  ILE A CD1 1 
ATOM   245  N  N   . ASP A 1 34 ? 22.048  -7.608  -5.606  1.00 34.26 ? 34  ASP A N   1 
ATOM   246  C  CA  . ASP A 1 34 ? 22.656  -7.278  -6.888  1.00 28.93 ? 34  ASP A CA  1 
ATOM   247  C  C   . ASP A 1 34 ? 22.219  -5.909  -7.393  1.00 31.70 ? 34  ASP A C   1 
ATOM   248  O  O   . ASP A 1 34 ? 23.029  -5.167  -7.957  1.00 34.29 ? 34  ASP A O   1 
ATOM   249  C  CB  . ASP A 1 34 ? 22.313  -8.356  -7.908  1.00 32.50 ? 34  ASP A CB  1 
ATOM   250  C  CG  . ASP A 1 34 ? 23.437  -9.354  -8.100  1.00 43.20 ? 34  ASP A CG  1 
ATOM   251  O  OD1 . ASP A 1 34 ? 23.527  -9.951  -9.202  1.00 41.90 ? 34  ASP A OD1 1 
ATOM   252  O  OD2 . ASP A 1 34 ? 24.231  -9.541  -7.147  1.00 44.12 ? 34  ASP A OD2 1 
ATOM   253  N  N   . ASP A 1 35 ? 20.945  -5.557  -7.215  1.00 28.82 ? 35  ASP A N   1 
ATOM   254  C  CA  . ASP A 1 35 ? 20.408  -4.328  -7.780  1.00 27.88 ? 35  ASP A CA  1 
ATOM   255  C  C   . ASP A 1 35 ? 20.396  -3.183  -6.782  1.00 24.04 ? 35  ASP A C   1 
ATOM   256  O  O   . ASP A 1 35 ? 20.828  -2.079  -7.107  1.00 32.30 ? 35  ASP A O   1 
ATOM   257  C  CB  . ASP A 1 35 ? 18.993  -4.566  -8.328  1.00 25.09 ? 35  ASP A CB  1 
ATOM   258  C  CG  . ASP A 1 35 ? 18.980  -5.554  -9.490  1.00 35.63 ? 35  ASP A CG  1 
ATOM   259  O  OD1 . ASP A 1 35 ? 19.922  -5.508  -10.313 1.00 36.31 ? 35  ASP A OD1 1 
ATOM   260  O  OD2 . ASP A 1 35 ? 18.022  -6.361  -9.601  1.00 34.73 ? 35  ASP A OD2 1 
ATOM   261  N  N   . LEU A 1 36 ? 19.932  -3.430  -5.560  1.00 24.78 ? 36  LEU A N   1 
ATOM   262  C  CA  . LEU A 1 36 ? 19.717  -2.380  -4.577  1.00 25.29 ? 36  LEU A CA  1 
ATOM   263  C  C   . LEU A 1 36 ? 20.895  -2.198  -3.622  1.00 24.18 ? 36  LEU A C   1 
ATOM   264  O  O   . LEU A 1 36 ? 20.801  -1.389  -2.698  1.00 24.03 ? 36  LEU A O   1 
ATOM   265  C  CB  . LEU A 1 36 ? 18.433  -2.658  -3.785  1.00 17.20 ? 36  LEU A CB  1 
ATOM   266  C  CG  . LEU A 1 36 ? 17.125  -2.692  -4.563  1.00 26.11 ? 36  LEU A CG  1 
ATOM   267  C  CD1 . LEU A 1 36 ? 15.980  -2.996  -3.608  1.00 26.27 ? 36  LEU A CD1 1 
ATOM   268  C  CD2 . LEU A 1 36 ? 16.890  -1.364  -5.258  1.00 19.34 ? 36  LEU A CD2 1 
ATOM   269  N  N   . GLY A 1 37 ? 21.981  -2.939  -3.795  1.00 26.62 ? 37  GLY A N   1 
ATOM   270  C  CA  . GLY A 1 37 ? 23.184  -2.648  -3.035  1.00 31.16 ? 37  GLY A CA  1 
ATOM   271  C  C   . GLY A 1 37 ? 23.194  -3.122  -1.600  1.00 28.79 ? 37  GLY A C   1 
ATOM   272  O  O   . GLY A 1 37 ? 24.071  -2.705  -0.833  1.00 22.77 ? 37  GLY A O   1 
ATOM   273  N  N   . ALA A 1 38 ? 22.244  -3.957  -1.199  1.00 23.46 ? 38  ALA A N   1 
ATOM   274  C  CA  . ALA A 1 38 ? 22.292  -4.466  0.157   1.00 27.38 ? 38  ALA A CA  1 
ATOM   275  C  C   . ALA A 1 38 ? 23.409  -5.506  0.286   1.00 27.47 ? 38  ALA A C   1 
ATOM   276  O  O   . ALA A 1 38 ? 23.999  -5.946  -0.701  1.00 25.17 ? 38  ALA A O   1 
ATOM   277  C  CB  . ALA A 1 38 ? 20.948  -5.076  0.540   1.00 21.77 ? 38  ALA A CB  1 
ATOM   278  N  N   . ASP A 1 39 ? 23.674  -5.929  1.520   1.00 30.50 ? 39  ASP A N   1 
ATOM   279  C  CA  . ASP A 1 39 ? 24.631  -6.991  1.791   1.00 33.69 ? 39  ASP A CA  1 
ATOM   280  C  C   . ASP A 1 39 ? 23.875  -8.159  2.416   1.00 32.43 ? 39  ASP A C   1 
ATOM   281  O  O   . ASP A 1 39 ? 22.680  -8.066  2.718   1.00 29.93 ? 39  ASP A O   1 
ATOM   282  C  CB  . ASP A 1 39 ? 25.777  -6.518  2.708   1.00 26.90 ? 39  ASP A CB  1 
ATOM   283  C  CG  . ASP A 1 39 ? 25.281  -5.825  3.967   1.00 29.83 ? 39  ASP A CG  1 
ATOM   284  O  OD1 . ASP A 1 39 ? 24.559  -6.476  4.756   1.00 31.36 ? 39  ASP A OD1 1 
ATOM   285  O  OD2 . ASP A 1 39 ? 25.641  -4.646  4.198   1.00 23.11 ? 39  ASP A OD2 1 
ATOM   286  N  N   . SER A 1 40 ? 24.573  -9.278  2.600   1.00 30.79 ? 40  SER A N   1 
ATOM   287  C  CA  . SER A 1 40 ? 23.899  -10.452 3.141   1.00 36.90 ? 40  SER A CA  1 
ATOM   288  C  C   . SER A 1 40 ? 23.519  -10.312 4.607   1.00 38.76 ? 40  SER A C   1 
ATOM   289  O  O   . SER A 1 40 ? 22.906  -11.237 5.154   1.00 46.53 ? 40  SER A O   1 
ATOM   290  C  CB  . SER A 1 40 ? 24.750  -11.698 2.961   1.00 42.38 ? 40  SER A CB  1 
ATOM   291  O  OG  . SER A 1 40 ? 23.946  -12.847 3.171   1.00 42.11 ? 40  SER A OG  1 
ATOM   292  N  N   . LEU A 1 41 ? 23.866  -9.203  5.258   1.00 36.09 ? 41  LEU A N   1 
ATOM   293  C  CA  . LEU A 1 41 ? 23.473  -8.951  6.639   1.00 34.03 ? 41  LEU A CA  1 
ATOM   294  C  C   . LEU A 1 41 ? 22.219  -8.102  6.739   1.00 31.23 ? 41  LEU A C   1 
ATOM   295  O  O   . LEU A 1 41 ? 21.481  -8.207  7.723   1.00 31.93 ? 41  LEU A O   1 
ATOM   296  C  CB  . LEU A 1 41 ? 24.592  -8.225  7.386   1.00 30.90 ? 41  LEU A CB  1 
ATOM   297  C  CG  . LEU A 1 41 ? 25.864  -8.981  7.716   1.00 32.02 ? 41  LEU A CG  1 
ATOM   298  C  CD1 . LEU A 1 41 ? 26.827  -8.868  6.556   1.00 26.53 ? 41  LEU A CD1 1 
ATOM   299  C  CD2 . LEU A 1 41 ? 26.464  -8.406  8.988   1.00 28.27 ? 41  LEU A CD2 1 
ATOM   300  N  N   . ASP A 1 42 ? 21.966  -7.278  5.727   1.00 29.44 ? 42  ASP A N   1 
ATOM   301  C  CA  . ASP A 1 42 ? 20.889  -6.303  5.794   1.00 29.30 ? 42  ASP A CA  1 
ATOM   302  C  C   . ASP A 1 42 ? 19.523  -6.964  5.829   1.00 31.83 ? 42  ASP A C   1 
ATOM   303  O  O   . ASP A 1 42 ? 18.567  -6.376  6.347   1.00 33.78 ? 42  ASP A O   1 
ATOM   304  C  CB  . ASP A 1 42 ? 20.968  -5.347  4.607   1.00 28.64 ? 42  ASP A CB  1 
ATOM   305  C  CG  . ASP A 1 42 ? 22.219  -4.504  4.625   1.00 24.72 ? 42  ASP A CG  1 
ATOM   306  O  OD1 . ASP A 1 42 ? 22.795  -4.353  5.717   1.00 31.30 ? 42  ASP A OD1 1 
ATOM   307  O  OD2 . ASP A 1 42 ? 22.611  -3.977  3.560   1.00 18.97 ? 42  ASP A OD2 1 
ATOM   308  N  N   . LEU A 1 43 ? 19.398  -8.180  5.298   1.00 26.82 ? 43  LEU A N   1 
ATOM   309  C  CA  . LEU A 1 43 ? 18.056  -8.704  5.085   1.00 27.92 ? 43  LEU A CA  1 
ATOM   310  C  C   . LEU A 1 43 ? 17.389  -9.111  6.400   1.00 29.87 ? 43  LEU A C   1 
ATOM   311  O  O   . LEU A 1 43 ? 16.173  -8.954  6.545   1.00 25.86 ? 43  LEU A O   1 
ATOM   312  C  CB  . LEU A 1 43 ? 18.116  -9.867  4.083   1.00 31.71 ? 43  LEU A CB  1 
ATOM   313  C  CG  . LEU A 1 43 ? 16.857  -10.563 3.535   1.00 35.26 ? 43  LEU A CG  1 
ATOM   314  C  CD1 . LEU A 1 43 ? 16.207  -11.432 4.558   1.00 46.78 ? 43  LEU A CD1 1 
ATOM   315  C  CD2 . LEU A 1 43 ? 15.840  -9.565  3.031   1.00 27.14 ? 43  LEU A CD2 1 
ATOM   316  N  N   . VAL A 1 44 ? 18.155  -9.561  7.403   1.00 29.03 ? 44  VAL A N   1 
ATOM   317  C  CA  . VAL A 1 44 ? 17.499  -9.999  8.636   1.00 28.47 ? 44  VAL A CA  1 
ATOM   318  C  C   . VAL A 1 44 ? 16.921  -8.808  9.412   1.00 28.07 ? 44  VAL A C   1 
ATOM   319  O  O   . VAL A 1 44 ? 15.846  -8.915  10.007  1.00 30.90 ? 44  VAL A O   1 
ATOM   320  C  CB  . VAL A 1 44 ? 18.435  -10.866 9.500   1.00 37.74 ? 44  VAL A CB  1 
ATOM   321  C  CG1 . VAL A 1 44 ? 19.340  -10.032 10.335  1.00 28.35 ? 44  VAL A CG1 1 
ATOM   322  C  CG2 . VAL A 1 44 ? 17.608  -11.782 10.401  1.00 39.85 ? 44  VAL A CG2 1 
ATOM   323  N  N   . ASP A 1 45 ? 17.608  -7.660  9.396   1.00 27.22 ? 45  ASP A N   1 
ATOM   324  C  CA  . ASP A 1 45 ? 16.998  -6.460  9.970   1.00 27.25 ? 45  ASP A CA  1 
ATOM   325  C  C   . ASP A 1 45 ? 15.783  -6.022  9.174   1.00 27.49 ? 45  ASP A C   1 
ATOM   326  O  O   . ASP A 1 45 ? 14.762  -5.648  9.769   1.00 30.16 ? 45  ASP A O   1 
ATOM   327  C  CB  . ASP A 1 45 ? 18.001  -5.312  10.057  1.00 28.45 ? 45  ASP A CB  1 
ATOM   328  C  CG  . ASP A 1 45 ? 17.527  -4.211  10.997  1.00 33.20 ? 45  ASP A CG  1 
ATOM   329  O  OD1 . ASP A 1 45 ? 17.325  -3.074  10.525  1.00 39.20 ? 45  ASP A OD1 1 
ATOM   330  O  OD2 . ASP A 1 45 ? 17.349  -4.477  12.201  1.00 32.18 ? 45  ASP A OD2 1 
ATOM   331  N  N   . LEU A 1 46 ? 15.874  -6.033  7.841   1.00 26.27 ? 46  LEU A N   1 
ATOM   332  C  CA  . LEU A 1 46 ? 14.718  -5.692  7.025   1.00 22.05 ? 46  LEU A CA  1 
ATOM   333  C  C   . LEU A 1 46 ? 13.541  -6.591  7.361   1.00 21.50 ? 46  LEU A C   1 
ATOM   334  O  O   . LEU A 1 46 ? 12.423  -6.119  7.584   1.00 22.01 ? 46  LEU A O   1 
ATOM   335  C  CB  . LEU A 1 46 ? 15.065  -5.789  5.541   1.00 17.31 ? 46  LEU A CB  1 
ATOM   336  C  CG  . LEU A 1 46 ? 16.054  -4.768  4.980   1.00 22.92 ? 46  LEU A CG  1 
ATOM   337  C  CD1 . LEU A 1 46 ? 16.464  -5.149  3.555   1.00 23.73 ? 46  LEU A CD1 1 
ATOM   338  C  CD2 . LEU A 1 46 ? 15.484  -3.359  5.009   1.00 24.93 ? 46  LEU A CD2 1 
ATOM   339  N  N   . VAL A 1 47 ? 13.786  -7.895  7.443   1.00 21.18 ? 47  VAL A N   1 
ATOM   340  C  CA  . VAL A 1 47 ? 12.717  -8.846  7.715   1.00 18.39 ? 47  VAL A CA  1 
ATOM   341  C  C   . VAL A 1 47 ? 12.081  -8.589  9.073   1.00 27.30 ? 47  VAL A C   1 
ATOM   342  O  O   . VAL A 1 47 ? 10.857  -8.648  9.213   1.00 25.99 ? 47  VAL A O   1 
ATOM   343  C  CB  . VAL A 1 47 ? 13.247  -10.281 7.580   1.00 30.24 ? 47  VAL A CB  1 
ATOM   344  C  CG1 . VAL A 1 47 ? 12.411  -11.216 8.380   1.00 35.43 ? 47  VAL A CG1 1 
ATOM   345  C  CG2 . VAL A 1 47 ? 13.194  -10.680 6.124   1.00 28.19 ? 47  VAL A CG2 1 
ATOM   346  N  N   . MET A 1 48 ? 12.895  -8.306  10.094  1.00 26.77 ? 48  MET A N   1 
ATOM   347  C  CA  . MET A 1 48 ? 12.299  -7.991  11.387  1.00 29.71 ? 48  MET A CA  1 
ATOM   348  C  C   . MET A 1 48 ? 11.470  -6.718  11.315  1.00 30.22 ? 48  MET A C   1 
ATOM   349  O  O   . MET A 1 48 ? 10.451  -6.594  12.007  1.00 30.80 ? 48  MET A O   1 
ATOM   350  C  CB  . MET A 1 48 ? 13.378  -7.856  12.458  1.00 31.66 ? 48  MET A CB  1 
ATOM   351  C  CG  . MET A 1 48 ? 13.431  -9.039  13.401  1.00 35.78 ? 48  MET A CG  1 
ATOM   352  S  SD  . MET A 1 48 ? 14.894  -8.917  14.429  1.00 53.01 ? 48  MET A SD  1 
ATOM   353  C  CE  . MET A 1 48 ? 16.143  -9.063  13.159  1.00 38.30 ? 48  MET A CE  1 
ATOM   354  N  N   . ASP A 1 49 ? 11.891  -5.757  10.499  1.00 25.61 ? 49  ASP A N   1 
ATOM   355  C  CA  . ASP A 1 49 ? 11.089  -4.556  10.339  1.00 24.58 ? 49  ASP A CA  1 
ATOM   356  C  C   . ASP A 1 49 ? 9.785   -4.872  9.613   1.00 23.12 ? 49  ASP A C   1 
ATOM   357  O  O   . ASP A 1 49 ? 8.717   -4.409  10.033  1.00 22.91 ? 49  ASP A O   1 
ATOM   358  C  CB  . ASP A 1 49 ? 11.930  -3.495  9.635   1.00 23.26 ? 49  ASP A CB  1 
ATOM   359  C  CG  . ASP A 1 49 ? 13.178  -3.150  10.439  1.00 31.04 ? 49  ASP A CG  1 
ATOM   360  O  OD1 . ASP A 1 49 ? 13.123  -3.277  11.685  1.00 33.91 ? 49  ASP A OD1 1 
ATOM   361  O  OD2 . ASP A 1 49 ? 14.220  -2.801  9.849   1.00 37.43 ? 49  ASP A OD2 1 
ATOM   362  N  N   . PHE A 1 50 ? 9.841   -5.722  8.572   1.00 21.97 ? 50  PHE A N   1 
ATOM   363  C  CA  . PHE A 1 50 ? 8.618   -6.209  7.930   1.00 20.78 ? 50  PHE A CA  1 
ATOM   364  C  C   . PHE A 1 50 ? 7.772   -7.037  8.890   1.00 22.28 ? 50  PHE A C   1 
ATOM   365  O  O   . PHE A 1 50 ? 6.537   -6.952  8.870   1.00 23.52 ? 50  PHE A O   1 
ATOM   366  C  CB  . PHE A 1 50 ? 8.946   -7.025  6.670   1.00 17.97 ? 50  PHE A CB  1 
ATOM   367  C  CG  . PHE A 1 50 ? 9.738   -6.259  5.637   1.00 17.68 ? 50  PHE A CG  1 
ATOM   368  C  CD1 . PHE A 1 50 ? 9.480   -4.910  5.401   1.00 21.78 ? 50  PHE A CD1 1 
ATOM   369  C  CD2 . PHE A 1 50 ? 10.754  -6.865  4.930   1.00 15.62 ? 50  PHE A CD2 1 
ATOM   370  C  CE1 . PHE A 1 50 ? 10.227  -4.193  4.475   1.00 18.24 ? 50  PHE A CE1 1 
ATOM   371  C  CE2 . PHE A 1 50 ? 11.491  -6.153  3.991   1.00 17.81 ? 50  PHE A CE2 1 
ATOM   372  C  CZ  . PHE A 1 50 ? 11.231  -4.826  3.763   1.00 14.87 ? 50  PHE A CZ  1 
ATOM   373  N  N   . GLU A 1 51 ? 8.419   -7.843  9.737   1.00 22.80 ? 51  GLU A N   1 
ATOM   374  C  CA  . GLU A 1 51 ? 7.680   -8.637  10.718  1.00 24.55 ? 51  GLU A CA  1 
ATOM   375  C  C   . GLU A 1 51 ? 6.851   -7.748  11.635  1.00 27.19 ? 51  GLU A C   1 
ATOM   376  O  O   . GLU A 1 51 ? 5.670   -8.021  11.879  1.00 26.76 ? 51  GLU A O   1 
ATOM   377  C  CB  . GLU A 1 51 ? 8.653   -9.484  11.538  1.00 27.58 ? 51  GLU A CB  1 
ATOM   378  C  CG  . GLU A 1 51 ? 8.935   -10.835 10.906  1.00 35.12 ? 51  GLU A CG  1 
ATOM   379  C  CD  . GLU A 1 51 ? 10.018  -11.621 11.605  1.00 38.69 ? 51  GLU A CD  1 
ATOM   380  O  OE1 . GLU A 1 51 ? 10.182  -12.816 11.276  1.00 44.10 ? 51  GLU A OE1 1 
ATOM   381  O  OE2 . GLU A 1 51 ? 10.699  -11.070 12.499  1.00 41.85 ? 51  GLU A OE2 1 
ATOM   382  N  N   . SER A 1 52 ? 7.447   -6.661  12.123  1.00 24.78 ? 52  SER A N   1 
ATOM   383  C  CA  . SER A 1 52 ? 6.742   -5.731  12.991  1.00 21.66 ? 52  SER A CA  1 
ATOM   384  C  C   . SER A 1 52 ? 5.783   -4.844  12.210  1.00 24.38 ? 52  SER A C   1 
ATOM   385  O  O   . SER A 1 52 ? 4.798   -4.362  12.770  1.00 26.16 ? 52  SER A O   1 
ATOM   386  C  CB  . SER A 1 52 ? 7.756   -4.880  13.756  1.00 30.76 ? 52  SER A CB  1 
ATOM   387  O  OG  . SER A 1 52 ? 7.209   -3.631  14.126  1.00 40.00 ? 52  SER A OG  1 
ATOM   388  N  N   . GLU A 1 53 ? 6.058   -4.599  10.931  1.00 22.62 ? 53  GLU A N   1 
ATOM   389  C  CA  . GLU A 1 53 ? 5.178   -3.753  10.135  1.00 20.69 ? 53  GLU A CA  1 
ATOM   390  C  C   . GLU A 1 53 ? 3.824   -4.423  9.875   1.00 21.38 ? 53  GLU A C   1 
ATOM   391  O  O   . GLU A 1 53 ? 2.773   -3.785  9.985   1.00 20.67 ? 53  GLU A O   1 
ATOM   392  C  CB  . GLU A 1 53 ? 5.886   -3.389  8.830   1.00 18.98 ? 53  GLU A CB  1 
ATOM   393  C  CG  . GLU A 1 53 ? 5.208   -2.346  8.005   1.00 19.90 ? 53  GLU A CG  1 
ATOM   394  C  CD  . GLU A 1 53 ? 5.219   -0.977  8.672   1.00 24.94 ? 53  GLU A CD  1 
ATOM   395  O  OE1 . GLU A 1 53 ? 4.306   -0.178  8.375   1.00 22.68 ? 53  GLU A OE1 1 
ATOM   396  O  OE2 . GLU A 1 53 ? 6.133   -0.696  9.490   1.00 25.98 ? 53  GLU A OE2 1 
ATOM   397  N  N   . PHE A 1 54 ? 3.820   -5.704  9.522   1.00 21.43 ? 54  PHE A N   1 
ATOM   398  C  CA  . PHE A 1 54 ? 2.597   -6.370  9.105   1.00 20.23 ? 54  PHE A CA  1 
ATOM   399  C  C   . PHE A 1 54 ? 2.082   -7.361  10.133  1.00 26.34 ? 54  PHE A C   1 
ATOM   400  O  O   . PHE A 1 54 ? 1.039   -7.986  9.901   1.00 30.23 ? 54  PHE A O   1 
ATOM   401  C  CB  . PHE A 1 54 ? 2.808   -7.087  7.772   1.00 18.74 ? 54  PHE A CB  1 
ATOM   402  C  CG  . PHE A 1 54 ? 3.240   -6.181  6.663   1.00 17.45 ? 54  PHE A CG  1 
ATOM   403  C  CD1 . PHE A 1 54 ? 2.320   -5.424  5.976   1.00 16.37 ? 54  PHE A CD1 1 
ATOM   404  C  CD2 . PHE A 1 54 ? 4.575   -6.082  6.322   1.00 16.36 ? 54  PHE A CD2 1 
ATOM   405  C  CE1 . PHE A 1 54 ? 2.723   -4.582  4.957   1.00 18.83 ? 54  PHE A CE1 1 
ATOM   406  C  CE2 . PHE A 1 54 ? 4.985   -5.250  5.305   1.00 18.84 ? 54  PHE A CE2 1 
ATOM   407  C  CZ  . PHE A 1 54 ? 4.060   -4.495  4.622   1.00 15.95 ? 54  PHE A CZ  1 
ATOM   408  N  N   . GLY A 1 55 ? 2.809   -7.571  11.223  1.00 28.38 ? 55  GLY A N   1 
ATOM   409  C  CA  . GLY A 1 55 ? 2.366   -8.518  12.231  1.00 30.09 ? 55  GLY A CA  1 
ATOM   410  C  C   . GLY A 1 55 ? 2.401   -9.946  11.746  1.00 30.19 ? 55  GLY A C   1 
ATOM   411  O  O   . GLY A 1 55 ? 1.444   -10.696 11.973  1.00 33.87 ? 55  GLY A O   1 
ATOM   412  N  N   . VAL A 1 56 ? 3.465   -10.326 11.040  1.00 26.58 ? 56  VAL A N   1 
ATOM   413  C  CA  . VAL A 1 56 ? 3.698   -11.693 10.603  1.00 27.58 ? 56  VAL A CA  1 
ATOM   414  C  C   . VAL A 1 56 ? 5.091   -12.047 11.067  1.00 29.72 ? 56  VAL A C   1 
ATOM   415  O  O   . VAL A 1 56 ? 5.836   -11.192 11.533  1.00 35.68 ? 56  VAL A O   1 
ATOM   416  C  CB  . VAL A 1 56 ? 3.586   -11.866 9.076   1.00 28.74 ? 56  VAL A CB  1 
ATOM   417  C  CG1 . VAL A 1 56 ? 2.161   -11.588 8.594   1.00 31.43 ? 56  VAL A CG1 1 
ATOM   418  C  CG2 . VAL A 1 56 ? 4.576   -10.949 8.378   1.00 29.63 ? 56  VAL A CG2 1 
ATOM   419  N  N   . LYS A 1 57 ? 5.474   -13.302 10.885  1.00 31.48 ? 57  LYS A N   1 
ATOM   420  C  CA  . LYS A 1 57 ? 6.876   -13.619 11.084  1.00 37.90 ? 57  LYS A CA  1 
ATOM   421  C  C   . LYS A 1 57 ? 7.307   -14.695 10.110  1.00 34.21 ? 57  LYS A C   1 
ATOM   422  O  O   . LYS A 1 57 ? 6.494   -15.409 9.518   1.00 31.95 ? 57  LYS A O   1 
ATOM   423  C  CB  . LYS A 1 57 ? 7.182   -14.047 12.538  1.00 42.62 ? 57  LYS A CB  1 
ATOM   424  C  CG  . LYS A 1 57 ? 7.602   -12.867 13.452  1.00 42.37 ? 57  LYS A CG  1 
ATOM   425  C  CD  . LYS A 1 57 ? 8.529   -13.275 14.612  1.00 49.30 ? 57  LYS A CD  1 
ATOM   426  C  CE  . LYS A 1 57 ? 9.790   -14.019 14.147  1.00 47.67 ? 57  LYS A CE  1 
ATOM   427  N  NZ  . LYS A 1 57 ? 10.989  -13.132 13.931  1.00 46.90 ? 57  LYS A NZ  1 
ATOM   428  N  N   . VAL A 1 58 ? 8.615   -14.791 9.948   1.00 39.35 ? 58  VAL A N   1 
ATOM   429  C  CA  . VAL A 1 58 ? 9.200   -15.568 8.877   1.00 45.60 ? 58  VAL A CA  1 
ATOM   430  C  C   . VAL A 1 58 ? 10.102  -16.600 9.532   1.00 43.83 ? 58  VAL A C   1 
ATOM   431  O  O   . VAL A 1 58 ? 10.538  -16.448 10.677  1.00 43.82 ? 58  VAL A O   1 
ATOM   432  C  CB  . VAL A 1 58 ? 10.009  -14.701 7.896   1.00 43.70 ? 58  VAL A CB  1 
ATOM   433  C  CG1 . VAL A 1 58 ? 9.210   -13.477 7.458   1.00 37.84 ? 58  VAL A CG1 1 
ATOM   434  C  CG2 . VAL A 1 58 ? 11.349  -14.357 8.495   1.00 49.93 ? 58  VAL A CG2 1 
ATOM   435  N  N   . ASP A 1 59 ? 10.338  -17.680 8.806   1.00 44.60 ? 59  ASP A N   1 
ATOM   436  C  CA  . ASP A 1 59 ? 11.293  -18.678 9.244   1.00 45.96 ? 59  ASP A CA  1 
ATOM   437  C  C   . ASP A 1 59 ? 12.697  -18.225 8.855   1.00 47.33 ? 59  ASP A C   1 
ATOM   438  O  O   . ASP A 1 59 ? 12.888  -17.542 7.843   1.00 45.69 ? 59  ASP A O   1 
ATOM   439  C  CB  . ASP A 1 59 ? 10.949  -20.024 8.602   1.00 53.84 ? 59  ASP A CB  1 
ATOM   440  C  CG  . ASP A 1 59 ? 11.641  -21.194 9.267   1.00 60.64 ? 59  ASP A CG  1 
ATOM   441  O  OD1 . ASP A 1 59 ? 12.402  -20.990 10.241  1.00 63.81 ? 59  ASP A OD1 1 
ATOM   442  O  OD2 . ASP A 1 59 ? 11.406  -22.334 8.810   1.00 63.34 ? 59  ASP A OD2 1 
ATOM   443  N  N   . ASP A 1 60 ? 13.688  -18.604 9.669   1.00 46.31 ? 60  ASP A N   1 
ATOM   444  C  CA  . ASP A 1 60 ? 15.069  -18.376 9.254   1.00 50.83 ? 60  ASP A CA  1 
ATOM   445  C  C   . ASP A 1 60 ? 15.440  -19.273 8.081   1.00 47.71 ? 60  ASP A C   1 
ATOM   446  O  O   . ASP A 1 60 ? 16.313  -18.924 7.279   1.00 52.03 ? 60  ASP A O   1 
ATOM   447  C  CB  . ASP A 1 60 ? 16.039  -18.612 10.409  1.00 57.99 ? 60  ASP A CB  1 
ATOM   448  C  CG  . ASP A 1 60 ? 15.581  -17.983 11.694  1.00 57.26 ? 60  ASP A CG  1 
ATOM   449  O  OD1 . ASP A 1 60 ? 15.735  -16.749 11.847  1.00 67.67 ? 60  ASP A OD1 1 
ATOM   450  O  OD2 . ASP A 1 60 ? 15.072  -18.729 12.556  1.00 61.40 ? 60  ASP A OD2 1 
ATOM   451  N  N   . ALA A 1 61 ? 14.795  -20.437 7.978   1.00 49.89 ? 61  ALA A N   1 
ATOM   452  C  CA  . ALA A 1 61 ? 15.020  -21.322 6.840   1.00 51.16 ? 61  ALA A CA  1 
ATOM   453  C  C   . ALA A 1 61 ? 14.554  -20.681 5.539   1.00 48.52 ? 61  ALA A C   1 
ATOM   454  O  O   . ALA A 1 61 ? 15.169  -20.885 4.486   1.00 48.24 ? 61  ALA A O   1 
ATOM   455  C  CB  . ALA A 1 61 ? 14.309  -22.657 7.064   1.00 45.75 ? 61  ALA A CB  1 
ATOM   456  N  N   . ASP A 1 62 ? 13.456  -19.924 5.586   1.00 49.78 ? 62  ASP A N   1 
ATOM   457  C  CA  . ASP A 1 62 ? 12.880  -19.320 4.388   1.00 46.24 ? 62  ASP A CA  1 
ATOM   458  C  C   . ASP A 1 62 ? 13.567  -18.018 3.990   1.00 40.29 ? 62  ASP A C   1 
ATOM   459  O  O   . ASP A 1 62 ? 13.201  -17.424 2.966   1.00 34.20 ? 62  ASP A O   1 
ATOM   460  C  CB  . ASP A 1 62 ? 11.384  -19.068 4.597   1.00 41.34 ? 62  ASP A CB  1 
ATOM   461  C  CG  . ASP A 1 62 ? 10.555  -20.337 4.463   1.00 49.00 ? 62  ASP A CG  1 
ATOM   462  O  OD1 . ASP A 1 62 ? 11.031  -21.298 3.815   1.00 50.26 ? 62  ASP A OD1 1 
ATOM   463  O  OD2 . ASP A 1 62 ? 9.424   -20.376 4.994   1.00 52.95 ? 62  ASP A OD2 1 
ATOM   464  N  N   . LEU A 1 63 ? 14.556  -17.576 4.769   1.00 35.72 ? 63  LEU A N   1 
ATOM   465  C  CA  . LEU A 1 63 ? 15.298  -16.359 4.472   1.00 35.56 ? 63  LEU A CA  1 
ATOM   466  C  C   . LEU A 1 63 ? 16.329  -16.556 3.363   1.00 38.44 ? 63  LEU A C   1 
ATOM   467  O  O   . LEU A 1 63 ? 16.633  -15.610 2.629   1.00 33.04 ? 63  LEU A O   1 
ATOM   468  C  CB  . LEU A 1 63 ? 15.968  -15.878 5.755   1.00 50.23 ? 63  LEU A CB  1 
ATOM   469  C  CG  . LEU A 1 63 ? 16.533  -14.475 5.889   1.00 50.00 ? 63  LEU A CG  1 
ATOM   470  C  CD1 . LEU A 1 63 ? 16.358  -13.997 7.319   1.00 40.60 ? 63  LEU A CD1 1 
ATOM   471  C  CD2 . LEU A 1 63 ? 18.000  -14.420 5.482   1.00 52.09 ? 63  LEU A CD2 1 
ATOM   472  N  N   . GLU A 1 64 ? 16.883  -17.764 3.227   1.00 41.95 ? 64  GLU A N   1 
ATOM   473  C  CA  . GLU A 1 64 ? 17.867  -18.017 2.177   1.00 43.21 ? 64  GLU A CA  1 
ATOM   474  C  C   . GLU A 1 64 ? 17.235  -18.019 0.796   1.00 30.35 ? 64  GLU A C   1 
ATOM   475  O  O   . GLU A 1 64 ? 17.949  -17.925 -0.204  1.00 34.05 ? 64  GLU A O   1 
ATOM   476  C  CB  . GLU A 1 64 ? 18.597  -19.343 2.434   1.00 46.82 ? 64  GLU A CB  1 
ATOM   477  C  CG  . GLU A 1 64 ? 19.393  -19.337 3.740   1.00 51.45 ? 64  GLU A CG  1 
ATOM   478  C  CD  . GLU A 1 64 ? 20.062  -20.666 4.068   1.00 64.49 ? 64  GLU A CD  1 
ATOM   479  O  OE1 . GLU A 1 64 ? 19.872  -21.656 3.323   1.00 68.41 ? 64  GLU A OE1 1 
ATOM   480  O  OE2 . GLU A 1 64 ? 20.767  -20.726 5.100   1.00 60.47 ? 64  GLU A OE2 1 
ATOM   481  N  N   . LYS A 1 65 ? 15.916  -18.117 0.719   1.00 33.58 ? 65  LYS A N   1 
ATOM   482  C  CA  . LYS A 1 65 ? 15.234  -18.139 -0.560  1.00 39.72 ? 65  LYS A CA  1 
ATOM   483  C  C   . LYS A 1 65 ? 14.842  -16.754 -1.041  1.00 33.38 ? 65  LYS A C   1 
ATOM   484  O  O   . LYS A 1 65 ? 14.590  -16.585 -2.239  1.00 32.63 ? 65  LYS A O   1 
ATOM   485  C  CB  . LYS A 1 65 ? 14.005  -19.047 -0.461  1.00 33.57 ? 65  LYS A CB  1 
ATOM   486  C  CG  . LYS A 1 65 ? 14.388  -20.427 0.047   1.00 33.24 ? 65  LYS A CG  1 
ATOM   487  C  CD  . LYS A 1 65 ? 13.205  -21.299 0.409   1.00 39.10 ? 65  LYS A CD  1 
ATOM   488  C  CE  . LYS A 1 65 ? 13.693  -22.611 1.048   1.00 37.85 ? 65  LYS A CE  1 
ATOM   489  N  NZ  . LYS A 1 65 ? 12.895  -22.969 2.260   1.00 44.22 ? 65  LYS A NZ  1 
ATOM   490  N  N   . ILE A 1 66 ? 14.869  -15.755 -0.162  1.00 32.21 ? 66  ILE A N   1 
ATOM   491  C  CA  . ILE A 1 66 ? 14.405  -14.418 -0.510  1.00 25.57 ? 66  ILE A CA  1 
ATOM   492  C  C   . ILE A 1 66 ? 15.489  -13.724 -1.321  1.00 30.23 ? 66  ILE A C   1 
ATOM   493  O  O   . ILE A 1 66 ? 16.546  -13.373 -0.797  1.00 32.23 ? 66  ILE A O   1 
ATOM   494  C  CB  . ILE A 1 66 ? 14.030  -13.611 0.732   1.00 26.18 ? 66  ILE A CB  1 
ATOM   495  C  CG1 . ILE A 1 66 ? 12.800  -14.226 1.401   1.00 20.35 ? 66  ILE A CG1 1 
ATOM   496  C  CG2 . ILE A 1 66 ? 13.715  -12.192 0.341   1.00 27.84 ? 66  ILE A CG2 1 
ATOM   497  C  CD1 . ILE A 1 66 ? 12.537  -13.670 2.749   1.00 33.31 ? 66  ILE A CD1 1 
ATOM   498  N  N   . SER A 1 67 ? 15.217  -13.506 -2.602  1.00 24.34 ? 67  SER A N   1 
ATOM   499  C  CA  . SER A 1 67 ? 16.183  -12.912 -3.511  1.00 20.40 ? 67  SER A CA  1 
ATOM   500  C  C   . SER A 1 67 ? 15.775  -11.538 -4.008  1.00 20.66 ? 67  SER A C   1 
ATOM   501  O  O   . SER A 1 67 ? 16.626  -10.656 -4.125  1.00 22.28 ? 67  SER A O   1 
ATOM   502  C  CB  . SER A 1 67 ? 16.394  -13.850 -4.708  1.00 25.05 ? 67  SER A CB  1 
ATOM   503  O  OG  . SER A 1 67 ? 17.316  -13.307 -5.629  1.00 35.31 ? 67  SER A OG  1 
ATOM   504  N  N   . THR A 1 68 ? 14.488  -11.306 -4.248  1.00 17.32 ? 68  THR A N   1 
ATOM   505  C  CA  . THR A 1 68 ? 13.999  -10.056 -4.815  1.00 19.33 ? 68  THR A CA  1 
ATOM   506  C  C   . THR A 1 68 ? 13.000  -9.385  -3.881  1.00 20.79 ? 68  THR A C   1 
ATOM   507  O  O   . THR A 1 68 ? 12.544  -9.962  -2.886  1.00 19.65 ? 68  THR A O   1 
ATOM   508  C  CB  . THR A 1 68 ? 13.309  -10.278 -6.161  1.00 21.72 ? 68  THR A CB  1 
ATOM   509  O  OG1 . THR A 1 68 ? 12.124  -11.049 -5.948  1.00 21.60 ? 68  THR A OG1 1 
ATOM   510  C  CG2 . THR A 1 68 ? 14.214  -10.994 -7.118  1.00 18.55 ? 68  THR A CG2 1 
ATOM   511  N  N   . VAL A 1 69 ? 12.653  -8.146  -4.231  1.00 17.21 ? 69  VAL A N   1 
ATOM   512  C  CA  . VAL A 1 69 ? 11.606  -7.431  -3.514  1.00 17.15 ? 69  VAL A CA  1 
ATOM   513  C  C   . VAL A 1 69 ? 10.290  -8.191  -3.606  1.00 14.51 ? 69  VAL A C   1 
ATOM   514  O  O   . VAL A 1 69 ? 9.567   -8.328  -2.615  1.00 12.65 ? 69  VAL A O   1 
ATOM   515  C  CB  . VAL A 1 69 ? 11.471  -6.000  -4.065  1.00 21.50 ? 69  VAL A CB  1 
ATOM   516  C  CG1 . VAL A 1 69 ? 10.232  -5.313  -3.504  1.00 18.53 ? 69  VAL A CG1 1 
ATOM   517  C  CG2 . VAL A 1 69 ? 12.706  -5.206  -3.752  1.00 24.02 ? 69  VAL A CG2 1 
ATOM   518  N  N   . GLY A 1 70 ? 9.976   -8.716  -4.796  1.00 16.24 ? 70  GLY A N   1 
ATOM   519  C  CA  . GLY A 1 70 ? 8.750   -9.479  -4.970  1.00 15.17 ? 70  GLY A CA  1 
ATOM   520  C  C   . GLY A 1 70 ? 8.675   -10.699 -4.076  1.00 15.44 ? 70  GLY A C   1 
ATOM   521  O  O   . GLY A 1 70 ? 7.585   -11.078 -3.635  1.00 17.93 ? 70  GLY A O   1 
ATOM   522  N  N   . ASP A 1 71 ? 9.823   -11.310 -3.777  1.00 16.79 ? 71  ASP A N   1 
ATOM   523  C  CA  . ASP A 1 71 ? 9.852   -12.452 -2.862  1.00 14.53 ? 71  ASP A CA  1 
ATOM   524  C  C   . ASP A 1 71 ? 9.356   -12.058 -1.484  1.00 16.66 ? 71  ASP A C   1 
ATOM   525  O  O   . ASP A 1 71 ? 8.599   -12.803 -0.846  1.00 19.80 ? 71  ASP A O   1 
ATOM   526  C  CB  . ASP A 1 71 ? 11.274  -13.000 -2.744  1.00 14.98 ? 71  ASP A CB  1 
ATOM   527  C  CG  . ASP A 1 71 ? 11.679  -13.837 -3.928  1.00 19.24 ? 71  ASP A CG  1 
ATOM   528  O  OD1 . ASP A 1 71 ? 10.778  -14.284 -4.664  1.00 17.79 ? 71  ASP A OD1 1 
ATOM   529  O  OD2 . ASP A 1 71 ? 12.902  -14.055 -4.114  1.00 19.72 ? 71  ASP A OD2 1 
ATOM   530  N  N   . ILE A 1 72 ? 9.825   -10.910 -0.978  1.00 15.56 ? 72  ILE A N   1 
ATOM   531  C  CA  . ILE A 1 72 ? 9.392   -10.397 0.317   1.00 19.85 ? 72  ILE A CA  1 
ATOM   532  C  C   . ILE A 1 72 ? 7.891   -10.161 0.320   1.00 14.43 ? 72  ILE A C   1 
ATOM   533  O  O   . ILE A 1 72 ? 7.172   -10.604 1.216   1.00 14.85 ? 72  ILE A O   1 
ATOM   534  C  CB  . ILE A 1 72 ? 10.146  -9.102  0.669   1.00 15.98 ? 72  ILE A CB  1 
ATOM   535  C  CG1 . ILE A 1 72 ? 11.599  -9.391  0.977   1.00 17.93 ? 72  ILE A CG1 1 
ATOM   536  C  CG2 . ILE A 1 72 ? 9.470   -8.372  1.820   1.00 22.48 ? 72  ILE A CG2 1 
ATOM   537  C  CD1 . ILE A 1 72 ? 12.500  -8.241  0.634   1.00 18.22 ? 72  ILE A CD1 1 
ATOM   538  N  N   . VAL A 1 73 ? 7.403   -9.439  -0.694  1.00 14.23 ? 73  VAL A N   1 
ATOM   539  C  CA  . VAL A 1 73 ? 5.970   -9.162  -0.762  1.00 14.11 ? 73  VAL A CA  1 
ATOM   540  C  C   . VAL A 1 73 ? 5.184   -10.463 -0.755  1.00 17.39 ? 73  VAL A C   1 
ATOM   541  O  O   . VAL A 1 73 ? 4.251   -10.642 0.049   1.00 12.90 ? 73  VAL A O   1 
ATOM   542  C  CB  . VAL A 1 73 ? 5.649   -8.318  -2.006  1.00 10.93 ? 73  VAL A CB  1 
ATOM   543  C  CG1 . VAL A 1 73 ? 4.178   -8.002  -2.039  1.00 15.68 ? 73  VAL A CG1 1 
ATOM   544  C  CG2 . VAL A 1 73 ? 6.471   -7.058  -2.019  1.00 12.48 ? 73  VAL A CG2 1 
ATOM   545  N  N   . SER A 1 74 ? 5.576   -11.427 -1.604  1.00 14.35 ? 74  SER A N   1 
ATOM   546  C  CA  . SER A 1 74 ? 4.819   -12.674 -1.687  1.00 15.58 ? 74  SER A CA  1 
ATOM   547  C  C   . SER A 1 74 ? 4.878   -13.447 -0.380  1.00 16.18 ? 74  SER A C   1 
ATOM   548  O  O   . SER A 1 74 ? 3.880   -14.031 0.050   1.00 16.81 ? 74  SER A O   1 
ATOM   549  C  CB  . SER A 1 74 ? 5.318   -13.547 -2.834  1.00 14.60 ? 74  SER A CB  1 
ATOM   550  O  OG  . SER A 1 74 ? 4.814   -13.058 -4.069  1.00 19.59 ? 74  SER A OG  1 
ATOM   551  N  N   . TYR A 1 75 ? 6.034   -13.458 0.277   1.00 15.38 ? 75  TYR A N   1 
ATOM   552  C  CA  . TYR A 1 75 ? 6.090   -14.124 1.565   1.00 17.64 ? 75  TYR A CA  1 
ATOM   553  C  C   . TYR A 1 75 ? 5.160   -13.445 2.568   1.00 18.91 ? 75  TYR A C   1 
ATOM   554  O  O   . TYR A 1 75 ? 4.426   -14.121 3.296   1.00 21.09 ? 75  TYR A O   1 
ATOM   555  C  CB  . TYR A 1 75 ? 7.531   -14.173 2.065   1.00 20.02 ? 75  TYR A CB  1 
ATOM   556  C  CG  . TYR A 1 75 ? 7.742   -15.153 3.186   1.00 26.02 ? 75  TYR A CG  1 
ATOM   557  C  CD1 . TYR A 1 75 ? 8.237   -16.428 2.938   1.00 36.89 ? 75  TYR A CD1 1 
ATOM   558  C  CD2 . TYR A 1 75 ? 7.435   -14.813 4.503   1.00 34.49 ? 75  TYR A CD2 1 
ATOM   559  C  CE1 . TYR A 1 75 ? 8.424   -17.337 3.973   1.00 36.36 ? 75  TYR A CE1 1 
ATOM   560  C  CE2 . TYR A 1 75 ? 7.618   -15.717 5.542   1.00 35.01 ? 75  TYR A CE2 1 
ATOM   561  C  CZ  . TYR A 1 75 ? 8.114   -16.972 5.273   1.00 37.76 ? 75  TYR A CZ  1 
ATOM   562  O  OH  . TYR A 1 75 ? 8.295   -17.859 6.318   1.00 44.07 ? 75  TYR A OH  1 
ATOM   563  N  N   . ILE A 1 76 ? 5.143   -12.108 2.591   1.00 15.03 ? 76  ILE A N   1 
ATOM   564  C  CA  . ILE A 1 76 ? 4.224   -11.398 3.479   1.00 14.95 ? 76  ILE A CA  1 
ATOM   565  C  C   . ILE A 1 76 ? 2.781   -11.688 3.098   1.00 24.24 ? 76  ILE A C   1 
ATOM   566  O  O   . ILE A 1 76 ? 1.936   -11.950 3.969   1.00 23.36 ? 76  ILE A O   1 
ATOM   567  C  CB  . ILE A 1 76 ? 4.512   -9.884  3.466   1.00 13.73 ? 76  ILE A CB  1 
ATOM   568  C  CG1 . ILE A 1 76 ? 5.906   -9.606  4.016   1.00 15.08 ? 76  ILE A CG1 1 
ATOM   569  C  CG2 . ILE A 1 76 ? 3.533   -9.171  4.340   1.00 14.24 ? 76  ILE A CG2 1 
ATOM   570  C  CD1 . ILE A 1 76 ? 6.358   -8.194  3.803   1.00 15.35 ? 76  ILE A CD1 1 
ATOM   571  N  N   . GLU A 1 77 ? 2.477   -11.661 1.792   1.00 15.97 ? 77  GLU A N   1 
ATOM   572  C  CA  . GLU A 1 77 ? 1.103   -11.822 1.352   1.00 20.85 ? 77  GLU A CA  1 
ATOM   573  C  C   . GLU A 1 77 ? 0.546   -13.187 1.728   1.00 19.31 ? 77  GLU A C   1 
ATOM   574  O  O   . GLU A 1 77 ? -0.639  -13.302 2.053   1.00 20.25 ? 77  GLU A O   1 
ATOM   575  C  CB  . GLU A 1 77 ? 1.001   -11.603 -0.160  1.00 19.39 ? 77  GLU A CB  1 
ATOM   576  C  CG  . GLU A 1 77 ? -0.428  -11.620 -0.655  1.00 20.94 ? 77  GLU A CG  1 
ATOM   577  C  CD  . GLU A 1 77 ? -0.530  -11.398 -2.157  1.00 29.59 ? 77  GLU A CD  1 
ATOM   578  O  OE1 . GLU A 1 77 ? -1.635  -11.029 -2.621  1.00 26.05 ? 77  GLU A OE1 1 
ATOM   579  O  OE2 . GLU A 1 77 ? 0.487   -11.603 -2.870  1.00 28.26 ? 77  GLU A OE2 1 
ATOM   580  N  N   . LYS A 1 78 ? 1.379   -14.223 1.719   1.00 20.20 ? 78  LYS A N   1 
ATOM   581  C  CA  . LYS A 1 78 ? 0.881   -15.550 2.075   1.00 30.12 ? 78  LYS A CA  1 
ATOM   582  C  C   . LYS A 1 78 ? 0.625   -15.679 3.576   1.00 27.24 ? 78  LYS A C   1 
ATOM   583  O  O   . LYS A 1 78 ? -0.322  -16.358 3.983   1.00 28.98 ? 78  LYS A O   1 
ATOM   584  C  CB  . LYS A 1 78 ? 1.862   -16.627 1.609   1.00 28.66 ? 78  LYS A CB  1 
ATOM   585  C  CG  . LYS A 1 78 ? 1.477   -18.036 2.063   1.00 42.96 ? 78  LYS A CG  1 
ATOM   586  C  CD  . LYS A 1 78 ? 2.035   -19.124 1.152   1.00 50.23 ? 78  LYS A CD  1 
ATOM   587  C  CE  . LYS A 1 78 ? 3.540   -19.010 0.993   1.00 51.23 ? 78  LYS A CE  1 
ATOM   588  N  NZ  . LYS A 1 78 ? 4.270   -19.669 2.113   1.00 62.23 ? 78  LYS A NZ  1 
ATOM   589  N  N   . LYS A 1 79 ? 1.405   -15.005 4.410   1.00 23.65 ? 79  LYS A N   1 
ATOM   590  C  CA  . LYS A 1 79 ? 1.136   -15.076 5.844   1.00 34.26 ? 79  LYS A CA  1 
ATOM   591  C  C   . LYS A 1 79 ? -0.088  -14.269 6.253   1.00 35.46 ? 79  LYS A C   1 
ATOM   592  O  O   . LYS A 1 79 ? -0.523  -14.369 7.402   1.00 44.36 ? 79  LYS A O   1 
ATOM   593  C  CB  . LYS A 1 79 ? 2.356   -14.598 6.643   1.00 28.62 ? 79  LYS A CB  1 
ATOM   594  C  CG  . LYS A 1 79 ? 3.380   -15.693 6.962   1.00 34.21 ? 79  LYS A CG  1 
ATOM   595  C  CD  . LYS A 1 79 ? 4.484   -15.803 5.930   1.00 36.78 ? 79  LYS A CD  1 
ATOM   596  C  CE  . LYS A 1 79 ? 5.332   -17.051 6.181   1.00 42.72 ? 79  LYS A CE  1 
ATOM   597  N  NZ  . LYS A 1 79 ? 4.499   -18.279 6.418   1.00 44.71 ? 79  LYS A NZ  1 
ATOM   598  N  N   . LEU A 1 80 ? -0.649  -13.473 5.357   1.00 33.68 ? 80  LEU A N   1 
ATOM   599  C  CA  . LEU A 1 80 ? -1.873  -12.741 5.647   1.00 33.30 ? 80  LEU A CA  1 
ATOM   600  C  C   . LEU A 1 80 ? -2.685  -12.502 4.386   1.00 41.81 ? 80  LEU A C   1 
ATOM   601  O  O   . LEU A 1 80 ? -3.346  -13.426 3.899   1.00 44.91 ? 80  LEU A O   1 
ATOM   602  C  CB  . LEU A 1 80 ? -1.573  -11.431 6.379   1.00 38.56 ? 80  LEU A CB  1 
ATOM   603  C  CG  . LEU A 1 80 ? -0.471  -10.418 6.057   1.00 31.61 ? 80  LEU A CG  1 
ATOM   604  C  CD1 . LEU A 1 80 ? -0.716  -9.577  4.834   1.00 28.99 ? 80  LEU A CD1 1 
ATOM   605  C  CD2 . LEU A 1 80 ? -0.408  -9.516  7.277   1.00 33.49 ? 80  LEU A CD2 1 
ATOM   606  N  N   . SER B 1 3  ? 3.781   8.162   0.544   1.00 25.43 ? 3   SER B N   1 
ATOM   607  C  CA  . SER B 1 3  ? 3.482   7.349   1.717   1.00 17.37 ? 3   SER B CA  1 
ATOM   608  C  C   . SER B 1 3  ? 2.068   6.802   1.652   1.00 18.23 ? 3   SER B C   1 
ATOM   609  O  O   . SER B 1 3  ? 1.092   7.552   1.781   1.00 19.62 ? 3   SER B O   1 
ATOM   610  C  CB  . SER B 1 3  ? 3.672   8.153   3.001   1.00 26.21 ? 3   SER B CB  1 
ATOM   611  O  OG  . SER B 1 3  ? 3.081   7.482   4.110   1.00 32.77 ? 3   SER B OG  1 
ATOM   612  N  N   . ARG B 1 4  ? 1.951   5.486   1.450   1.00 15.93 ? 4   ARG B N   1 
ATOM   613  C  CA  . ARG B 1 4  ? 0.632   4.877   1.476   1.00 21.71 ? 4   ARG B CA  1 
ATOM   614  C  C   . ARG B 1 4  ? -0.057  5.143   2.799   1.00 17.03 ? 4   ARG B C   1 
ATOM   615  O  O   . ARG B 1 4  ? -1.269  5.392   2.834   1.00 14.12 ? 4   ARG B O   1 
ATOM   616  C  CB  . ARG B 1 4  ? 0.702   3.375   1.229   1.00 20.07 ? 4   ARG B CB  1 
ATOM   617  C  CG  . ARG B 1 4  ? -0.705  2.753   1.075   1.00 18.01 ? 4   ARG B CG  1 
ATOM   618  C  CD  . ARG B 1 4  ? -0.655  1.590   0.130   1.00 19.71 ? 4   ARG B CD  1 
ATOM   619  N  NE  . ARG B 1 4  ? -1.966  1.094   -0.247  1.00 22.31 ? 4   ARG B NE  1 
ATOM   620  C  CZ  . ARG B 1 4  ? -2.384  1.025   -1.499  1.00 19.31 ? 4   ARG B CZ  1 
ATOM   621  N  NH1 . ARG B 1 4  ? -1.587  1.442   -2.475  1.00 14.68 ? 4   ARG B NH1 1 
ATOM   622  N  NH2 . ARG B 1 4  ? -3.596  0.550   -1.771  1.00 21.57 ? 4   ARG B NH2 1 
ATOM   623  N  N   . GLU B 1 5  ? 0.695   5.073   3.903   1.00 13.57 ? 5   GLU B N   1 
ATOM   624  C  CA  . GLU B 1 5  ? 0.095   5.303   5.210   1.00 14.71 ? 5   GLU B CA  1 
ATOM   625  C  C   . GLU B 1 5  ? -0.478  6.716   5.320   1.00 13.08 ? 5   GLU B C   1 
ATOM   626  O  O   . GLU B 1 5  ? -1.550  6.903   5.890   1.00 12.80 ? 5   GLU B O   1 
ATOM   627  C  CB  . GLU B 1 5  ? 1.123   5.032   6.311   1.00 19.10 ? 5   GLU B CB  1 
ATOM   628  C  CG  . GLU B 1 5  ? 1.266   3.552   6.649   1.00 21.74 ? 5   GLU B CG  1 
ATOM   629  C  CD  . GLU B 1 5  ? 2.572   3.222   7.377   1.00 25.71 ? 5   GLU B CD  1 
ATOM   630  O  OE1 . GLU B 1 5  ? 2.921   2.022   7.421   1.00 24.92 ? 5   GLU B OE1 1 
ATOM   631  O  OE2 . GLU B 1 5  ? 3.238   4.152   7.898   1.00 18.22 ? 5   GLU B OE2 1 
ATOM   632  N  N   . GLU B 1 6  ? 0.205   7.712   4.749   1.00 15.23 ? 6   GLU B N   1 
ATOM   633  C  CA  . GLU B 1 6  ? -0.312  9.080   4.762   1.00 16.41 ? 6   GLU B CA  1 
ATOM   634  C  C   . GLU B 1 6  ? -1.582  9.196   3.934   1.00 16.48 ? 6   GLU B C   1 
ATOM   635  O  O   . GLU B 1 6  ? -2.582  9.770   4.378   1.00 17.54 ? 6   GLU B O   1 
ATOM   636  C  CB  . GLU B 1 6  ? 0.733   10.061  4.221   1.00 19.53 ? 6   GLU B CB  1 
ATOM   637  C  CG  . GLU B 1 6  ? 0.130   11.451  3.966   1.00 24.74 ? 6   GLU B CG  1 
ATOM   638  C  CD  . GLU B 1 6  ? 1.096   12.470  3.344   1.00 32.88 ? 6   GLU B CD  1 
ATOM   639  O  OE1 . GLU B 1 6  ? 2.202   12.095  2.899   1.00 33.87 ? 6   GLU B OE1 1 
ATOM   640  O  OE2 . GLU B 1 6  ? 0.736   13.668  3.304   1.00 39.87 ? 6   GLU B OE2 1 
ATOM   641  N  N   . ILE B 1 7  ? -1.542  8.683   2.708   1.00 15.67 ? 7   ILE B N   1 
ATOM   642  C  CA  . ILE B 1 7  ? -2.680  8.775   1.809   1.00 11.32 ? 7   ILE B CA  1 
ATOM   643  C  C   . ILE B 1 7  ? -3.881  8.053   2.401   1.00 13.10 ? 7   ILE B C   1 
ATOM   644  O  O   . ILE B 1 7  ? -5.000  8.584   2.434   1.00 10.66 ? 7   ILE B O   1 
ATOM   645  C  CB  . ILE B 1 7  ? -2.302  8.197   0.437   1.00 15.33 ? 7   ILE B CB  1 
ATOM   646  C  CG1 . ILE B 1 7  ? -1.171  9.027   -0.187  1.00 13.40 ? 7   ILE B CG1 1 
ATOM   647  C  CG2 . ILE B 1 7  ? -3.528  8.105   -0.456  1.00 11.68 ? 7   ILE B CG2 1 
ATOM   648  C  CD1 . ILE B 1 7  ? -0.523  8.346   -1.386  1.00 17.64 ? 7   ILE B CD1 1 
ATOM   649  N  N   . PHE B 1 8  ? -3.658  6.826   2.880   1.00 12.76 ? 8   PHE B N   1 
ATOM   650  C  CA  . PHE B 1 8  ? -4.762  6.035   3.420   1.00 14.43 ? 8   PHE B CA  1 
ATOM   651  C  C   . PHE B 1 8  ? -5.355  6.686   4.669   1.00 11.69 ? 8   PHE B C   1 
ATOM   652  O  O   . PHE B 1 8  ? -6.572  6.669   4.864   1.00 15.71 ? 8   PHE B O   1 
ATOM   653  C  CB  . PHE B 1 8  ? -4.293  4.606   3.715   1.00 13.15 ? 8   PHE B CB  1 
ATOM   654  C  CG  . PHE B 1 8  ? -5.276  3.812   4.510   1.00 21.52 ? 8   PHE B CG  1 
ATOM   655  C  CD1 . PHE B 1 8  ? -5.087  3.607   5.872   1.00 24.68 ? 8   PHE B CD1 1 
ATOM   656  C  CD2 . PHE B 1 8  ? -6.425  3.328   3.921   1.00 22.90 ? 8   PHE B CD2 1 
ATOM   657  C  CE1 . PHE B 1 8  ? -6.012  2.896   6.611   1.00 28.69 ? 8   PHE B CE1 1 
ATOM   658  C  CE2 . PHE B 1 8  ? -7.350  2.610   4.654   1.00 22.00 ? 8   PHE B CE2 1 
ATOM   659  C  CZ  . PHE B 1 8  ? -7.149  2.395   5.994   1.00 26.54 ? 8   PHE B CZ  1 
ATOM   660  N  N   . SER B 1 9  ? -4.526  7.273   5.524   1.00 12.43 ? 9   SER B N   1 
ATOM   661  C  CA  . SER B 1 9  ? -5.062  7.940   6.704   1.00 14.97 ? 9   SER B CA  1 
ATOM   662  C  C   . SER B 1 9  ? -6.014  9.073   6.324   1.00 14.06 ? 9   SER B C   1 
ATOM   663  O  O   . SER B 1 9  ? -7.119  9.189   6.873   1.00 14.93 ? 9   SER B O   1 
ATOM   664  C  CB  . SER B 1 9  ? -3.911  8.460   7.559   1.00 19.20 ? 9   SER B CB  1 
ATOM   665  O  OG  . SER B 1 9  ? -4.404  9.214   8.648   1.00 22.53 ? 9   SER B OG  1 
ATOM   666  N  N   . LYS B 1 10 ? -5.598  9.925   5.387   1.00 14.16 ? 10  LYS B N   1 
ATOM   667  C  CA  . LYS B 1 10 ? -6.424  11.065  4.990   1.00 14.14 ? 10  LYS B CA  1 
ATOM   668  C  C   . LYS B 1 10 ? -7.658  10.614  4.211   1.00 17.07 ? 10  LYS B C   1 
ATOM   669  O  O   . LYS B 1 10 ? -8.748  11.181  4.387   1.00 14.83 ? 10  LYS B O   1 
ATOM   670  C  CB  . LYS B 1 10 ? -5.595  12.041  4.161   1.00 12.19 ? 10  LYS B CB  1 
ATOM   671  C  CG  . LYS B 1 10 ? -4.451  12.754  4.913   1.00 13.67 ? 10  LYS B CG  1 
ATOM   672  C  CD  . LYS B 1 10 ? -3.723  13.691  3.918   1.00 15.03 ? 10  LYS B CD  1 
ATOM   673  C  CE  . LYS B 1 10 ? -2.985  14.809  4.620   1.00 22.09 ? 10  LYS B CE  1 
ATOM   674  N  NZ  . LYS B 1 10 ? -1.546  14.482  4.793   1.00 24.77 ? 10  LYS B NZ  1 
ATOM   675  N  N   . VAL B 1 11 ? -7.505  9.604   3.341   1.00 11.29 ? 11  VAL B N   1 
ATOM   676  C  CA  . VAL B 1 11 ? -8.659  9.042   2.642   1.00 13.99 ? 11  VAL B CA  1 
ATOM   677  C  C   . VAL B 1 11 ? -9.656  8.479   3.649   1.00 13.10 ? 11  VAL B C   1 
ATOM   678  O  O   . VAL B 1 11 ? -10.874 8.589   3.475   1.00 13.87 ? 11  VAL B O   1 
ATOM   679  C  CB  . VAL B 1 11 ? -8.204  7.965   1.633   1.00 12.87 ? 11  VAL B CB  1 
ATOM   680  C  CG1 . VAL B 1 11 ? -9.384  7.008   1.293   1.00 10.47 ? 11  VAL B CG1 1 
ATOM   681  C  CG2 . VAL B 1 11 ? -7.630  8.616   0.353   1.00 9.36  ? 11  VAL B CG2 1 
ATOM   682  N  N   . LYS B 1 12 ? -9.159  7.869   4.717   1.00 12.57 ? 12  LYS B N   1 
ATOM   683  C  CA  . LYS B 1 12 ? -10.055 7.226   5.668   1.00 14.87 ? 12  LYS B CA  1 
ATOM   684  C  C   . LYS B 1 12 ? -10.840 8.257   6.467   1.00 16.72 ? 12  LYS B C   1 
ATOM   685  O  O   . LYS B 1 12 ? -12.029 8.054   6.760   1.00 14.78 ? 12  LYS B O   1 
ATOM   686  C  CB  . LYS B 1 12 ? -9.252  6.300   6.577   1.00 21.26 ? 12  LYS B CB  1 
ATOM   687  C  CG  . LYS B 1 12 ? -9.933  5.946   7.887   1.00 26.01 ? 12  LYS B CG  1 
ATOM   688  C  CD  . LYS B 1 12 ? -9.126  4.918   8.658   1.00 24.77 ? 12  LYS B CD  1 
ATOM   689  C  CE  . LYS B 1 12 ? -7.786  5.474   9.128   1.00 24.74 ? 12  LYS B CE  1 
ATOM   690  N  NZ  . LYS B 1 12 ? -7.861  6.952   9.367   1.00 34.66 ? 12  LYS B NZ  1 
ATOM   691  N  N   . SER B 1 13 ? -10.199 9.385   6.802   1.00 14.44 ? 13  SER B N   1 
ATOM   692  C  CA  . SER B 1 13 ? -10.891 10.455  7.505   1.00 11.58 ? 13  SER B CA  1 
ATOM   693  C  C   . SER B 1 13 ? -11.977 11.079  6.633   1.00 17.22 ? 13  SER B C   1 
ATOM   694  O  O   . SER B 1 13 ? -13.120 11.260  7.078   1.00 14.81 ? 13  SER B O   1 
ATOM   695  C  CB  . SER B 1 13 ? -9.879  11.506  7.967   1.00 12.93 ? 13  SER B CB  1 
ATOM   696  O  OG  . SER B 1 13 ? -9.083  10.966  9.018   1.00 19.40 ? 13  SER B OG  1 
ATOM   697  N  N   . ILE B 1 14 ? -11.645 11.401  5.378   1.00 14.16 ? 14  ILE B N   1 
ATOM   698  C  CA  . ILE B 1 14 ? -12.642 12.008  4.500   1.00 15.05 ? 14  ILE B CA  1 
ATOM   699  C  C   . ILE B 1 14 ? -13.841 11.079  4.341   1.00 14.52 ? 14  ILE B C   1 
ATOM   700  O  O   . ILE B 1 14 ? -14.988 11.513  4.450   1.00 14.11 ? 14  ILE B O   1 
ATOM   701  C  CB  . ILE B 1 14 ? -12.027 12.368  3.132   1.00 15.96 ? 14  ILE B CB  1 
ATOM   702  C  CG1 . ILE B 1 14 ? -10.958 13.463  3.266   1.00 22.31 ? 14  ILE B CG1 1 
ATOM   703  C  CG2 . ILE B 1 14 ? -13.101 12.863  2.204   1.00 16.71 ? 14  ILE B CG2 1 
ATOM   704  C  CD1 . ILE B 1 14 ? -10.104 13.679  1.985   1.00 15.67 ? 14  ILE B CD1 1 
ATOM   705  N  N   . ILE B 1 15 ? -13.597 9.779   4.118   1.00 18.15 ? 15  ILE B N   1 
ATOM   706  C  CA  . ILE B 1 15 ? -14.714 8.848   3.928   1.00 19.32 ? 15  ILE B CA  1 
ATOM   707  C  C   . ILE B 1 15 ? -15.576 8.804   5.180   1.00 16.66 ? 15  ILE B C   1 
ATOM   708  O  O   . ILE B 1 15 ? -16.812 8.836   5.112   1.00 18.24 ? 15  ILE B O   1 
ATOM   709  C  CB  . ILE B 1 15 ? -14.203 7.445   3.555   1.00 16.42 ? 15  ILE B CB  1 
ATOM   710  C  CG1 . ILE B 1 15 ? -13.679 7.418   2.119   1.00 18.97 ? 15  ILE B CG1 1 
ATOM   711  C  CG2 . ILE B 1 15 ? -15.312 6.417   3.716   1.00 17.71 ? 15  ILE B CG2 1 
ATOM   712  C  CD1 . ILE B 1 15 ? -13.148 6.052   1.705   1.00 13.80 ? 15  ILE B CD1 1 
ATOM   713  N  N   . SER B 1 16 ? -14.932 8.746   6.343   1.00 16.83 ? 16  SER B N   1 
ATOM   714  C  CA  . SER B 1 16 ? -15.656 8.712   7.603   1.00 16.66 ? 16  SER B CA  1 
ATOM   715  C  C   . SER B 1 16 ? -16.449 9.997   7.805   1.00 20.97 ? 16  SER B C   1 
ATOM   716  O  O   . SER B 1 16 ? -17.602 9.955   8.247   1.00 22.03 ? 16  SER B O   1 
ATOM   717  C  CB  . SER B 1 16 ? -14.664 8.480   8.750   1.00 22.90 ? 16  SER B CB  1 
ATOM   718  O  OG  . SER B 1 16 ? -15.298 8.328   10.009  1.00 23.89 ? 16  SER B OG  1 
ATOM   719  N  N   . GLU B 1 17 ? -15.852 11.152  7.479   1.00 20.05 ? 17  GLU B N   1 
ATOM   720  C  CA  . GLU B 1 17 ? -16.533 12.431  7.679   1.00 23.70 ? 17  GLU B CA  1 
ATOM   721  C  C   . GLU B 1 17 ? -17.768 12.559  6.796   1.00 26.93 ? 17  GLU B C   1 
ATOM   722  O  O   . GLU B 1 17 ? -18.803 13.070  7.233   1.00 26.95 ? 17  GLU B O   1 
ATOM   723  C  CB  . GLU B 1 17 ? -15.578 13.603  7.403   1.00 18.69 ? 17  GLU B CB  1 
ATOM   724  C  CG  . GLU B 1 17 ? -14.454 13.781  8.396   1.00 17.95 ? 17  GLU B CG  1 
ATOM   725  C  CD  . GLU B 1 17 ? -13.367 14.727  7.881   1.00 21.71 ? 17  GLU B CD  1 
ATOM   726  O  OE1 . GLU B 1 17 ? -12.409 15.032  8.644   1.00 17.60 ? 17  GLU B OE1 1 
ATOM   727  O  OE2 . GLU B 1 17 ? -13.482 15.180  6.714   1.00 21.11 ? 17  GLU B OE2 1 
ATOM   728  N  N   . LYS B 1 18 ? -17.669 12.122  5.542   1.00 23.33 ? 18  LYS B N   1 
ATOM   729  C  CA  . LYS B 1 18 ? -18.708 12.367  4.551   1.00 22.16 ? 18  LYS B CA  1 
ATOM   730  C  C   . LYS B 1 18 ? -19.720 11.231  4.451   1.00 23.52 ? 18  LYS B C   1 
ATOM   731  O  O   . LYS B 1 18 ? -20.897 11.494  4.195   1.00 26.59 ? 18  LYS B O   1 
ATOM   732  C  CB  . LYS B 1 18 ? -18.040 12.660  3.198   1.00 23.62 ? 18  LYS B CB  1 
ATOM   733  C  CG  . LYS B 1 18 ? -17.552 14.099  3.213   1.00 27.21 ? 18  LYS B CG  1 
ATOM   734  C  CD  . LYS B 1 18 ? -16.251 14.321  2.470   1.00 35.18 ? 18  LYS B CD  1 
ATOM   735  C  CE  . LYS B 1 18 ? -15.739 15.767  2.673   1.00 37.65 ? 18  LYS B CE  1 
ATOM   736  N  NZ  . LYS B 1 18 ? -14.471 16.092  1.949   1.00 30.85 ? 18  LYS B NZ  1 
ATOM   737  N  N   . LEU B 1 19 ? -19.294 9.975   4.599   1.00 24.04 ? 19  LEU B N   1 
ATOM   738  C  CA  . LEU B 1 19 ? -20.221 8.851   4.601   1.00 24.93 ? 19  LEU B CA  1 
ATOM   739  C  C   . LEU B 1 19 ? -20.841 8.600   5.973   1.00 27.84 ? 19  LEU B C   1 
ATOM   740  O  O   . LEU B 1 19 ? -21.838 7.880   6.067   1.00 29.34 ? 19  LEU B O   1 
ATOM   741  C  CB  . LEU B 1 19 ? -19.515 7.570   4.137   1.00 20.88 ? 19  LEU B CB  1 
ATOM   742  C  CG  . LEU B 1 19 ? -19.584 7.181   2.664   1.00 23.91 ? 19  LEU B CG  1 
ATOM   743  C  CD1 . LEU B 1 19 ? -19.239 8.357   1.770   1.00 28.27 ? 19  LEU B CD1 1 
ATOM   744  C  CD2 . LEU B 1 19 ? -18.670 6.023   2.365   1.00 23.56 ? 19  LEU B CD2 1 
ATOM   745  N  N   . GLY B 1 20 ? -20.266 9.147   7.041   1.00 26.33 ? 20  GLY B N   1 
ATOM   746  C  CA  . GLY B 1 20 ? -20.845 8.973   8.355   1.00 23.16 ? 20  GLY B CA  1 
ATOM   747  C  C   . GLY B 1 20 ? -20.477 7.682   9.047   1.00 30.75 ? 20  GLY B C   1 
ATOM   748  O  O   . GLY B 1 20 ? -21.001 7.407   10.132  1.00 39.98 ? 20  GLY B O   1 
ATOM   749  N  N   . VAL B 1 21 ? -19.599 6.884   8.475   1.00 24.46 ? 21  VAL B N   1 
ATOM   750  C  CA  . VAL B 1 21 ? -19.231 5.632   9.109   1.00 24.31 ? 21  VAL B CA  1 
ATOM   751  C  C   . VAL B 1 21 ? -18.076 5.866   10.068  1.00 24.32 ? 21  VAL B C   1 
ATOM   752  O  O   . VAL B 1 21 ? -17.323 6.836   9.958   1.00 26.25 ? 21  VAL B O   1 
ATOM   753  C  CB  . VAL B 1 21 ? -18.879 4.559   8.062   1.00 26.10 ? 21  VAL B CB  1 
ATOM   754  C  CG1 . VAL B 1 21 ? -19.988 4.426   7.054   1.00 24.64 ? 21  VAL B CG1 1 
ATOM   755  C  CG2 . VAL B 1 21 ? -17.590 4.926   7.362   1.00 22.51 ? 21  VAL B CG2 1 
ATOM   756  N  N   . ASP B 1 22 ? -17.900 4.914   10.978  1.00 26.51 ? 22  ASP B N   1 
ATOM   757  C  CA  . ASP B 1 22 ? -16.818 4.967   11.931  1.00 25.76 ? 22  ASP B CA  1 
ATOM   758  C  C   . ASP B 1 22 ? -15.544 4.532   11.237  1.00 23.34 ? 22  ASP B C   1 
ATOM   759  O  O   . ASP B 1 22 ? -15.567 3.681   10.345  1.00 25.48 ? 22  ASP B O   1 
ATOM   760  C  CB  . ASP B 1 22 ? -17.097 4.044   13.115  1.00 30.91 ? 22  ASP B CB  1 
ATOM   761  C  CG  . ASP B 1 22 ? -16.024 4.120   14.164  1.00 38.78 ? 22  ASP B CG  1 
ATOM   762  O  OD1 . ASP B 1 22 ? -14.962 3.490   13.954  1.00 42.33 ? 22  ASP B OD1 1 
ATOM   763  O  OD2 . ASP B 1 22 ? -16.235 4.791   15.201  1.00 52.50 ? 22  ASP B OD2 1 
ATOM   764  N  N   . GLU B 1 23 ? -14.424 5.115   11.665  1.00 20.75 ? 23  GLU B N   1 
ATOM   765  C  CA  . GLU B 1 23 ? -13.156 4.850   10.992  1.00 27.29 ? 23  GLU B CA  1 
ATOM   766  C  C   . GLU B 1 23 ? -12.750 3.388   11.086  1.00 27.32 ? 23  GLU B C   1 
ATOM   767  O  O   . GLU B 1 23 ? -12.000 2.913   10.228  1.00 25.64 ? 23  GLU B O   1 
ATOM   768  C  CB  . GLU B 1 23 ? -12.042 5.730   11.566  1.00 28.80 ? 23  GLU B CB  1 
ATOM   769  C  CG  . GLU B 1 23 ? -12.095 7.187   11.135  1.00 29.64 ? 23  GLU B CG  1 
ATOM   770  C  CD  . GLU B 1 23 ? -10.742 7.867   11.278  1.00 38.94 ? 23  GLU B CD  1 
ATOM   771  O  OE1 . GLU B 1 23 ? -9.934  7.389   12.101  1.00 44.22 ? 23  GLU B OE1 1 
ATOM   772  O  OE2 . GLU B 1 23 ? -10.487 8.887   10.593  1.00 43.41 ? 23  GLU B OE2 1 
ATOM   773  N  N   . SER B 1 24 ? -13.240 2.665   12.103  1.00 28.37 ? 24  SER B N   1 
ATOM   774  C  CA  . SER B 1 24 ? -12.923 1.252   12.269  1.00 25.21 ? 24  SER B CA  1 
ATOM   775  C  C   . SER B 1 24 ? -13.380 0.400   11.096  1.00 26.58 ? 24  SER B C   1 
ATOM   776  O  O   . SER B 1 24 ? -12.842 -0.694  10.898  1.00 26.22 ? 24  SER B O   1 
ATOM   777  C  CB  . SER B 1 24 ? -13.603 0.704   13.518  1.00 24.80 ? 24  SER B CB  1 
ATOM   778  O  OG  . SER B 1 24 ? -15.006 0.945   13.447  1.00 24.50 ? 24  SER B OG  1 
ATOM   779  N  N   . GLN B 1 25 ? -14.384 0.857   10.343  1.00 25.27 ? 25  GLN B N   1 
ATOM   780  C  CA  . GLN B 1 25 ? -14.916 0.130   9.198   1.00 23.98 ? 25  GLN B CA  1 
ATOM   781  C  C   . GLN B 1 25 ? -14.147 0.399   7.912   1.00 19.93 ? 25  GLN B C   1 
ATOM   782  O  O   . GLN B 1 25 ? -14.347 -0.324  6.925   1.00 19.81 ? 25  GLN B O   1 
ATOM   783  C  CB  . GLN B 1 25 ? -16.399 0.504   8.970   1.00 20.35 ? 25  GLN B CB  1 
ATOM   784  C  CG  . GLN B 1 25 ? -17.245 0.590   10.237  1.00 27.11 ? 25  GLN B CG  1 
ATOM   785  C  CD  . GLN B 1 25 ? -18.621 1.254   10.035  1.00 37.45 ? 25  GLN B CD  1 
ATOM   786  O  OE1 . GLN B 1 25 ? -18.964 2.230   10.725  1.00 35.77 ? 25  GLN B OE1 1 
ATOM   787  N  NE2 . GLN B 1 25 ? -19.413 0.726   9.095   1.00 32.17 ? 25  GLN B NE2 1 
ATOM   788  N  N   . VAL B 1 26 ? -13.292 1.418   7.882   1.00 18.90 ? 26  VAL B N   1 
ATOM   789  C  CA  . VAL B 1 26 ? -12.640 1.845   6.648   1.00 24.05 ? 26  VAL B CA  1 
ATOM   790  C  C   . VAL B 1 26 ? -11.277 1.164   6.610   1.00 23.71 ? 26  VAL B C   1 
ATOM   791  O  O   . VAL B 1 26 ? -10.319 1.594   7.258   1.00 27.55 ? 26  VAL B O   1 
ATOM   792  C  CB  . VAL B 1 26 ? -12.529 3.368   6.543   1.00 22.70 ? 26  VAL B CB  1 
ATOM   793  C  CG1 . VAL B 1 26 ? -11.885 3.749   5.207   1.00 20.38 ? 26  VAL B CG1 1 
ATOM   794  C  CG2 . VAL B 1 26 ? -13.911 4.021   6.686   1.00 23.26 ? 26  VAL B CG2 1 
ATOM   795  N  N   . THR B 1 27 ? -11.209 0.069   5.871   1.00 19.98 ? 27  THR B N   1 
ATOM   796  C  CA  . THR B 1 27 ? -9.988  -0.679  5.648   1.00 20.55 ? 27  THR B CA  1 
ATOM   797  C  C   . THR B 1 27 ? -9.702  -0.696  4.156   1.00 20.33 ? 27  THR B C   1 
ATOM   798  O  O   . THR B 1 27 ? -10.564 -0.366  3.335   1.00 22.42 ? 27  THR B O   1 
ATOM   799  C  CB  . THR B 1 27 ? -10.115 -2.114  6.172   1.00 15.68 ? 27  THR B CB  1 
ATOM   800  O  OG1 . THR B 1 27 ? -11.134 -2.779  5.427   1.00 22.95 ? 27  THR B OG1 1 
ATOM   801  C  CG2 . THR B 1 27 ? -10.494 -2.128  7.654   1.00 22.08 ? 27  THR B CG2 1 
ATOM   802  N  N   . GLU B 1 28 ? -8.480  -1.109  3.817   1.00 20.81 ? 28  GLU B N   1 
ATOM   803  C  CA  . GLU B 1 28 ? -8.079  -1.271  2.418   1.00 25.31 ? 28  GLU B CA  1 
ATOM   804  C  C   . GLU B 1 28 ? -9.015  -2.190  1.641   1.00 24.67 ? 28  GLU B C   1 
ATOM   805  O  O   . GLU B 1 28 ? -9.158  -2.038  0.424   1.00 26.44 ? 28  GLU B O   1 
ATOM   806  C  CB  . GLU B 1 28 ? -6.653  -1.809  2.346   1.00 30.96 ? 28  GLU B CB  1 
ATOM   807  C  CG  . GLU B 1 28 ? -5.610  -0.805  2.799   1.00 30.28 ? 28  GLU B CG  1 
ATOM   808  C  CD  . GLU B 1 28 ? -4.902  -0.166  1.634   1.00 27.75 ? 28  GLU B CD  1 
ATOM   809  O  OE1 . GLU B 1 28 ? -4.865  -0.785  0.551   1.00 27.83 ? 28  GLU B OE1 1 
ATOM   810  O  OE2 . GLU B 1 28 ? -4.364  0.950   1.801   1.00 31.49 ? 28  GLU B OE2 1 
ATOM   811  N  N   . GLU B 1 29 ? -9.623  -3.170  2.305   1.00 25.65 ? 29  GLU B N   1 
ATOM   812  C  CA  . GLU B 1 29 ? -10.464 -4.152  1.623   1.00 24.83 ? 29  GLU B CA  1 
ATOM   813  C  C   . GLU B 1 29 ? -11.913 -3.724  1.533   1.00 23.07 ? 29  GLU B C   1 
ATOM   814  O  O   . GLU B 1 29 ? -12.696 -4.370  0.829   1.00 27.73 ? 29  GLU B O   1 
ATOM   815  C  CB  . GLU B 1 29 ? -10.442 -5.508  2.340   1.00 26.10 ? 29  GLU B CB  1 
ATOM   816  C  CG  . GLU B 1 29 ? -9.162  -6.305  2.251   1.00 28.50 ? 29  GLU B CG  1 
ATOM   817  C  CD  . GLU B 1 29 ? -8.015  -5.655  2.994   1.00 36.74 ? 29  GLU B CD  1 
ATOM   818  O  OE1 . GLU B 1 29 ? -8.215  -5.187  4.148   1.00 36.80 ? 29  GLU B OE1 1 
ATOM   819  O  OE2 . GLU B 1 29 ? -6.909  -5.614  2.410   1.00 37.58 ? 29  GLU B OE2 1 
ATOM   820  N  N   . ALA B 1 30 ? -12.280 -2.645  2.198   1.00 17.45 ? 30  ALA B N   1 
ATOM   821  C  CA  . ALA B 1 30 ? -13.679 -2.268  2.303   1.00 18.58 ? 30  ALA B CA  1 
ATOM   822  C  C   . ALA B 1 30 ? -14.266 -1.853  0.962   1.00 22.75 ? 30  ALA B C   1 
ATOM   823  O  O   . ALA B 1 30 ? -13.717 -0.991  0.267   1.00 22.90 ? 30  ALA B O   1 
ATOM   824  C  CB  . ALA B 1 30 ? -13.828 -1.122  3.301   1.00 19.90 ? 30  ALA B CB  1 
ATOM   825  N  N   . LYS B 1 31 ? -15.414 -2.437  0.624   1.00 23.60 ? 31  LYS B N   1 
ATOM   826  C  CA  . LYS B 1 31 ? -16.202 -1.994  -0.520  1.00 28.04 ? 31  LYS B CA  1 
ATOM   827  C  C   . LYS B 1 31 ? -16.922 -0.712  -0.193  1.00 22.03 ? 31  LYS B C   1 
ATOM   828  O  O   . LYS B 1 31 ? -17.644 -0.666  0.805   1.00 22.70 ? 31  LYS B O   1 
ATOM   829  C  CB  . LYS B 1 31 ? -17.269 -3.037  -0.809  1.00 30.99 ? 31  LYS B CB  1 
ATOM   830  C  CG  . LYS B 1 31 ? -16.887 -4.300  -1.515  1.00 35.25 ? 31  LYS B CG  1 
ATOM   831  C  CD  . LYS B 1 31 ? -16.831 -3.815  -2.931  1.00 46.70 ? 31  LYS B CD  1 
ATOM   832  C  CE  . LYS B 1 31 ? -17.594 -4.898  -3.780  1.00 47.86 ? 31  LYS B CE  1 
ATOM   833  N  NZ  . LYS B 1 31 ? -17.729 -4.536  -5.254  1.00 48.60 ? 31  LYS B NZ  1 
ATOM   834  N  N   . LEU B 1 32 ? -16.804 0.306   -1.057  1.00 22.24 ? 32  LEU B N   1 
ATOM   835  C  CA  . LEU B 1 32 ? -17.512 1.551   -0.788  1.00 20.32 ? 32  LEU B CA  1 
ATOM   836  C  C   . LEU B 1 32 ? -19.016 1.285   -0.639  1.00 23.31 ? 32  LEU B C   1 
ATOM   837  O  O   . LEU B 1 32 ? -19.607 1.589   0.399   1.00 24.33 ? 32  LEU B O   1 
ATOM   838  C  CB  . LEU B 1 32 ? -17.271 2.594   -1.880  1.00 26.37 ? 32  LEU B CB  1 
ATOM   839  C  CG  . LEU B 1 32 ? -15.935 3.294   -2.144  1.00 26.51 ? 32  LEU B CG  1 
ATOM   840  C  CD1 . LEU B 1 32 ? -15.265 3.797   -0.851  1.00 20.40 ? 32  LEU B CD1 1 
ATOM   841  C  CD2 . LEU B 1 32 ? -14.975 2.437   -2.989  1.00 29.05 ? 32  LEU B CD2 1 
ATOM   842  N  N   . ILE B 1 33 ? -19.605 0.669   -1.652  1.00 21.41 ? 33  ILE B N   1 
ATOM   843  C  CA  . ILE B 1 33 ? -21.050 0.454   -1.624  1.00 26.01 ? 33  ILE B CA  1 
ATOM   844  C  C   . ILE B 1 33 ? -21.401 -0.661  -0.646  1.00 27.99 ? 33  ILE B C   1 
ATOM   845  O  O   . ILE B 1 33 ? -22.125 -0.443  0.324   1.00 28.02 ? 33  ILE B O   1 
ATOM   846  C  CB  . ILE B 1 33 ? -21.578 0.146   -3.034  1.00 29.22 ? 33  ILE B CB  1 
ATOM   847  C  CG1 . ILE B 1 33 ? -21.199 1.276   -4.002  1.00 30.67 ? 33  ILE B CG1 1 
ATOM   848  C  CG2 . ILE B 1 33 ? -23.106 -0.083  -2.991  1.00 29.82 ? 33  ILE B CG2 1 
ATOM   849  C  CD1 . ILE B 1 33 ? -21.991 1.285   -5.279  1.00 27.75 ? 33  ILE B CD1 1 
ATOM   850  N  N   . ASP B 1 34 ? -20.874 -1.861  -0.895  1.00 29.71 ? 34  ASP B N   1 
ATOM   851  C  CA  . ASP B 1 34 ? -21.375 -3.052  -0.213  1.00 30.76 ? 34  ASP B CA  1 
ATOM   852  C  C   . ASP B 1 34 ? -21.070 -3.019  1.281   1.00 34.07 ? 34  ASP B C   1 
ATOM   853  O  O   . ASP B 1 34 ? -21.886 -3.470  2.092   1.00 41.84 ? 34  ASP B O   1 
ATOM   854  C  CB  . ASP B 1 34 ? -20.788 -4.296  -0.872  1.00 34.78 ? 34  ASP B CB  1 
ATOM   855  C  CG  . ASP B 1 34 ? -21.748 -4.939  -1.857  1.00 50.04 ? 34  ASP B CG  1 
ATOM   856  O  OD1 . ASP B 1 34 ? -22.612 -4.220  -2.411  1.00 49.47 ? 34  ASP B OD1 1 
ATOM   857  O  OD2 . ASP B 1 34 ? -21.630 -6.166  -2.091  1.00 55.12 ? 34  ASP B OD2 1 
ATOM   858  N  N   . ASP B 1 35 ? -19.900 -2.510  1.664   1.00 29.22 ? 35  ASP B N   1 
ATOM   859  C  CA  . ASP B 1 35 ? -19.462 -2.504  3.052   1.00 28.10 ? 35  ASP B CA  1 
ATOM   860  C  C   . ASP B 1 35 ? -19.757 -1.187  3.764   1.00 30.84 ? 35  ASP B C   1 
ATOM   861  O  O   . ASP B 1 35 ? -20.289 -1.194  4.877   1.00 32.73 ? 35  ASP B O   1 
ATOM   862  C  CB  . ASP B 1 35 ? -17.952 -2.817  3.135   1.00 25.13 ? 35  ASP B CB  1 
ATOM   863  C  CG  . ASP B 1 35 ? -17.626 -4.251  2.753   1.00 33.23 ? 35  ASP B CG  1 
ATOM   864  O  OD1 . ASP B 1 35 ? -18.380 -5.147  3.187   1.00 35.58 ? 35  ASP B OD1 1 
ATOM   865  O  OD2 . ASP B 1 35 ? -16.635 -4.489  2.010   1.00 27.35 ? 35  ASP B OD2 1 
ATOM   866  N  N   . LEU B 1 36 ? -19.434 -0.054  3.144   1.00 28.35 ? 36  LEU B N   1 
ATOM   867  C  CA  . LEU B 1 36 ? -19.512 1.241   3.808   1.00 25.18 ? 36  LEU B CA  1 
ATOM   868  C  C   . LEU B 1 36 ? -20.812 1.980   3.532   1.00 28.72 ? 36  LEU B C   1 
ATOM   869  O  O   . LEU B 1 36 ? -20.972 3.108   3.996   1.00 24.45 ? 36  LEU B O   1 
ATOM   870  C  CB  . LEU B 1 36 ? -18.314 2.111   3.400   1.00 18.89 ? 36  LEU B CB  1 
ATOM   871  C  CG  . LEU B 1 36 ? -16.960 1.517   3.790   1.00 23.30 ? 36  LEU B CG  1 
ATOM   872  C  CD1 . LEU B 1 36 ? -15.851 2.447   3.353   1.00 22.73 ? 36  LEU B CD1 1 
ATOM   873  C  CD2 . LEU B 1 36 ? -16.890 1.231   5.302   1.00 20.74 ? 36  LEU B CD2 1 
ATOM   874  N  N   . GLY B 1 37 ? -21.732 1.388   2.776   1.00 28.70 ? 37  GLY B N   1 
ATOM   875  C  CA  . GLY B 1 37 ? -23.058 1.953   2.614   1.00 27.22 ? 37  GLY B CA  1 
ATOM   876  C  C   . GLY B 1 37 ? -23.200 3.097   1.635   1.00 26.43 ? 37  GLY B C   1 
ATOM   877  O  O   . GLY B 1 37 ? -24.264 3.724   1.605   1.00 23.92 ? 37  GLY B O   1 
ATOM   878  N  N   . ALA B 1 38 ? -22.184 3.384   0.823   1.00 27.06 ? 38  ALA B N   1 
ATOM   879  C  CA  . ALA B 1 38 ? -22.307 4.451   -0.157  1.00 23.58 ? 38  ALA B CA  1 
ATOM   880  C  C   . ALA B 1 38 ? -23.203 4.020   -1.325  1.00 29.45 ? 38  ALA B C   1 
ATOM   881  O  O   . ALA B 1 38 ? -23.599 2.863   -1.448  1.00 29.82 ? 38  ALA B O   1 
ATOM   882  C  CB  . ALA B 1 38 ? -20.931 4.866   -0.671  1.00 19.33 ? 38  ALA B CB  1 
ATOM   883  N  N   . ASP B 1 39 ? -23.516 4.977   -2.196  1.00 32.91 ? 39  ASP B N   1 
ATOM   884  C  CA  . ASP B 1 39 ? -24.280 4.726   -3.414  1.00 35.78 ? 39  ASP B CA  1 
ATOM   885  C  C   . ASP B 1 39 ? -23.419 5.092   -4.621  1.00 35.52 ? 39  ASP B C   1 
ATOM   886  O  O   . ASP B 1 39 ? -22.329 5.653   -4.484  1.00 36.36 ? 39  ASP B O   1 
ATOM   887  C  CB  . ASP B 1 39 ? -25.611 5.498   -3.425  1.00 31.54 ? 39  ASP B CB  1 
ATOM   888  C  CG  . ASP B 1 39 ? -25.456 6.980   -3.073  1.00 31.85 ? 39  ASP B CG  1 
ATOM   889  O  OD1 . ASP B 1 39 ? -24.730 7.698   -3.793  1.00 35.21 ? 39  ASP B OD1 1 
ATOM   890  O  OD2 . ASP B 1 39 ? -26.111 7.452   -2.114  1.00 33.96 ? 39  ASP B OD2 1 
ATOM   891  N  N   . SER B 1 40 ? -23.927 4.790   -5.818  1.00 36.14 ? 40  SER B N   1 
ATOM   892  C  CA  . SER B 1 40 ? -23.168 5.054   -7.035  1.00 41.70 ? 40  SER B CA  1 
ATOM   893  C  C   . SER B 1 40 ? -22.999 6.540   -7.323  1.00 40.82 ? 40  SER B C   1 
ATOM   894  O  O   . SER B 1 40 ? -22.287 6.893   -8.268  1.00 51.40 ? 40  SER B O   1 
ATOM   895  C  CB  . SER B 1 40 ? -23.839 4.378   -8.230  1.00 45.46 ? 40  SER B CB  1 
ATOM   896  O  OG  . SER B 1 40 ? -22.952 4.351   -9.334  1.00 56.88 ? 40  SER B OG  1 
ATOM   897  N  N   . LEU B 1 41 ? -23.615 7.413   -6.537  1.00 39.47 ? 41  LEU B N   1 
ATOM   898  C  CA  . LEU B 1 41 ? -23.445 8.846   -6.690  1.00 32.10 ? 41  LEU B CA  1 
ATOM   899  C  C   . LEU B 1 41 ? -22.392 9.409   -5.755  1.00 32.31 ? 41  LEU B C   1 
ATOM   900  O  O   . LEU B 1 41 ? -21.788 10.440  -6.060  1.00 32.51 ? 41  LEU B O   1 
ATOM   901  C  CB  . LEU B 1 41 ? -24.771 9.555   -6.422  1.00 33.93 ? 41  LEU B CB  1 
ATOM   902  C  CG  . LEU B 1 41 ? -25.832 9.448   -7.505  1.00 37.54 ? 41  LEU B CG  1 
ATOM   903  C  CD1 . LEU B 1 41 ? -26.698 8.234   -7.262  1.00 30.87 ? 41  LEU B CD1 1 
ATOM   904  C  CD2 . LEU B 1 41 ? -26.654 10.736  -7.497  1.00 34.74 ? 41  LEU B CD2 1 
ATOM   905  N  N   . ASP B 1 42 ? -22.171 8.762   -4.612  1.00 27.79 ? 42  ASP B N   1 
ATOM   906  C  CA  . ASP B 1 42 ? -21.286 9.339   -3.612  1.00 30.88 ? 42  ASP B CA  1 
ATOM   907  C  C   . ASP B 1 42 ? -19.850 9.412   -4.101  1.00 30.86 ? 42  ASP B C   1 
ATOM   908  O  O   . ASP B 1 42 ? -19.121 10.330  -3.714  1.00 30.24 ? 42  ASP B O   1 
ATOM   909  C  CB  . ASP B 1 42 ? -21.363 8.530   -2.320  1.00 27.34 ? 42  ASP B CB  1 
ATOM   910  C  CG  . ASP B 1 42 ? -22.721 8.622   -1.668  1.00 25.33 ? 42  ASP B CG  1 
ATOM   911  O  OD1 . ASP B 1 42 ? -23.440 9.613   -1.929  1.00 29.12 ? 42  ASP B OD1 1 
ATOM   912  O  OD2 . ASP B 1 42 ? -23.076 7.705   -0.906  1.00 26.40 ? 42  ASP B OD2 1 
ATOM   913  N  N   . LEU B 1 43 ? -19.441 8.522   -5.007  1.00 28.05 ? 43  LEU B N   1 
ATOM   914  C  CA  . LEU B 1 43 ? -18.017 8.417   -5.285  1.00 27.29 ? 43  LEU B CA  1 
ATOM   915  C  C   . LEU B 1 43 ? -17.492 9.612   -6.070  1.00 28.89 ? 43  LEU B C   1 
ATOM   916  O  O   . LEU B 1 43 ? -16.352 10.030  -5.844  1.00 21.72 ? 43  LEU B O   1 
ATOM   917  C  CB  . LEU B 1 43 ? -17.714 7.111   -6.019  1.00 32.82 ? 43  LEU B CB  1 
ATOM   918  C  CG  . LEU B 1 43 ? -16.224 6.893   -6.287  1.00 32.18 ? 43  LEU B CG  1 
ATOM   919  C  CD1 . LEU B 1 43 ? -15.535 6.315   -5.077  1.00 27.64 ? 43  LEU B CD1 1 
ATOM   920  C  CD2 . LEU B 1 43 ? -16.051 5.957   -7.464  1.00 42.24 ? 43  LEU B CD2 1 
ATOM   921  N  N   . VAL B 1 44 ? -18.310 10.241  -6.928  1.00 29.18 ? 44  VAL B N   1 
ATOM   922  C  CA  . VAL B 1 44 ? -17.767 11.359  -7.700  1.00 25.19 ? 44  VAL B CA  1 
ATOM   923  C  C   . VAL B 1 44 ? -17.470 12.553  -6.791  1.00 25.32 ? 44  VAL B C   1 
ATOM   924  O  O   . VAL B 1 44 ? -16.451 13.235  -6.960  1.00 27.89 ? 44  VAL B O   1 
ATOM   925  C  CB  . VAL B 1 44 ? -18.694 11.743  -8.873  1.00 37.04 ? 44  VAL B CB  1 
ATOM   926  C  CG1 . VAL B 1 44 ? -19.788 12.667  -8.440  1.00 25.39 ? 44  VAL B CG1 1 
ATOM   927  C  CG2 . VAL B 1 44 ? -17.888 12.421  -9.972  1.00 38.11 ? 44  VAL B CG2 1 
ATOM   928  N  N   . ASP B 1 45 ? -18.322 12.811  -5.792  1.00 24.70 ? 45  ASP B N   1 
ATOM   929  C  CA  . ASP B 1 45 ? -17.997 13.855  -4.819  1.00 27.88 ? 45  ASP B CA  1 
ATOM   930  C  C   . ASP B 1 45 ? -16.789 13.485  -3.973  1.00 24.70 ? 45  ASP B C   1 
ATOM   931  O  O   . ASP B 1 45 ? -15.908 14.325  -3.742  1.00 24.91 ? 45  ASP B O   1 
ATOM   932  C  CB  . ASP B 1 45 ? -19.179 14.145  -3.907  1.00 26.77 ? 45  ASP B CB  1 
ATOM   933  C  CG  . ASP B 1 45 ? -19.014 15.459  -3.180  1.00 29.01 ? 45  ASP B CG  1 
ATOM   934  O  OD1 . ASP B 1 45 ? -18.928 16.496  -3.862  1.00 27.84 ? 45  ASP B OD1 1 
ATOM   935  O  OD2 . ASP B 1 45 ? -18.989 15.458  -1.931  1.00 35.86 ? 45  ASP B OD2 1 
ATOM   936  N  N   . LEU B 1 46 ? -16.742 12.241  -3.487  1.00 21.91 ? 46  LEU B N   1 
ATOM   937  C  CA  . LEU B 1 46 ? -15.592 11.791  -2.715  1.00 21.89 ? 46  LEU B CA  1 
ATOM   938  C  C   . LEU B 1 46 ? -14.321 11.983  -3.520  1.00 20.04 ? 46  LEU B C   1 
ATOM   939  O  O   . LEU B 1 46 ? -13.327 12.529  -3.029  1.00 18.46 ? 46  LEU B O   1 
ATOM   940  C  CB  . LEU B 1 46 ? -15.769 10.329  -2.326  1.00 18.89 ? 46  LEU B CB  1 
ATOM   941  C  CG  . LEU B 1 46 ? -16.901 9.980   -1.363  1.00 23.31 ? 46  LEU B CG  1 
ATOM   942  C  CD1 . LEU B 1 46 ? -17.096 8.449   -1.312  1.00 27.23 ? 46  LEU B CD1 1 
ATOM   943  C  CD2 . LEU B 1 46 ? -16.674 10.558  0.034   1.00 16.64 ? 46  LEU B CD2 1 
ATOM   944  N  N   . VAL B 1 47 ? -14.374 11.591  -4.793  1.00 20.66 ? 47  VAL B N   1 
ATOM   945  C  CA  . VAL B 1 47 ? -13.228 11.711  -5.683  1.00 20.29 ? 47  VAL B CA  1 
ATOM   946  C  C   . VAL B 1 47 ? -12.808 13.168  -5.835  1.00 24.68 ? 47  VAL B C   1 
ATOM   947  O  O   . VAL B 1 47 ? -11.615 13.493  -5.794  1.00 25.34 ? 47  VAL B O   1 
ATOM   948  C  CB  . VAL B 1 47 ? -13.572 11.063  -7.037  1.00 26.95 ? 47  VAL B CB  1 
ATOM   949  C  CG1 . VAL B 1 47 ? -12.705 11.623  -8.099  1.00 32.32 ? 47  VAL B CG1 1 
ATOM   950  C  CG2 . VAL B 1 47 ? -13.415 9.543   -6.958  1.00 25.81 ? 47  VAL B CG2 1 
ATOM   951  N  N   . MET B 1 48 ? -13.771 14.078  -5.991  1.00 27.12 ? 48  MET B N   1 
ATOM   952  C  CA  . MET B 1 48 ? -13.399 15.486  -6.086  1.00 28.24 ? 48  MET B CA  1 
ATOM   953  C  C   . MET B 1 48 ? -12.768 15.988  -4.798  1.00 29.40 ? 48  MET B C   1 
ATOM   954  O  O   . MET B 1 48 ? -11.881 16.848  -4.833  1.00 31.88 ? 48  MET B O   1 
ATOM   955  C  CB  . MET B 1 48 ? -14.604 16.337  -6.453  1.00 28.38 ? 48  MET B CB  1 
ATOM   956  C  CG  . MET B 1 48 ? -14.561 16.793  -7.902  1.00 38.43 ? 48  MET B CG  1 
ATOM   957  S  SD  . MET B 1 48 ? -16.127 17.531  -8.338  1.00 55.75 ? 48  MET B SD  1 
ATOM   958  C  CE  . MET B 1 48 ? -17.165 16.089  -8.124  1.00 35.56 ? 48  MET B CE  1 
ATOM   959  N  N   . ASP B 1 49 ? -13.220 15.488  -3.650  1.00 23.53 ? 49  ASP B N   1 
ATOM   960  C  CA  . ASP B 1 49 ? -12.573 15.885  -2.407  1.00 24.29 ? 49  ASP B CA  1 
ATOM   961  C  C   . ASP B 1 49 ? -11.166 15.305  -2.306  1.00 20.37 ? 49  ASP B C   1 
ATOM   962  O  O   . ASP B 1 49 ? -10.241 16.009  -1.890  1.00 22.36 ? 49  ASP B O   1 
ATOM   963  C  CB  . ASP B 1 49 ? -13.463 15.500  -1.231  1.00 24.43 ? 49  ASP B CB  1 
ATOM   964  C  CG  . ASP B 1 49 ? -14.838 16.162  -1.338  1.00 32.05 ? 49  ASP B CG  1 
ATOM   965  O  OD1 . ASP B 1 49 ? -14.921 17.247  -1.972  1.00 27.64 ? 49  ASP B OD1 1 
ATOM   966  O  OD2 . ASP B 1 49 ? -15.827 15.617  -0.814  1.00 33.35 ? 49  ASP B OD2 1 
ATOM   967  N  N   . PHE B 1 50 ? -10.966 14.043  -2.728  1.00 24.42 ? 50  PHE B N   1 
ATOM   968  C  CA  . PHE B 1 50 ? -9.607  13.502  -2.809  1.00 19.09 ? 50  PHE B CA  1 
ATOM   969  C  C   . PHE B 1 50 ? -8.766  14.284  -3.807  1.00 21.35 ? 50  PHE B C   1 
ATOM   970  O  O   . PHE B 1 50 ? -7.591  14.563  -3.544  1.00 23.52 ? 50  PHE B O   1 
ATOM   971  C  CB  . PHE B 1 50 ? -9.615  12.012  -3.187  1.00 18.74 ? 50  PHE B CB  1 
ATOM   972  C  CG  . PHE B 1 50 ? -10.420 11.150  -2.251  1.00 16.85 ? 50  PHE B CG  1 
ATOM   973  C  CD1 . PHE B 1 50 ? -10.431 11.407  -0.893  1.00 18.87 ? 50  PHE B CD1 1 
ATOM   974  C  CD2 . PHE B 1 50 ? -11.189 10.113  -2.731  1.00 16.82 ? 50  PHE B CD2 1 
ATOM   975  C  CE1 . PHE B 1 50 ? -11.201 10.639  -0.029  1.00 21.58 ? 50  PHE B CE1 1 
ATOM   976  C  CE2 . PHE B 1 50 ? -11.946 9.331   -1.871  1.00 20.91 ? 50  PHE B CE2 1 
ATOM   977  C  CZ  . PHE B 1 50 ? -11.952 9.598   -0.511  1.00 13.46 ? 50  PHE B CZ  1 
ATOM   978  N  N   . GLU B 1 51 ? -9.360  14.690  -4.937  1.00 23.99 ? 51  GLU B N   1 
ATOM   979  C  CA  . GLU B 1 51 ? -8.628  15.499  -5.913  1.00 26.08 ? 51  GLU B CA  1 
ATOM   980  C  C   . GLU B 1 51 ? -8.092  16.777  -5.277  1.00 28.74 ? 51  GLU B C   1 
ATOM   981  O  O   . GLU B 1 51 ? -6.916  17.113  -5.443  1.00 28.10 ? 51  GLU B O   1 
ATOM   982  C  CB  . GLU B 1 51 ? -9.532  15.842  -7.107  1.00 29.74 ? 51  GLU B CB  1 
ATOM   983  C  CG  . GLU B 1 51 ? -9.453  14.837  -8.263  1.00 36.80 ? 51  GLU B CG  1 
ATOM   984  C  CD  . GLU B 1 51 ? -10.473 15.078  -9.368  1.00 41.08 ? 51  GLU B CD  1 
ATOM   985  O  OE1 . GLU B 1 51 ? -10.364 14.416  -10.424 1.00 46.18 ? 51  GLU B OE1 1 
ATOM   986  O  OE2 . GLU B 1 51 ? -11.373 15.928  -9.200  1.00 38.62 ? 51  GLU B OE2 1 
ATOM   987  N  N   . SER B 1 52 ? -8.926  17.470  -4.496  1.00 23.60 ? 52  SER B N   1 
ATOM   988  C  CA  . SER B 1 52 ? -8.501  18.701  -3.843  1.00 24.49 ? 52  SER B CA  1 
ATOM   989  C  C   . SER B 1 52 ? -7.602  18.437  -2.643  1.00 24.99 ? 52  SER B C   1 
ATOM   990  O  O   . SER B 1 52 ? -6.784  19.288  -2.292  1.00 25.00 ? 52  SER B O   1 
ATOM   991  C  CB  . SER B 1 52 ? -9.732  19.510  -3.408  1.00 29.63 ? 52  SER B CB  1 
ATOM   992  O  OG  . SER B 1 52 ? -9.451  20.319  -2.277  1.00 42.22 ? 52  SER B OG  1 
ATOM   993  N  N   . GLU B 1 53 ? -7.749  17.283  -1.991  1.00 24.19 ? 53  GLU B N   1 
ATOM   994  C  CA  . GLU B 1 53 ? -6.911  16.976  -0.834  1.00 22.49 ? 53  GLU B CA  1 
ATOM   995  C  C   . GLU B 1 53 ? -5.452  16.764  -1.242  1.00 19.84 ? 53  GLU B C   1 
ATOM   996  O  O   . GLU B 1 53 ? -4.531  17.246  -0.572  1.00 17.55 ? 53  GLU B O   1 
ATOM   997  C  CB  . GLU B 1 53 ? -7.464  15.740  -0.119  1.00 19.57 ? 53  GLU B CB  1 
ATOM   998  C  CG  . GLU B 1 53 ? -6.821  15.440  1.197   1.00 17.95 ? 53  GLU B CG  1 
ATOM   999  C  CD  . GLU B 1 53 ? -7.146  16.495  2.245   1.00 25.71 ? 53  GLU B CD  1 
ATOM   1000 O  OE1 . GLU B 1 53 ? -6.302  16.712  3.152   1.00 19.45 ? 53  GLU B OE1 1 
ATOM   1001 O  OE2 . GLU B 1 53 ? -8.228  17.128  2.137   1.00 25.74 ? 53  GLU B OE2 1 
ATOM   1002 N  N   . PHE B 1 54 ? -5.218  16.041  -2.331  1.00 19.24 ? 54  PHE B N   1 
ATOM   1003 C  CA  . PHE B 1 54 ? -3.869  15.639  -2.685  1.00 19.18 ? 54  PHE B CA  1 
ATOM   1004 C  C   . PHE B 1 54 ? -3.300  16.364  -3.890  1.00 26.07 ? 54  PHE B C   1 
ATOM   1005 O  O   . PHE B 1 54 ? -2.120  16.172  -4.199  1.00 31.83 ? 54  PHE B O   1 
ATOM   1006 C  CB  . PHE B 1 54 ? -3.816  14.125  -2.921  1.00 21.42 ? 54  PHE B CB  1 
ATOM   1007 C  CG  . PHE B 1 54 ? -4.222  13.313  -1.713  1.00 18.73 ? 54  PHE B CG  1 
ATOM   1008 C  CD1 . PHE B 1 54 ? -3.321  13.099  -0.677  1.00 13.75 ? 54  PHE B CD1 1 
ATOM   1009 C  CD2 . PHE B 1 54 ? -5.485  12.757  -1.630  1.00 14.06 ? 54  PHE B CD2 1 
ATOM   1010 C  CE1 . PHE B 1 54 ? -3.673  12.362  0.420   1.00 13.17 ? 54  PHE B CE1 1 
ATOM   1011 C  CE2 . PHE B 1 54 ? -5.853  12.011  -0.534  1.00 15.63 ? 54  PHE B CE2 1 
ATOM   1012 C  CZ  . PHE B 1 54 ? -4.939  11.821  0.507   1.00 16.23 ? 54  PHE B CZ  1 
ATOM   1013 N  N   . GLY B 1 55 ? -4.085  17.197  -4.561  1.00 25.39 ? 55  GLY B N   1 
ATOM   1014 C  CA  . GLY B 1 55 ? -3.575  17.905  -5.719  1.00 24.03 ? 55  GLY B CA  1 
ATOM   1015 C  C   . GLY B 1 55 ? -3.310  16.983  -6.880  1.00 31.48 ? 55  GLY B C   1 
ATOM   1016 O  O   . GLY B 1 55 ? -2.261  17.093  -7.532  1.00 34.96 ? 55  GLY B O   1 
ATOM   1017 N  N   . VAL B 1 56 ? -4.221  16.044  -7.131  1.00 24.39 ? 56  VAL B N   1 
ATOM   1018 C  CA  . VAL B 1 56 ? -4.150  15.118  -8.240  1.00 26.13 ? 56  VAL B CA  1 
ATOM   1019 C  C   . VAL B 1 56 ? -5.468  15.199  -8.970  1.00 30.97 ? 56  VAL B C   1 
ATOM   1020 O  O   . VAL B 1 56 ? -6.410  15.843  -8.506  1.00 34.91 ? 56  VAL B O   1 
ATOM   1021 C  CB  . VAL B 1 56 ? -3.872  13.673  -7.775  1.00 26.61 ? 56  VAL B CB  1 
ATOM   1022 C  CG1 . VAL B 1 56 ? -2.514  13.566  -7.094  1.00 27.87 ? 56  VAL B CG1 1 
ATOM   1023 C  CG2 . VAL B 1 56 ? -5.009  13.197  -6.842  1.00 25.68 ? 56  VAL B CG2 1 
ATOM   1024 N  N   . LYS B 1 57 ? -5.575  14.500  -10.096 1.00 36.70 ? 57  LYS B N   1 
ATOM   1025 C  CA  . LYS B 1 57 ? -6.899  14.348  -10.664 1.00 40.82 ? 57  LYS B CA  1 
ATOM   1026 C  C   . LYS B 1 57 ? -7.055  12.997  -11.339 1.00 33.91 ? 57  LYS B C   1 
ATOM   1027 O  O   . LYS B 1 57 ? -6.077  12.305  -11.650 1.00 35.87 ? 57  LYS B O   1 
ATOM   1028 C  CB  . LYS B 1 57 ? -7.228  15.500  -11.628 1.00 41.97 ? 57  LYS B CB  1 
ATOM   1029 C  CG  . LYS B 1 57 ? -6.890  15.252  -13.091 1.00 48.55 ? 57  LYS B CG  1 
ATOM   1030 C  CD  . LYS B 1 57 ? -7.509  16.339  -13.978 1.00 51.65 ? 57  LYS B CD  1 
ATOM   1031 C  CE  . LYS B 1 57 ? -6.717  17.645  -13.916 1.00 49.22 ? 57  LYS B CE  1 
ATOM   1032 N  NZ  . LYS B 1 57 ? -6.889  18.474  -15.153 1.00 43.77 ? 57  LYS B NZ  1 
ATOM   1033 N  N   . VAL B 1 58 ? -8.311  12.626  -11.520 1.00 39.14 ? 58  VAL B N   1 
ATOM   1034 C  CA  . VAL B 1 58 ? -8.675  11.271  -11.896 1.00 43.92 ? 58  VAL B CA  1 
ATOM   1035 C  C   . VAL B 1 58 ? -9.466  11.361  -13.189 1.00 44.45 ? 58  VAL B C   1 
ATOM   1036 O  O   . VAL B 1 58 ? -10.085 12.385  -13.499 1.00 48.48 ? 58  VAL B O   1 
ATOM   1037 C  CB  . VAL B 1 58 ? -9.516  10.578  -10.810 1.00 41.79 ? 58  VAL B CB  1 
ATOM   1038 C  CG1 . VAL B 1 58 ? -8.835  10.664  -9.438  1.00 37.39 ? 58  VAL B CG1 1 
ATOM   1039 C  CG2 . VAL B 1 58 ? -10.899 11.191  -10.801 1.00 48.59 ? 58  VAL B CG2 1 
ATOM   1040 N  N   . ASP B 1 59 ? -9.447  10.275  -13.949 1.00 42.58 ? 59  ASP B N   1 
ATOM   1041 C  CA  . ASP B 1 59 ? -10.234 10.178  -15.163 1.00 45.01 ? 59  ASP B CA  1 
ATOM   1042 C  C   . ASP B 1 59 ? -11.663 9.785   -14.817 1.00 44.39 ? 59  ASP B C   1 
ATOM   1043 O  O   . ASP B 1 59 ? -11.917 9.123   -13.809 1.00 50.65 ? 59  ASP B O   1 
ATOM   1044 C  CB  . ASP B 1 59 ? -9.606  9.142   -16.099 1.00 54.13 ? 59  ASP B CB  1 
ATOM   1045 C  CG  . ASP B 1 59 ? -10.137 9.217   -17.513 1.00 61.60 ? 59  ASP B CG  1 
ATOM   1046 O  OD1 . ASP B 1 59 ? -10.994 10.084  -17.798 1.00 63.38 ? 59  ASP B OD1 1 
ATOM   1047 O  OD2 . ASP B 1 59 ? -9.681  8.398   -18.344 1.00 70.24 ? 59  ASP B OD2 1 
ATOM   1048 N  N   . ASP B 1 60 ? -12.608 10.215  -15.649 1.00 45.35 ? 60  ASP B N   1 
ATOM   1049 C  CA  . ASP B 1 60 ? -13.966 9.709   -15.488 1.00 52.32 ? 60  ASP B CA  1 
ATOM   1050 C  C   . ASP B 1 60 ? -14.050 8.243   -15.879 1.00 46.94 ? 60  ASP B C   1 
ATOM   1051 O  O   . ASP B 1 60 ? -14.854 7.495   -15.310 1.00 50.21 ? 60  ASP B O   1 
ATOM   1052 C  CB  . ASP B 1 60 ? -14.949 10.515  -16.334 1.00 53.53 ? 60  ASP B CB  1 
ATOM   1053 C  CG  . ASP B 1 60 ? -14.709 12.000  -16.252 1.00 57.89 ? 60  ASP B CG  1 
ATOM   1054 O  OD1 . ASP B 1 60 ? -14.184 12.567  -17.233 1.00 64.08 ? 60  ASP B OD1 1 
ATOM   1055 O  OD2 . ASP B 1 60 ? -15.081 12.605  -15.223 1.00 65.54 ? 60  ASP B OD2 1 
ATOM   1056 N  N   . ALA B 1 61 ? -13.225 7.816   -16.836 1.00 47.77 ? 61  ALA B N   1 
ATOM   1057 C  CA  . ALA B 1 61 ? -13.197 6.413   -17.232 1.00 51.94 ? 61  ALA B CA  1 
ATOM   1058 C  C   . ALA B 1 61 ? -12.681 5.526   -16.110 1.00 53.38 ? 61  ALA B C   1 
ATOM   1059 O  O   . ALA B 1 61 ? -13.186 4.413   -15.912 1.00 52.13 ? 61  ALA B O   1 
ATOM   1060 C  CB  . ALA B 1 61 ? -12.339 6.237   -18.481 1.00 56.35 ? 61  ALA B CB  1 
ATOM   1061 N  N   . ASP B 1 62 ? -11.679 5.998   -15.362 1.00 48.86 ? 62  ASP B N   1 
ATOM   1062 C  CA  . ASP B 1 62 ? -11.065 5.183   -14.317 1.00 46.46 ? 62  ASP B CA  1 
ATOM   1063 C  C   . ASP B 1 62 ? -11.855 5.200   -13.017 1.00 41.06 ? 62  ASP B C   1 
ATOM   1064 O  O   . ASP B 1 62 ? -11.438 4.562   -12.043 1.00 36.90 ? 62  ASP B O   1 
ATOM   1065 C  CB  . ASP B 1 62 ? -9.623  5.638   -14.063 1.00 46.17 ? 62  ASP B CB  1 
ATOM   1066 C  CG  . ASP B 1 62 ? -8.651  5.109   -15.111 1.00 48.28 ? 62  ASP B CG  1 
ATOM   1067 O  OD1 . ASP B 1 62 ? -8.947  4.070   -15.745 1.00 44.47 ? 62  ASP B OD1 1 
ATOM   1068 O  OD2 . ASP B 1 62 ? -7.581  5.727   -15.291 1.00 55.68 ? 62  ASP B OD2 1 
ATOM   1069 N  N   . LEU B 1 63 ? -12.964 5.929   -12.973 1.00 37.31 ? 63  LEU B N   1 
ATOM   1070 C  CA  . LEU B 1 63 ? -13.819 5.934   -11.796 1.00 36.78 ? 63  LEU B CA  1 
ATOM   1071 C  C   . LEU B 1 63 ? -14.672 4.670   -11.727 1.00 40.47 ? 63  LEU B C   1 
ATOM   1072 O  O   . LEU B 1 63 ? -15.048 4.233   -10.633 1.00 35.21 ? 63  LEU B O   1 
ATOM   1073 C  CB  . LEU B 1 63 ? -14.666 7.203   -11.817 1.00 43.75 ? 63  LEU B CB  1 
ATOM   1074 C  CG  . LEU B 1 63 ? -15.407 7.713   -10.589 1.00 47.19 ? 63  LEU B CG  1 
ATOM   1075 C  CD1 . LEU B 1 63 ? -15.392 9.229   -10.630 1.00 39.03 ? 63  LEU B CD1 1 
ATOM   1076 C  CD2 . LEU B 1 63 ? -16.842 7.213   -10.576 1.00 47.40 ? 63  LEU B CD2 1 
ATOM   1077 N  N   . GLU B 1 64 ? -14.983 4.072   -12.881 1.00 41.11 ? 64  GLU B N   1 
ATOM   1078 C  CA  . GLU B 1 64 ? -15.761 2.837   -12.911 1.00 42.94 ? 64  GLU B CA  1 
ATOM   1079 C  C   . GLU B 1 64 ? -14.973 1.651   -12.376 1.00 29.76 ? 64  GLU B C   1 
ATOM   1080 O  O   . GLU B 1 64 ? -15.569 0.628   -12.029 1.00 29.53 ? 64  GLU B O   1 
ATOM   1081 C  CB  . GLU B 1 64 ? -16.241 2.552   -14.341 1.00 45.85 ? 64  GLU B CB  1 
ATOM   1082 C  CG  . GLU B 1 64 ? -17.178 3.632   -14.884 1.00 54.10 ? 64  GLU B CG  1 
ATOM   1083 C  CD  . GLU B 1 64 ? -17.586 3.437   -16.343 1.00 65.25 ? 64  GLU B CD  1 
ATOM   1084 O  OE1 . GLU B 1 64 ? -17.091 2.495   -17.006 1.00 70.19 ? 64  GLU B OE1 1 
ATOM   1085 O  OE2 . GLU B 1 64 ? -18.390 4.260   -16.835 1.00 62.68 ? 64  GLU B OE2 1 
ATOM   1086 N  N   . LYS B 1 65 ? -13.657 1.772   -12.282 1.00 32.84 ? 65  LYS B N   1 
ATOM   1087 C  CA  . LYS B 1 65 ? -12.811 0.697   -11.793 1.00 35.75 ? 65  LYS B CA  1 
ATOM   1088 C  C   . LYS B 1 65 ? -12.604 0.756   -10.292 1.00 29.13 ? 65  LYS B C   1 
ATOM   1089 O  O   . LYS B 1 65 ? -12.066 -0.196  -9.719  1.00 30.12 ? 65  LYS B O   1 
ATOM   1090 C  CB  . LYS B 1 65 ? -11.461 0.740   -12.513 1.00 29.20 ? 65  LYS B CB  1 
ATOM   1091 C  CG  . LYS B 1 65 ? -11.625 0.752   -14.023 1.00 35.41 ? 65  LYS B CG  1 
ATOM   1092 C  CD  . LYS B 1 65 ? -10.333 1.065   -14.751 1.00 35.96 ? 65  LYS B CD  1 
ATOM   1093 C  CE  . LYS B 1 65 ? -10.577 1.229   -16.255 1.00 35.43 ? 65  LYS B CE  1 
ATOM   1094 N  NZ  . LYS B 1 65 ? -11.491 0.186   -16.800 1.00 40.24 ? 65  LYS B NZ  1 
ATOM   1095 N  N   . ILE B 1 66 ? -12.981 1.860   -9.657  1.00 31.74 ? 66  ILE B N   1 
ATOM   1096 C  CA  . ILE B 1 66 ? -12.750 2.054   -8.232  1.00 24.82 ? 66  ILE B CA  1 
ATOM   1097 C  C   . ILE B 1 66 ? -13.821 1.293   -7.455  1.00 29.05 ? 66  ILE B C   1 
ATOM   1098 O  O   . ILE B 1 66 ? -14.984 1.697   -7.420  1.00 25.81 ? 66  ILE B O   1 
ATOM   1099 C  CB  . ILE B 1 66 ? -12.747 3.538   -7.860  1.00 27.66 ? 66  ILE B CB  1 
ATOM   1100 C  CG1 . ILE B 1 66 ? -11.541 4.228   -8.497  1.00 27.72 ? 66  ILE B CG1 1 
ATOM   1101 C  CG2 . ILE B 1 66 ? -12.706 3.696   -6.344  1.00 27.14 ? 66  ILE B CG2 1 
ATOM   1102 C  CD1 . ILE B 1 66 ? -11.584 5.736   -8.394  1.00 35.58 ? 66  ILE B CD1 1 
ATOM   1103 N  N   . SER B 1 67 ? -13.409 0.222   -6.780  1.00 22.61 ? 67  SER B N   1 
ATOM   1104 C  CA  . SER B 1 67 ? -14.324 -0.629  -6.032  1.00 24.66 ? 67  SER B CA  1 
ATOM   1105 C  C   . SER B 1 67 ? -14.111 -0.590  -4.523  1.00 20.07 ? 67  SER B C   1 
ATOM   1106 O  O   . SER B 1 67 ? -15.075 -0.709  -3.773  1.00 20.56 ? 67  SER B O   1 
ATOM   1107 C  CB  . SER B 1 67 ? -14.197 -2.078  -6.527  1.00 24.33 ? 67  SER B CB  1 
ATOM   1108 O  OG  . SER B 1 67 ? -15.049 -2.942  -5.809  1.00 35.62 ? 67  SER B OG  1 
ATOM   1109 N  N   . THR B 1 68 ? -12.880 -0.458  -4.053  1.00 19.01 ? 68  THR B N   1 
ATOM   1110 C  CA  . THR B 1 68 ? -12.583 -0.487  -2.629  1.00 21.06 ? 68  THR B CA  1 
ATOM   1111 C  C   . THR B 1 68 ? -11.862 0.788   -2.210  1.00 20.65 ? 68  THR B C   1 
ATOM   1112 O  O   . THR B 1 68 ? -11.448 1.609   -3.036  1.00 18.52 ? 68  THR B O   1 
ATOM   1113 C  CB  . THR B 1 68 ? -11.711 -1.698  -2.258  1.00 23.15 ? 68  THR B CB  1 
ATOM   1114 O  OG1 . THR B 1 68 ? -10.422 -1.552  -2.862  1.00 18.96 ? 68  THR B OG1 1 
ATOM   1115 C  CG2 . THR B 1 68 ? -12.349 -2.987  -2.743  1.00 22.14 ? 68  THR B CG2 1 
ATOM   1116 N  N   . VAL B 1 69 ? -11.711 0.928   -0.893  1.00 15.75 ? 69  VAL B N   1 
ATOM   1117 C  CA  . VAL B 1 69 ? -10.900 2.002   -0.344  1.00 18.67 ? 69  VAL B CA  1 
ATOM   1118 C  C   . VAL B 1 69 ? -9.464  1.891   -0.849  1.00 16.22 ? 69  VAL B C   1 
ATOM   1119 O  O   . VAL B 1 69 ? -8.841  2.897   -1.209  1.00 15.49 ? 69  VAL B O   1 
ATOM   1120 C  CB  . VAL B 1 69 ? -10.981 1.988   1.196   1.00 21.51 ? 69  VAL B CB  1 
ATOM   1121 C  CG1 . VAL B 1 69 ? -9.938  2.889   1.800   1.00 13.34 ? 69  VAL B CG1 1 
ATOM   1122 C  CG2 . VAL B 1 69 ? -12.362 2.438   1.628   1.00 17.77 ? 69  VAL B CG2 1 
ATOM   1123 N  N   . GLY B 1 70 ? -8.932  0.665   -0.904  1.00 22.78 ? 70  GLY B N   1 
ATOM   1124 C  CA  . GLY B 1 70 ? -7.588  0.451   -1.417  1.00 16.72 ? 70  GLY B CA  1 
ATOM   1125 C  C   . GLY B 1 70 ? -7.418  0.896   -2.856  1.00 15.18 ? 70  GLY B C   1 
ATOM   1126 O  O   . GLY B 1 70 ? -6.328  1.311   -3.252  1.00 16.26 ? 70  GLY B O   1 
ATOM   1127 N  N   . ASP B 1 71 ? -8.485  0.807   -3.657  1.00 17.27 ? 71  ASP B N   1 
ATOM   1128 C  CA  . ASP B 1 71 ? -8.451  1.279   -5.044  1.00 15.00 ? 71  ASP B CA  1 
ATOM   1129 C  C   . ASP B 1 71 ? -8.190  2.779   -5.116  1.00 16.77 ? 71  ASP B C   1 
ATOM   1130 O  O   . ASP B 1 71 ? -7.424  3.246   -5.966  1.00 13.86 ? 71  ASP B O   1 
ATOM   1131 C  CB  . ASP B 1 71 ? -9.770  0.947   -5.746  1.00 14.64 ? 71  ASP B CB  1 
ATOM   1132 C  CG  . ASP B 1 71 ? -9.853  -0.503  -6.192  1.00 22.12 ? 71  ASP B CG  1 
ATOM   1133 O  OD1 . ASP B 1 71 ? -10.992 -1.002  -6.401  1.00 21.03 ? 71  ASP B OD1 1 
ATOM   1134 O  OD2 . ASP B 1 71 ? -8.786  -1.151  -6.322  1.00 17.77 ? 71  ASP B OD2 1 
ATOM   1135 N  N   . ILE B 1 72 ? -8.882  3.547   -4.261  1.00 13.61 ? 72  ILE B N   1 
ATOM   1136 C  CA  . ILE B 1 72 ? -8.682  4.997   -4.172  1.00 16.04 ? 72  ILE B CA  1 
ATOM   1137 C  C   . ILE B 1 72 ? -7.248  5.315   -3.784  1.00 13.83 ? 72  ILE B C   1 
ATOM   1138 O  O   . ILE B 1 72 ? -6.581  6.149   -4.415  1.00 13.30 ? 72  ILE B O   1 
ATOM   1139 C  CB  . ILE B 1 72 ? -9.660  5.596   -3.143  1.00 13.51 ? 72  ILE B CB  1 
ATOM   1140 C  CG1 . ILE B 1 72 ? -11.088 5.571   -3.664  1.00 13.48 ? 72  ILE B CG1 1 
ATOM   1141 C  CG2 . ILE B 1 72 ? -9.216  6.993   -2.736  1.00 16.87 ? 72  ILE B CG2 1 
ATOM   1142 C  CD1 . ILE B 1 72 ? -12.099 5.407   -2.580  1.00 13.20 ? 72  ILE B CD1 1 
ATOM   1143 N  N   . VAL B 1 73 ? -6.761  4.687   -2.715  1.00 13.43 ? 73  VAL B N   1 
ATOM   1144 C  CA  . VAL B 1 73 ? -5.413  4.965   -2.233  1.00 13.89 ? 73  VAL B CA  1 
ATOM   1145 C  C   . VAL B 1 73 ? -4.400  4.716   -3.345  1.00 16.50 ? 73  VAL B C   1 
ATOM   1146 O  O   . VAL B 1 73 ? -3.533  5.556   -3.626  1.00 12.16 ? 73  VAL B O   1 
ATOM   1147 C  CB  . VAL B 1 73 ? -5.108  4.121   -0.986  1.00 11.37 ? 73  VAL B CB  1 
ATOM   1148 C  CG1 . VAL B 1 73 ? -3.722  4.432   -0.465  1.00 12.12 ? 73  VAL B CG1 1 
ATOM   1149 C  CG2 . VAL B 1 73 ? -6.154  4.342   0.064   1.00 10.17 ? 73  VAL B CG2 1 
ATOM   1150 N  N   . SER B 1 74 ? -4.530  3.564   -4.018  1.00 13.16 ? 74  SER B N   1 
ATOM   1151 C  CA  . SER B 1 74 ? -3.560  3.189   -5.043  1.00 17.39 ? 74  SER B CA  1 
ATOM   1152 C  C   . SER B 1 74 ? -3.596  4.144   -6.221  1.00 15.87 ? 74  SER B C   1 
ATOM   1153 O  O   . SER B 1 74 ? -2.547  4.508   -6.760  1.00 15.51 ? 74  SER B O   1 
ATOM   1154 C  CB  . SER B 1 74 ? -3.816  1.755   -5.509  1.00 14.22 ? 74  SER B CB  1 
ATOM   1155 O  OG  . SER B 1 74 ? -3.322  0.872   -4.512  1.00 18.88 ? 74  SER B OG  1 
ATOM   1156 N  N   . TYR B 1 75 ? -4.789  4.572   -6.627  1.00 13.76 ? 75  TYR B N   1 
ATOM   1157 C  CA  . TYR B 1 75 ? -4.872  5.541   -7.703  1.00 18.86 ? 75  TYR B CA  1 
ATOM   1158 C  C   . TYR B 1 75 ? -4.214  6.848   -7.295  1.00 19.42 ? 75  TYR B C   1 
ATOM   1159 O  O   . TYR B 1 75 ? -3.437  7.421   -8.068  1.00 19.09 ? 75  TYR B O   1 
ATOM   1160 C  CB  . TYR B 1 75 ? -6.333  5.749   -8.111  1.00 18.48 ? 75  TYR B CB  1 
ATOM   1161 C  CG  . TYR B 1 75 ? -6.496  6.465   -9.427  1.00 27.08 ? 75  TYR B CG  1 
ATOM   1162 C  CD1 . TYR B 1 75 ? -6.732  5.763   -10.609 1.00 36.54 ? 75  TYR B CD1 1 
ATOM   1163 C  CD2 . TYR B 1 75 ? -6.409  7.847   -9.496  1.00 33.81 ? 75  TYR B CD2 1 
ATOM   1164 C  CE1 . TYR B 1 75 ? -6.880  6.431   -11.822 1.00 35.01 ? 75  TYR B CE1 1 
ATOM   1165 C  CE2 . TYR B 1 75 ? -6.552  8.518   -10.700 1.00 39.14 ? 75  TYR B CE2 1 
ATOM   1166 C  CZ  . TYR B 1 75 ? -6.794  7.810   -11.857 1.00 39.27 ? 75  TYR B CZ  1 
ATOM   1167 O  OH  . TYR B 1 75 ? -6.943  8.506   -13.044 1.00 47.04 ? 75  TYR B OH  1 
ATOM   1168 N  N   . ILE B 1 76 ? -4.467  7.306   -6.063  1.00 14.55 ? 76  ILE B N   1 
ATOM   1169 C  CA  . ILE B 1 76 ? -3.808  8.516   -5.568  1.00 15.59 ? 76  ILE B CA  1 
ATOM   1170 C  C   . ILE B 1 76 ? -2.301  8.317   -5.495  1.00 20.05 ? 76  ILE B C   1 
ATOM   1171 O  O   . ILE B 1 76 ? -1.520  9.196   -5.885  1.00 20.10 ? 76  ILE B O   1 
ATOM   1172 C  CB  . ILE B 1 76 ? -4.373  8.923   -4.197  1.00 13.31 ? 76  ILE B CB  1 
ATOM   1173 C  CG1 . ILE B 1 76 ? -5.846  9.311   -4.292  1.00 12.87 ? 76  ILE B CG1 1 
ATOM   1174 C  CG2 . ILE B 1 76 ? -3.581  10.056  -3.649  1.00 14.26 ? 76  ILE B CG2 1 
ATOM   1175 C  CD1 . ILE B 1 76 ? -6.473  9.466   -2.934  1.00 13.22 ? 76  ILE B CD1 1 
ATOM   1176 N  N   . GLU B 1 77 ? -1.865  7.161   -4.985  1.00 14.30 ? 77  GLU B N   1 
ATOM   1177 C  CA  . GLU B 1 77 ? -0.439  6.925   -4.812  1.00 21.87 ? 77  GLU B CA  1 
ATOM   1178 C  C   . GLU B 1 77 ? 0.298   6.910   -6.146  1.00 20.67 ? 77  GLU B C   1 
ATOM   1179 O  O   . GLU B 1 77 ? 1.438   7.379   -6.231  1.00 25.52 ? 77  GLU B O   1 
ATOM   1180 C  CB  . GLU B 1 77 ? -0.209  5.609   -4.076  1.00 16.29 ? 77  GLU B CB  1 
ATOM   1181 C  CG  . GLU B 1 77 ? 1.238   5.392   -3.715  1.00 24.48 ? 77  GLU B CG  1 
ATOM   1182 C  CD  . GLU B 1 77 ? 1.479   4.060   -3.042  1.00 29.09 ? 77  GLU B CD  1 
ATOM   1183 O  OE1 . GLU B 1 77 ? 0.637   3.138   -3.208  1.00 27.72 ? 77  GLU B OE1 1 
ATOM   1184 O  OE2 . GLU B 1 77 ? 2.524   3.935   -2.364  1.00 28.70 ? 77  GLU B OE2 1 
ATOM   1185 N  N   . LYS B 1 78 ? -0.335  6.404   -7.200  1.00 18.94 ? 78  LYS B N   1 
ATOM   1186 C  CA  . LYS B 1 78 ? 0.337   6.366   -8.498  1.00 28.93 ? 78  LYS B CA  1 
ATOM   1187 C  C   . LYS B 1 78 ? 0.435   7.757   -9.111  1.00 27.09 ? 78  LYS B C   1 
ATOM   1188 O  O   . LYS B 1 78 ? 1.421   8.068   -9.787  1.00 32.18 ? 78  LYS B O   1 
ATOM   1189 C  CB  . LYS B 1 78 ? -0.400  5.416   -9.451  1.00 25.31 ? 78  LYS B CB  1 
ATOM   1190 C  CG  . LYS B 1 78 ? 0.167   5.375   -10.880 1.00 36.69 ? 78  LYS B CG  1 
ATOM   1191 C  CD  . LYS B 1 78 ? -0.871  5.686   -11.957 1.00 35.15 ? 78  LYS B CD  1 
ATOM   1192 C  CE  . LYS B 1 78 ? -1.855  4.539   -12.168 1.00 40.83 ? 78  LYS B CE  1 
ATOM   1193 N  NZ  . LYS B 1 78 ? -2.336  4.471   -13.585 1.00 48.32 ? 78  LYS B NZ  1 
ATOM   1194 N  N   . LYS B 1 79 ? -0.547  8.620   -8.849  1.00 24.67 ? 79  LYS B N   1 
ATOM   1195 C  CA  . LYS B 1 79 ? -0.528  9.984   -9.356  1.00 27.95 ? 79  LYS B CA  1 
ATOM   1196 C  C   . LYS B 1 79 ? 0.443   10.877  -8.604  1.00 30.51 ? 79  LYS B C   1 
ATOM   1197 O  O   . LYS B 1 79 ? 0.635   12.021  -9.014  1.00 37.86 ? 79  LYS B O   1 
ATOM   1198 C  CB  . LYS B 1 79 ? -1.935  10.603  -9.298  1.00 23.38 ? 79  LYS B CB  1 
ATOM   1199 C  CG  . LYS B 1 79 ? -3.022  9.814   -10.037 1.00 30.74 ? 79  LYS B CG  1 
ATOM   1200 C  CD  . LYS B 1 79 ? -2.762  9.681   -11.541 1.00 37.36 ? 79  LYS B CD  1 
ATOM   1201 C  CE  . LYS B 1 79 ? -3.125  10.944  -12.300 1.00 35.03 ? 79  LYS B CE  1 
ATOM   1202 N  NZ  . LYS B 1 79 ? -2.460  10.980  -13.632 1.00 33.43 ? 79  LYS B NZ  1 
ATOM   1203 N  N   . LEU B 1 80 ? 1.073   10.395  -7.536  1.00 33.24 ? 80  LEU B N   1 
ATOM   1204 C  CA  . LEU B 1 80 ? 2.018   11.223  -6.793  1.00 31.94 ? 80  LEU B CA  1 
ATOM   1205 C  C   . LEU B 1 80 ? 3.166   10.359  -6.278  1.00 35.47 ? 80  LEU B C   1 
ATOM   1206 O  O   . LEU B 1 80 ? 4.039   9.952   -7.049  1.00 40.54 ? 80  LEU B O   1 
ATOM   1207 C  CB  . LEU B 1 80 ? 1.334   11.953  -5.619  1.00 31.64 ? 80  LEU B CB  1 
ATOM   1208 C  CG  . LEU B 1 80 ? 0.645   11.221  -4.463  1.00 31.85 ? 80  LEU B CG  1 
ATOM   1209 C  CD1 . LEU B 1 80 ? 1.671   10.693  -3.459  1.00 40.06 ? 80  LEU B CD1 1 
ATOM   1210 C  CD2 . LEU B 1 80 ? -0.305  12.145  -3.742  1.00 29.32 ? 80  LEU B CD2 1 
HETATM 1211 ZN ZN  . ZN  C 2 .  ? 4.632   1.858   8.732   1.00 28.67 ? 101 ZN  A ZN  1 
HETATM 1212 ZN ZN  . ZN  D 2 .  ? 9.083   3.743   7.477   1.00 27.59 ? 102 ZN  A ZN  1 
HETATM 1213 ZN ZN  . ZN  E 2 .  ? 15.108  -3.412  12.399  1.00 53.75 ? 103 ZN  A ZN  1 
HETATM 1214 ZN ZN  . ZN  F 2 .  ? 5.914   6.028   -2.068  1.00 57.57 ? 104 ZN  A ZN  1 
HETATM 1215 ZN ZN  . ZN  G 2 .  ? -7.228  17.527  4.937   1.00 27.21 ? 101 ZN  B ZN  1 
HETATM 1216 ZN ZN  . ZN  H 2 .  ? -11.722 16.260  6.605   1.00 27.42 ? 102 ZN  B ZN  1 
HETATM 1217 ZN ZN  . ZN  I 2 .  ? -17.136 17.459  -2.346  1.00 55.42 ? 103 ZN  B ZN  1 
HETATM 1218 ZN ZN  . ZN  J 2 .  ? -25.449 9.504   -1.833  1.00 25.54 ? 104 ZN  B ZN  1 
HETATM 1219 ZN ZN  . ZN  K 2 .  ? -7.901  8.789   12.385  1.00 56.91 ? 105 ZN  B ZN  1 
HETATM 1220 O  O   . HOH L 3 .  ? 26.089  -2.612  4.312   1.00 27.58 ? 201 HOH A O   1 
HETATM 1221 O  O   . HOH L 3 .  ? 15.814  -1.481  11.365  1.00 28.28 ? 202 HOH A O   1 
HETATM 1222 O  O   . HOH L 3 .  ? -3.874  -12.125 -1.731  1.00 30.01 ? 203 HOH A O   1 
HETATM 1223 O  O   . HOH L 3 .  ? 6.245   3.716   -1.166  1.00 26.12 ? 204 HOH A O   1 
HETATM 1224 O  O   . HOH L 3 .  ? 8.044   1.063   11.059  1.00 32.15 ? 205 HOH A O   1 
HETATM 1225 O  O   . HOH L 3 .  ? -5.446  -10.165 0.996   1.00 32.77 ? 206 HOH A O   1 
HETATM 1226 O  O   . HOH L 3 .  ? 6.149   8.238   -2.603  1.00 33.14 ? 207 HOH A O   1 
HETATM 1227 O  O   . HOH L 3 .  ? 4.533   2.280   10.929  1.00 33.41 ? 208 HOH A O   1 
HETATM 1228 O  O   . HOH L 3 .  ? 9.413   -16.816 -6.886  1.00 15.19 ? 209 HOH A O   1 
HETATM 1229 O  O   . HOH M 3 .  ? -8.064  8.973   9.861   1.00 29.41 ? 201 HOH B O   1 
HETATM 1230 O  O   . HOH M 3 .  ? -17.901 16.714  -0.250  1.00 27.23 ? 202 HOH B O   1 
HETATM 1231 O  O   . HOH M 3 .  ? 4.557   5.230   -3.484  1.00 28.42 ? 203 HOH B O   1 
HETATM 1232 O  O   . HOH M 3 .  ? -9.607  -2.320  -8.638  1.00 26.76 ? 204 HOH B O   1 
HETATM 1233 O  O   . HOH M 3 .  ? -13.009 -6.653  -0.968  1.00 33.29 ? 205 HOH B O   1 
HETATM 1234 O  O   . HOH M 3 .  ? -15.915 -2.735  6.348   1.00 26.91 ? 206 HOH B O   1 
HETATM 1235 O  O   . HOH M 3 .  ? -0.188  1.971   -5.808  1.00 29.50 ? 207 HOH B O   1 
HETATM 1236 O  O   . HOH M 3 .  ? -6.584  -3.788  -7.626  1.00 14.97 ? 208 HOH B O   1 
# 
loop_
_pdbx_poly_seq_scheme.asym_id 
_pdbx_poly_seq_scheme.entity_id 
_pdbx_poly_seq_scheme.seq_id 
_pdbx_poly_seq_scheme.mon_id 
_pdbx_poly_seq_scheme.ndb_seq_num 
_pdbx_poly_seq_scheme.pdb_seq_num 
_pdbx_poly_seq_scheme.auth_seq_num 
_pdbx_poly_seq_scheme.pdb_mon_id 
_pdbx_poly_seq_scheme.auth_mon_id 
_pdbx_poly_seq_scheme.pdb_strand_id 
_pdbx_poly_seq_scheme.pdb_ins_code 
_pdbx_poly_seq_scheme.hetero 
A 1 1  MET 1  1  ?  ?   ?   A . n 
A 1 2  ALA 2  2  ?  ?   ?   A . n 
A 1 3  SER 3  3  3  SER SER A . n 
A 1 4  ARG 4  4  4  ARG ARG A . n 
A 1 5  GLU 5  5  5  GLU GLU A . n 
A 1 6  GLU 6  6  6  GLU GLU A . n 
A 1 7  ILE 7  7  7  ILE ILE A . n 
A 1 8  PHE 8  8  8  PHE PHE A . n 
A 1 9  SER 9  9  9  SER SER A . n 
A 1 10 LYS 10 10 10 LYS LYS A . n 
A 1 11 VAL 11 11 11 VAL VAL A . n 
A 1 12 LYS 12 12 12 LYS LYS A . n 
A 1 13 SER 13 13 13 SER SER A . n 
A 1 14 ILE 14 14 14 ILE ILE A . n 
A 1 15 ILE 15 15 15 ILE ILE A . n 
A 1 16 SER 16 16 16 SER SER A . n 
A 1 17 GLU 17 17 17 GLU GLU A . n 
A 1 18 LYS 18 18 18 LYS LYS A . n 
A 1 19 LEU 19 19 19 LEU LEU A . n 
A 1 20 GLY 20 20 20 GLY GLY A . n 
A 1 21 VAL 21 21 21 VAL VAL A . n 
A 1 22 ASP 22 22 22 ASP ASP A . n 
A 1 23 GLU 23 23 23 GLU GLU A . n 
A 1 24 SER 24 24 24 SER SER A . n 
A 1 25 GLN 25 25 25 GLN GLN A . n 
A 1 26 VAL 26 26 26 VAL VAL A . n 
A 1 27 THR 27 27 27 THR THR A . n 
A 1 28 GLU 28 28 28 GLU GLU A . n 
A 1 29 GLU 29 29 29 GLU GLU A . n 
A 1 30 ALA 30 30 30 ALA ALA A . n 
A 1 31 LYS 31 31 31 LYS LYS A . n 
A 1 32 LEU 32 32 32 LEU LEU A . n 
A 1 33 ILE 33 33 33 ILE ILE A . n 
A 1 34 ASP 34 34 34 ASP ASP A . n 
A 1 35 ASP 35 35 35 ASP ASP A . n 
A 1 36 LEU 36 36 36 LEU LEU A . n 
A 1 37 GLY 37 37 37 GLY GLY A . n 
A 1 38 ALA 38 38 38 ALA ALA A . n 
A 1 39 ASP 39 39 39 ASP ASP A . n 
A 1 40 SER 40 40 40 SER SER A . n 
A 1 41 LEU 41 41 41 LEU LEU A . n 
A 1 42 ASP 42 42 42 ASP ASP A . n 
A 1 43 LEU 43 43 43 LEU LEU A . n 
A 1 44 VAL 44 44 44 VAL VAL A . n 
A 1 45 ASP 45 45 45 ASP ASP A . n 
A 1 46 LEU 46 46 46 LEU LEU A . n 
A 1 47 VAL 47 47 47 VAL VAL A . n 
A 1 48 MET 48 48 48 MET MET A . n 
A 1 49 ASP 49 49 49 ASP ASP A . n 
A 1 50 PHE 50 50 50 PHE PHE A . n 
A 1 51 GLU 51 51 51 GLU GLU A . n 
A 1 52 SER 52 52 52 SER SER A . n 
A 1 53 GLU 53 53 53 GLU GLU A . n 
A 1 54 PHE 54 54 54 PHE PHE A . n 
A 1 55 GLY 55 55 55 GLY GLY A . n 
A 1 56 VAL 56 56 56 VAL VAL A . n 
A 1 57 LYS 57 57 57 LYS LYS A . n 
A 1 58 VAL 58 58 58 VAL VAL A . n 
A 1 59 ASP 59 59 59 ASP ASP A . n 
A 1 60 ASP 60 60 60 ASP ASP A . n 
A 1 61 ALA 61 61 61 ALA ALA A . n 
A 1 62 ASP 62 62 62 ASP ASP A . n 
A 1 63 LEU 63 63 63 LEU LEU A . n 
A 1 64 GLU 64 64 64 GLU GLU A . n 
A 1 65 LYS 65 65 65 LYS LYS A . n 
A 1 66 ILE 66 66 66 ILE ILE A . n 
A 1 67 SER 67 67 67 SER SER A . n 
A 1 68 THR 68 68 68 THR THR A . n 
A 1 69 VAL 69 69 69 VAL VAL A . n 
A 1 70 GLY 70 70 70 GLY GLY A . n 
A 1 71 ASP 71 71 71 ASP ASP A . n 
A 1 72 ILE 72 72 72 ILE ILE A . n 
A 1 73 VAL 73 73 73 VAL VAL A . n 
A 1 74 SER 74 74 74 SER SER A . n 
A 1 75 TYR 75 75 75 TYR TYR A . n 
A 1 76 ILE 76 76 76 ILE ILE A . n 
A 1 77 GLU 77 77 77 GLU GLU A . n 
A 1 78 LYS 78 78 78 LYS LYS A . n 
A 1 79 LYS 79 79 79 LYS LYS A . n 
A 1 80 LEU 80 80 80 LEU LEU A . n 
A 1 81 GLY 81 81 ?  ?   ?   A . n 
B 1 1  MET 1  1  ?  ?   ?   B . n 
B 1 2  ALA 2  2  ?  ?   ?   B . n 
B 1 3  SER 3  3  3  SER SER B . n 
B 1 4  ARG 4  4  4  ARG ARG B . n 
B 1 5  GLU 5  5  5  GLU GLU B . n 
B 1 6  GLU 6  6  6  GLU GLU B . n 
B 1 7  ILE 7  7  7  ILE ILE B . n 
B 1 8  PHE 8  8  8  PHE PHE B . n 
B 1 9  SER 9  9  9  SER SER B . n 
B 1 10 LYS 10 10 10 LYS LYS B . n 
B 1 11 VAL 11 11 11 VAL VAL B . n 
B 1 12 LYS 12 12 12 LYS LYS B . n 
B 1 13 SER 13 13 13 SER SER B . n 
B 1 14 ILE 14 14 14 ILE ILE B . n 
B 1 15 ILE 15 15 15 ILE ILE B . n 
B 1 16 SER 16 16 16 SER SER B . n 
B 1 17 GLU 17 17 17 GLU GLU B . n 
B 1 18 LYS 18 18 18 LYS LYS B . n 
B 1 19 LEU 19 19 19 LEU LEU B . n 
B 1 20 GLY 20 20 20 GLY GLY B . n 
B 1 21 VAL 21 21 21 VAL VAL B . n 
B 1 22 ASP 22 22 22 ASP ASP B . n 
B 1 23 GLU 23 23 23 GLU GLU B . n 
B 1 24 SER 24 24 24 SER SER B . n 
B 1 25 GLN 25 25 25 GLN GLN B . n 
B 1 26 VAL 26 26 26 VAL VAL B . n 
B 1 27 THR 27 27 27 THR THR B . n 
B 1 28 GLU 28 28 28 GLU GLU B . n 
B 1 29 GLU 29 29 29 GLU GLU B . n 
B 1 30 ALA 30 30 30 ALA ALA B . n 
B 1 31 LYS 31 31 31 LYS LYS B . n 
B 1 32 LEU 32 32 32 LEU LEU B . n 
B 1 33 ILE 33 33 33 ILE ILE B . n 
B 1 34 ASP 34 34 34 ASP ASP B . n 
B 1 35 ASP 35 35 35 ASP ASP B . n 
B 1 36 LEU 36 36 36 LEU LEU B . n 
B 1 37 GLY 37 37 37 GLY GLY B . n 
B 1 38 ALA 38 38 38 ALA ALA B . n 
B 1 39 ASP 39 39 39 ASP ASP B . n 
B 1 40 SER 40 40 40 SER SER B . n 
B 1 41 LEU 41 41 41 LEU LEU B . n 
B 1 42 ASP 42 42 42 ASP ASP B . n 
B 1 43 LEU 43 43 43 LEU LEU B . n 
B 1 44 VAL 44 44 44 VAL VAL B . n 
B 1 45 ASP 45 45 45 ASP ASP B . n 
B 1 46 LEU 46 46 46 LEU LEU B . n 
B 1 47 VAL 47 47 47 VAL VAL B . n 
B 1 48 MET 48 48 48 MET MET B . n 
B 1 49 ASP 49 49 49 ASP ASP B . n 
B 1 50 PHE 50 50 50 PHE PHE B . n 
B 1 51 GLU 51 51 51 GLU GLU B . n 
B 1 52 SER 52 52 52 SER SER B . n 
B 1 53 GLU 53 53 53 GLU GLU B . n 
B 1 54 PHE 54 54 54 PHE PHE B . n 
B 1 55 GLY 55 55 55 GLY GLY B . n 
B 1 56 VAL 56 56 56 VAL VAL B . n 
B 1 57 LYS 57 57 57 LYS LYS B . n 
B 1 58 VAL 58 58 58 VAL VAL B . n 
B 1 59 ASP 59 59 59 ASP ASP B . n 
B 1 60 ASP 60 60 60 ASP ASP B . n 
B 1 61 ALA 61 61 61 ALA ALA B . n 
B 1 62 ASP 62 62 62 ASP ASP B . n 
B 1 63 LEU 63 63 63 LEU LEU B . n 
B 1 64 GLU 64 64 64 GLU GLU B . n 
B 1 65 LYS 65 65 65 LYS LYS B . n 
B 1 66 ILE 66 66 66 ILE ILE B . n 
B 1 67 SER 67 67 67 SER SER B . n 
B 1 68 THR 68 68 68 THR THR B . n 
B 1 69 VAL 69 69 69 VAL VAL B . n 
B 1 70 GLY 70 70 70 GLY GLY B . n 
B 1 71 ASP 71 71 71 ASP ASP B . n 
B 1 72 ILE 72 72 72 ILE ILE B . n 
B 1 73 VAL 73 73 73 VAL VAL B . n 
B 1 74 SER 74 74 74 SER SER B . n 
B 1 75 TYR 75 75 75 TYR TYR B . n 
B 1 76 ILE 76 76 76 ILE ILE B . n 
B 1 77 GLU 77 77 77 GLU GLU B . n 
B 1 78 LYS 78 78 78 LYS LYS B . n 
B 1 79 LYS 79 79 79 LYS LYS B . n 
B 1 80 LEU 80 80 80 LEU LEU B . n 
B 1 81 GLY 81 81 ?  ?   ?   B . n 
# 
loop_
_pdbx_nonpoly_scheme.asym_id 
_pdbx_nonpoly_scheme.entity_id 
_pdbx_nonpoly_scheme.mon_id 
_pdbx_nonpoly_scheme.ndb_seq_num 
_pdbx_nonpoly_scheme.pdb_seq_num 
_pdbx_nonpoly_scheme.auth_seq_num 
_pdbx_nonpoly_scheme.pdb_mon_id 
_pdbx_nonpoly_scheme.auth_mon_id 
_pdbx_nonpoly_scheme.pdb_strand_id 
_pdbx_nonpoly_scheme.pdb_ins_code 
C 2 ZN  1 101 3  ZN  ZN  A . 
D 2 ZN  1 102 4  ZN  ZN  A . 
E 2 ZN  1 103 7  ZN  ZN  A . 
F 2 ZN  1 104 9  ZN  ZN  A . 
G 2 ZN  1 101 1  ZN  ZN  B . 
H 2 ZN  1 102 2  ZN  ZN  B . 
I 2 ZN  1 103 5  ZN  ZN  B . 
J 2 ZN  1 104 6  ZN  ZN  B . 
K 2 ZN  1 105 8  ZN  ZN  B . 
L 3 HOH 1 201 14 HOH HOH A . 
L 3 HOH 2 202 10 HOH HOH A . 
L 3 HOH 3 203 6  HOH HOH A . 
L 3 HOH 4 204 8  HOH HOH A . 
L 3 HOH 5 205 16 HOH HOH A . 
L 3 HOH 6 206 7  HOH HOH A . 
L 3 HOH 7 207 17 HOH HOH A . 
L 3 HOH 8 208 20 HOH HOH A . 
L 3 HOH 9 209 9  HOH HOH A . 
M 3 HOH 1 201 3  HOH HOH B . 
M 3 HOH 2 202 13 HOH HOH B . 
M 3 HOH 3 203 11 HOH HOH B . 
M 3 HOH 4 204 19 HOH HOH B . 
M 3 HOH 5 205 12 HOH HOH B . 
M 3 HOH 6 206 18 HOH HOH B . 
M 3 HOH 7 207 15 HOH HOH B . 
M 3 HOH 8 208 1  HOH HOH B . 
# 
loop_
_pdbx_struct_assembly.id 
_pdbx_struct_assembly.details 
_pdbx_struct_assembly.method_details 
_pdbx_struct_assembly.oligomeric_details 
_pdbx_struct_assembly.oligomeric_count 
1 author_defined_assembly ? monomeric 1 
2 author_defined_assembly ? monomeric 1 
# 
loop_
_pdbx_struct_assembly_gen.assembly_id 
_pdbx_struct_assembly_gen.oper_expression 
_pdbx_struct_assembly_gen.asym_id_list 
1 1 A,C,D,E,F,L   
2 1 B,G,H,I,J,K,M 
# 
_pdbx_struct_oper_list.id                   1 
_pdbx_struct_oper_list.type                 'identity operation' 
_pdbx_struct_oper_list.name                 1_555 
_pdbx_struct_oper_list.symmetry_operation   x,y,z 
_pdbx_struct_oper_list.matrix[1][1]         1.0000000000 
_pdbx_struct_oper_list.matrix[1][2]         0.0000000000 
_pdbx_struct_oper_list.matrix[1][3]         0.0000000000 
_pdbx_struct_oper_list.vector[1]            0.0000000000 
_pdbx_struct_oper_list.matrix[2][1]         0.0000000000 
_pdbx_struct_oper_list.matrix[2][2]         1.0000000000 
_pdbx_struct_oper_list.matrix[2][3]         0.0000000000 
_pdbx_struct_oper_list.vector[2]            0.0000000000 
_pdbx_struct_oper_list.matrix[3][1]         0.0000000000 
_pdbx_struct_oper_list.matrix[3][2]         0.0000000000 
_pdbx_struct_oper_list.matrix[3][3]         1.0000000000 
_pdbx_struct_oper_list.vector[3]            0.0000000000 
# 
loop_
_pdbx_struct_conn_angle.id 
_pdbx_struct_conn_angle.ptnr1_label_atom_id 
_pdbx_struct_conn_angle.ptnr1_label_alt_id 
_pdbx_struct_conn_angle.ptnr1_label_asym_id 
_pdbx_struct_conn_angle.ptnr1_label_comp_id 
_pdbx_struct_conn_angle.ptnr1_label_seq_id 
_pdbx_struct_conn_angle.ptnr1_auth_atom_id 
_pdbx_struct_conn_angle.ptnr1_auth_asym_id 
_pdbx_struct_conn_angle.ptnr1_auth_comp_id 
_pdbx_struct_conn_angle.ptnr1_auth_seq_id 
_pdbx_struct_conn_angle.ptnr1_PDB_ins_code 
_pdbx_struct_conn_angle.ptnr1_symmetry 
_pdbx_struct_conn_angle.ptnr2_label_atom_id 
_pdbx_struct_conn_angle.ptnr2_label_alt_id 
_pdbx_struct_conn_angle.ptnr2_label_asym_id 
_pdbx_struct_conn_angle.ptnr2_label_comp_id 
_pdbx_struct_conn_angle.ptnr2_label_seq_id 
_pdbx_struct_conn_angle.ptnr2_auth_atom_id 
_pdbx_struct_conn_angle.ptnr2_auth_asym_id 
_pdbx_struct_conn_angle.ptnr2_auth_comp_id 
_pdbx_struct_conn_angle.ptnr2_auth_seq_id 
_pdbx_struct_conn_angle.ptnr2_PDB_ins_code 
_pdbx_struct_conn_angle.ptnr2_symmetry 
_pdbx_struct_conn_angle.ptnr3_label_atom_id 
_pdbx_struct_conn_angle.ptnr3_label_alt_id 
_pdbx_struct_conn_angle.ptnr3_label_asym_id 
_pdbx_struct_conn_angle.ptnr3_label_comp_id 
_pdbx_struct_conn_angle.ptnr3_label_seq_id 
_pdbx_struct_conn_angle.ptnr3_auth_atom_id 
_pdbx_struct_conn_angle.ptnr3_auth_asym_id 
_pdbx_struct_conn_angle.ptnr3_auth_comp_id 
_pdbx_struct_conn_angle.ptnr3_auth_seq_id 
_pdbx_struct_conn_angle.ptnr3_PDB_ins_code 
_pdbx_struct_conn_angle.ptnr3_symmetry 
_pdbx_struct_conn_angle.value 
_pdbx_struct_conn_angle.value_esd 
1  OG  ? A SER 3  ? A SER 3   ? 1_555 ZN ? K ZN . ? B ZN 105 ? 1_655 O   ? L HOH .  ? A HOH 203 ? 1_455 48.3  ? 
2  OG  ? A SER 3  ? A SER 3   ? 1_555 ZN ? K ZN . ? B ZN 105 ? 1_655 O   ? L HOH .  ? A HOH 206 ? 1_455 52.1  ? 
3  O   ? L HOH .  ? A HOH 203 ? 1_455 ZN ? K ZN . ? B ZN 105 ? 1_655 O   ? L HOH .  ? A HOH 206 ? 1_455 3.9   ? 
4  OG  ? A SER 3  ? A SER 3   ? 1_555 ZN ? K ZN . ? B ZN 105 ? 1_655 OE1 ? B GLU 23 ? B GLU 23  ? 1_555 54.5  ? 
5  O   ? L HOH .  ? A HOH 203 ? 1_455 ZN ? K ZN . ? B ZN 105 ? 1_655 OE1 ? B GLU 23 ? B GLU 23  ? 1_555 8.7   ? 
6  O   ? L HOH .  ? A HOH 206 ? 1_455 ZN ? K ZN . ? B ZN 105 ? 1_655 OE1 ? B GLU 23 ? B GLU 23  ? 1_555 5.9   ? 
7  OG  ? A SER 3  ? A SER 3   ? 1_555 ZN ? K ZN . ? B ZN 105 ? 1_655 O   ? M HOH .  ? B HOH 201 ? 1_555 46.4  ? 
8  O   ? L HOH .  ? A HOH 203 ? 1_455 ZN ? K ZN . ? B ZN 105 ? 1_655 O   ? M HOH .  ? B HOH 201 ? 1_555 7.8   ? 
9  O   ? L HOH .  ? A HOH 206 ? 1_455 ZN ? K ZN . ? B ZN 105 ? 1_655 O   ? M HOH .  ? B HOH 201 ? 1_555 9.0   ? 
10 OE1 ? B GLU 23 ? B GLU 23  ? 1_555 ZN ? K ZN . ? B ZN 105 ? 1_655 O   ? M HOH .  ? B HOH 201 ? 1_555 8.3   ? 
11 OE2 ? A GLU 5  ? A GLU 5   ? 1_555 ZN ? G ZN . ? B ZN 101 ? 1_655 OE1 ? B GLU 53 ? B GLU 53  ? 1_555 104.0 ? 
12 OE1 ? A GLU 17 ? A GLU 17  ? 1_555 ZN ? D ZN . ? A ZN 102 ? 1_555 OE2 ? A GLU 17 ? A GLU 17  ? 1_555 58.2  ? 
13 OE1 ? A GLU 17 ? A GLU 17  ? 1_555 ZN ? D ZN . ? A ZN 102 ? 1_555 OD1 ? A ASP 71 ? A ASP 71  ? 1_555 98.6  ? 
14 OE2 ? A GLU 17 ? A GLU 17  ? 1_555 ZN ? D ZN . ? A ZN 102 ? 1_555 OD1 ? A ASP 71 ? A ASP 71  ? 1_555 78.2  ? 
15 OE1 ? A GLU 17 ? A GLU 17  ? 1_555 ZN ? D ZN . ? A ZN 102 ? 1_555 O   ? L HOH .  ? A HOH 209 ? 1_455 106.3 ? 
16 OE2 ? A GLU 17 ? A GLU 17  ? 1_555 ZN ? D ZN . ? A ZN 102 ? 1_555 O   ? L HOH .  ? A HOH 209 ? 1_455 136.0 ? 
17 OD1 ? A ASP 71 ? A ASP 71  ? 1_555 ZN ? D ZN . ? A ZN 102 ? 1_555 O   ? L HOH .  ? A HOH 209 ? 1_455 62.9  ? 
18 OE1 ? A GLU 23 ? A GLU 23  ? 1_555 ZN ? F ZN . ? A ZN 104 ? 1_555 O   ? L HOH .  ? A HOH 204 ? 1_555 79.9  ? 
19 OE1 ? A GLU 23 ? A GLU 23  ? 1_555 ZN ? F ZN . ? A ZN 104 ? 1_555 O   ? L HOH .  ? A HOH 207 ? 1_555 90.6  ? 
20 O   ? L HOH .  ? A HOH 204 ? 1_555 ZN ? F ZN . ? A ZN 104 ? 1_555 O   ? L HOH .  ? A HOH 207 ? 1_555 164.5 ? 
21 OE1 ? A GLU 23 ? A GLU 23  ? 1_555 ZN ? F ZN . ? A ZN 104 ? 1_555 O   ? M HOH .  ? B HOH 203 ? 1_555 106.5 ? 
22 O   ? L HOH .  ? A HOH 204 ? 1_555 ZN ? F ZN . ? A ZN 104 ? 1_555 O   ? M HOH .  ? B HOH 203 ? 1_555 88.7  ? 
23 O   ? L HOH .  ? A HOH 207 ? 1_555 ZN ? F ZN . ? A ZN 104 ? 1_555 O   ? M HOH .  ? B HOH 203 ? 1_555 105.9 ? 
24 OD2 ? A ASP 39 ? A ASP 39  ? 1_555 ZN ? J ZN . ? B ZN 104 ? 2_454 OD1 ? A ASP 42 ? A ASP 42  ? 1_555 107.4 ? 
25 OD2 ? A ASP 39 ? A ASP 39  ? 1_555 ZN ? J ZN . ? B ZN 104 ? 2_454 O   ? L HOH .  ? A HOH 201 ? 2_455 115.6 ? 
26 OD1 ? A ASP 42 ? A ASP 42  ? 1_555 ZN ? J ZN . ? B ZN 104 ? 2_454 O   ? L HOH .  ? A HOH 201 ? 2_455 27.3  ? 
27 OD2 ? A ASP 39 ? A ASP 39  ? 1_555 ZN ? J ZN . ? B ZN 104 ? 2_454 OD2 ? B ASP 39 ? B ASP 39  ? 1_555 113.5 ? 
28 OD1 ? A ASP 42 ? A ASP 42  ? 1_555 ZN ? J ZN . ? B ZN 104 ? 2_454 OD2 ? B ASP 39 ? B ASP 39  ? 1_555 26.9  ? 
29 O   ? L HOH .  ? A HOH 201 ? 2_455 ZN ? J ZN . ? B ZN 104 ? 2_454 OD2 ? B ASP 39 ? B ASP 39  ? 1_555 2.1   ? 
30 OD2 ? A ASP 39 ? A ASP 39  ? 1_555 ZN ? J ZN . ? B ZN 104 ? 2_454 OD1 ? B ASP 42 ? B ASP 42  ? 1_555 114.2 ? 
31 OD1 ? A ASP 42 ? A ASP 42  ? 1_555 ZN ? J ZN . ? B ZN 104 ? 2_454 OD1 ? B ASP 42 ? B ASP 42  ? 1_555 29.9  ? 
32 O   ? L HOH .  ? A HOH 201 ? 2_455 ZN ? J ZN . ? B ZN 104 ? 2_454 OD1 ? B ASP 42 ? B ASP 42  ? 1_555 3.2   ? 
33 OD2 ? B ASP 39 ? B ASP 39  ? 1_555 ZN ? J ZN . ? B ZN 104 ? 2_454 OD1 ? B ASP 42 ? B ASP 42  ? 1_555 3.1   ? 
34 OD2 ? A ASP 45 ? A ASP 45  ? 1_555 ZN ? E ZN . ? A ZN 103 ? 1_555 OD1 ? A ASP 49 ? A ASP 49  ? 1_555 147.8 ? 
35 OD2 ? A ASP 45 ? A ASP 45  ? 1_555 ZN ? E ZN . ? A ZN 103 ? 1_555 O   ? L HOH .  ? A HOH 202 ? 1_555 92.7  ? 
36 OD1 ? A ASP 49 ? A ASP 49  ? 1_555 ZN ? E ZN . ? A ZN 103 ? 1_555 O   ? L HOH .  ? A HOH 202 ? 1_555 94.8  ? 
37 OE1 ? A GLU 53 ? A GLU 53  ? 1_555 ZN ? C ZN . ? A ZN 101 ? 1_555 O   ? L HOH .  ? A HOH 208 ? 1_555 110.1 ? 
38 OE1 ? A GLU 53 ? A GLU 53  ? 1_555 ZN ? C ZN . ? A ZN 101 ? 1_555 OE1 ? B GLU 5  ? B GLU 5   ? 1_555 81.2  ? 
39 O   ? L HOH .  ? A HOH 208 ? 1_555 ZN ? C ZN . ? A ZN 101 ? 1_555 OE1 ? B GLU 5  ? B GLU 5   ? 1_555 123.1 ? 
40 OE1 ? B GLU 17 ? B GLU 17  ? 1_555 ZN ? H ZN . ? B ZN 102 ? 1_555 OE2 ? B GLU 17 ? B GLU 17  ? 1_555 57.4  ? 
41 OE1 ? B GLU 17 ? B GLU 17  ? 1_555 ZN ? H ZN . ? B ZN 102 ? 1_555 OD2 ? B ASP 71 ? B ASP 71  ? 1_555 97.4  ? 
42 OE2 ? B GLU 17 ? B GLU 17  ? 1_555 ZN ? H ZN . ? B ZN 102 ? 1_555 OD2 ? B ASP 71 ? B ASP 71  ? 1_555 74.3  ? 
43 OE1 ? B GLU 17 ? B GLU 17  ? 1_555 ZN ? H ZN . ? B ZN 102 ? 1_555 O   ? M HOH .  ? B HOH 204 ? 1_455 149.4 ? 
44 OE2 ? B GLU 17 ? B GLU 17  ? 1_555 ZN ? H ZN . ? B ZN 102 ? 1_555 O   ? M HOH .  ? B HOH 204 ? 1_455 93.6  ? 
45 OD2 ? B ASP 71 ? B ASP 71  ? 1_555 ZN ? H ZN . ? B ZN 102 ? 1_555 O   ? M HOH .  ? B HOH 204 ? 1_455 82.3  ? 
46 OD1 ? B ASP 45 ? B ASP 45  ? 1_555 ZN ? I ZN . ? B ZN 103 ? 1_555 OD1 ? B ASP 49 ? B ASP 49  ? 1_555 139.2 ? 
47 OD1 ? B ASP 45 ? B ASP 45  ? 1_555 ZN ? I ZN . ? B ZN 103 ? 1_555 O   ? M HOH .  ? B HOH 202 ? 1_555 100.5 ? 
48 OD1 ? B ASP 49 ? B ASP 49  ? 1_555 ZN ? I ZN . ? B ZN 103 ? 1_555 O   ? M HOH .  ? B HOH 202 ? 1_555 98.1  ? 
# 
loop_
_pdbx_audit_revision_history.ordinal 
_pdbx_audit_revision_history.data_content_type 
_pdbx_audit_revision_history.major_revision 
_pdbx_audit_revision_history.minor_revision 
_pdbx_audit_revision_history.revision_date 
1 'Structure model' 1 0 2020-04-22 
2 'Structure model' 1 1 2020-04-29 
3 'Structure model' 1 2 2023-11-29 
# 
_pdbx_audit_revision_details.ordinal             1 
_pdbx_audit_revision_details.revision_ordinal    1 
_pdbx_audit_revision_details.data_content_type   'Structure model' 
_pdbx_audit_revision_details.provider            repository 
_pdbx_audit_revision_details.type                'Initial release' 
_pdbx_audit_revision_details.description         ? 
_pdbx_audit_revision_details.details             ? 
# 
loop_
_pdbx_audit_revision_group.ordinal 
_pdbx_audit_revision_group.revision_ordinal 
_pdbx_audit_revision_group.data_content_type 
_pdbx_audit_revision_group.group 
1 2 'Structure model' 'Database references'    
2 3 'Structure model' 'Data collection'        
3 3 'Structure model' 'Database references'    
4 3 'Structure model' 'Derived calculations'   
5 3 'Structure model' 'Refinement description' 
# 
loop_
_pdbx_audit_revision_category.ordinal 
_pdbx_audit_revision_category.revision_ordinal 
_pdbx_audit_revision_category.data_content_type 
_pdbx_audit_revision_category.category 
1 2 'Structure model' citation                      
2 2 'Structure model' citation_author               
3 3 'Structure model' chem_comp_atom                
4 3 'Structure model' chem_comp_bond                
5 3 'Structure model' database_2                    
6 3 'Structure model' pdbx_initial_refinement_model 
7 3 'Structure model' pdbx_struct_conn_angle        
8 3 'Structure model' struct_conn                   
9 3 'Structure model' struct_ncs_dom_lim            
# 
loop_
_pdbx_audit_revision_item.ordinal 
_pdbx_audit_revision_item.revision_ordinal 
_pdbx_audit_revision_item.data_content_type 
_pdbx_audit_revision_item.item 
1  2 'Structure model' '_citation.pdbx_database_id_PubMed'           
2  2 'Structure model' '_citation.title'                             
3  2 'Structure model' '_citation_author.identifier_ORCID'           
4  2 'Structure model' '_citation_author.name'                       
5  3 'Structure model' '_database_2.pdbx_DOI'                        
6  3 'Structure model' '_database_2.pdbx_database_accession'         
7  3 'Structure model' '_pdbx_struct_conn_angle.ptnr1_auth_asym_id'  
8  3 'Structure model' '_pdbx_struct_conn_angle.ptnr1_auth_comp_id'  
9  3 'Structure model' '_pdbx_struct_conn_angle.ptnr1_auth_seq_id'   
10 3 'Structure model' '_pdbx_struct_conn_angle.ptnr1_label_asym_id' 
11 3 'Structure model' '_pdbx_struct_conn_angle.ptnr1_label_atom_id' 
12 3 'Structure model' '_pdbx_struct_conn_angle.ptnr1_label_comp_id' 
13 3 'Structure model' '_pdbx_struct_conn_angle.ptnr1_label_seq_id'  
14 3 'Structure model' '_pdbx_struct_conn_angle.ptnr1_symmetry'      
15 3 'Structure model' '_pdbx_struct_conn_angle.ptnr2_auth_asym_id'  
16 3 'Structure model' '_pdbx_struct_conn_angle.ptnr2_auth_seq_id'   
17 3 'Structure model' '_pdbx_struct_conn_angle.ptnr2_label_asym_id' 
18 3 'Structure model' '_pdbx_struct_conn_angle.ptnr2_symmetry'      
19 3 'Structure model' '_pdbx_struct_conn_angle.ptnr3_auth_asym_id'  
20 3 'Structure model' '_pdbx_struct_conn_angle.ptnr3_auth_comp_id'  
21 3 'Structure model' '_pdbx_struct_conn_angle.ptnr3_auth_seq_id'   
22 3 'Structure model' '_pdbx_struct_conn_angle.ptnr3_label_asym_id' 
23 3 'Structure model' '_pdbx_struct_conn_angle.ptnr3_label_atom_id' 
24 3 'Structure model' '_pdbx_struct_conn_angle.ptnr3_label_comp_id' 
25 3 'Structure model' '_pdbx_struct_conn_angle.ptnr3_label_seq_id'  
26 3 'Structure model' '_pdbx_struct_conn_angle.ptnr3_symmetry'      
27 3 'Structure model' '_pdbx_struct_conn_angle.value'               
28 3 'Structure model' '_struct_conn.pdbx_dist_value'                
29 3 'Structure model' '_struct_conn.ptnr1_auth_asym_id'             
30 3 'Structure model' '_struct_conn.ptnr1_auth_comp_id'             
31 3 'Structure model' '_struct_conn.ptnr1_auth_seq_id'              
32 3 'Structure model' '_struct_conn.ptnr1_label_asym_id'            
33 3 'Structure model' '_struct_conn.ptnr1_label_atom_id'            
34 3 'Structure model' '_struct_conn.ptnr1_label_comp_id'            
35 3 'Structure model' '_struct_conn.ptnr1_label_seq_id'             
36 3 'Structure model' '_struct_conn.ptnr1_symmetry'                 
37 3 'Structure model' '_struct_conn.ptnr2_auth_asym_id'             
38 3 'Structure model' '_struct_conn.ptnr2_auth_comp_id'             
39 3 'Structure model' '_struct_conn.ptnr2_auth_seq_id'              
40 3 'Structure model' '_struct_conn.ptnr2_label_asym_id'            
41 3 'Structure model' '_struct_conn.ptnr2_label_atom_id'            
42 3 'Structure model' '_struct_conn.ptnr2_label_comp_id'            
43 3 'Structure model' '_struct_conn.ptnr2_label_seq_id'             
44 3 'Structure model' '_struct_conn.ptnr2_symmetry'                 
45 3 'Structure model' '_struct_ncs_dom_lim.beg_auth_comp_id'        
46 3 'Structure model' '_struct_ncs_dom_lim.beg_label_asym_id'       
47 3 'Structure model' '_struct_ncs_dom_lim.beg_label_comp_id'       
48 3 'Structure model' '_struct_ncs_dom_lim.beg_label_seq_id'        
49 3 'Structure model' '_struct_ncs_dom_lim.end_auth_comp_id'        
50 3 'Structure model' '_struct_ncs_dom_lim.end_label_asym_id'       
51 3 'Structure model' '_struct_ncs_dom_lim.end_label_comp_id'       
52 3 'Structure model' '_struct_ncs_dom_lim.end_label_seq_id'        
# 
_phasing.method   MR 
# 
loop_
_software.citation_id 
_software.classification 
_software.compiler_name 
_software.compiler_version 
_software.contact_author 
_software.contact_author_email 
_software.date 
_software.description 
_software.dependencies 
_software.hardware 
_software.language 
_software.location 
_software.mods 
_software.name 
_software.os 
_software.os_version 
_software.type 
_software.version 
_software.pdbx_ordinal 
? 'data scaling'    ? ? ? ? ? ? ? ? ? ? ? SCALEPACK   ? ? ? .           1 
? phasing           ? ? ? ? ? ? ? ? ? ? ? PHASER      ? ? ? .           2 
? refinement        ? ? ? ? ? ? ? ? ? ? ? PHENIX      ? ? ? 1.11.1_2575 3 
? 'data extraction' ? ? ? ? ? ? ? ? ? ? ? PDB_EXTRACT ? ? ? 3.24        4 
? 'data reduction'  ? ? ? ? ? ? ? ? ? ? ? HKL-2000    ? ? ? .           5 
# 
_pdbx_entry_details.entry_id                 6LVU 
_pdbx_entry_details.has_ligand_of_interest   N 
_pdbx_entry_details.compound_details         ? 
_pdbx_entry_details.source_details           ? 
_pdbx_entry_details.nonpolymer_details       ? 
_pdbx_entry_details.sequence_details         ? 
# 
loop_
_pdbx_validate_close_contact.id 
_pdbx_validate_close_contact.PDB_model_num 
_pdbx_validate_close_contact.auth_atom_id_1 
_pdbx_validate_close_contact.auth_asym_id_1 
_pdbx_validate_close_contact.auth_comp_id_1 
_pdbx_validate_close_contact.auth_seq_id_1 
_pdbx_validate_close_contact.PDB_ins_code_1 
_pdbx_validate_close_contact.label_alt_id_1 
_pdbx_validate_close_contact.auth_atom_id_2 
_pdbx_validate_close_contact.auth_asym_id_2 
_pdbx_validate_close_contact.auth_comp_id_2 
_pdbx_validate_close_contact.auth_seq_id_2 
_pdbx_validate_close_contact.PDB_ins_code_2 
_pdbx_validate_close_contact.label_alt_id_2 
_pdbx_validate_close_contact.dist 
1 1 OD2 A ASP 39 ? ? O A HOH 201 ? ? 2.09 
2 1 NZ  B LYS 12 ? ? O B HOH 201 ? ? 2.09 
# 
_pdbx_validate_symm_contact.id                1 
_pdbx_validate_symm_contact.PDB_model_num     1 
_pdbx_validate_symm_contact.auth_atom_id_1    OD2 
_pdbx_validate_symm_contact.auth_asym_id_1    B 
_pdbx_validate_symm_contact.auth_comp_id_1    ASP 
_pdbx_validate_symm_contact.auth_seq_id_1     39 
_pdbx_validate_symm_contact.PDB_ins_code_1    ? 
_pdbx_validate_symm_contact.label_alt_id_1    ? 
_pdbx_validate_symm_contact.site_symmetry_1   1_555 
_pdbx_validate_symm_contact.auth_atom_id_2    O 
_pdbx_validate_symm_contact.auth_asym_id_2    A 
_pdbx_validate_symm_contact.auth_comp_id_2    HOH 
_pdbx_validate_symm_contact.auth_seq_id_2     201 
_pdbx_validate_symm_contact.PDB_ins_code_2    ? 
_pdbx_validate_symm_contact.label_alt_id_2    ? 
_pdbx_validate_symm_contact.site_symmetry_2   2_455 
_pdbx_validate_symm_contact.dist              2.09 
# 
loop_
_pdbx_unobs_or_zero_occ_residues.id 
_pdbx_unobs_or_zero_occ_residues.PDB_model_num 
_pdbx_unobs_or_zero_occ_residues.polymer_flag 
_pdbx_unobs_or_zero_occ_residues.occupancy_flag 
_pdbx_unobs_or_zero_occ_residues.auth_asym_id 
_pdbx_unobs_or_zero_occ_residues.auth_comp_id 
_pdbx_unobs_or_zero_occ_residues.auth_seq_id 
_pdbx_unobs_or_zero_occ_residues.PDB_ins_code 
_pdbx_unobs_or_zero_occ_residues.label_asym_id 
_pdbx_unobs_or_zero_occ_residues.label_comp_id 
_pdbx_unobs_or_zero_occ_residues.label_seq_id 
1 1 Y 1 A MET 1  ? A MET 1  
2 1 Y 1 A ALA 2  ? A ALA 2  
3 1 Y 1 A GLY 81 ? A GLY 81 
4 1 Y 1 B MET 1  ? B MET 1  
5 1 Y 1 B ALA 2  ? B ALA 2  
6 1 Y 1 B GLY 81 ? B GLY 81 
# 
loop_
_chem_comp_atom.comp_id 
_chem_comp_atom.atom_id 
_chem_comp_atom.type_symbol 
_chem_comp_atom.pdbx_aromatic_flag 
_chem_comp_atom.pdbx_stereo_config 
_chem_comp_atom.pdbx_ordinal 
ALA N    N  N N 1   
ALA CA   C  N S 2   
ALA C    C  N N 3   
ALA O    O  N N 4   
ALA CB   C  N N 5   
ALA OXT  O  N N 6   
ALA H    H  N N 7   
ALA H2   H  N N 8   
ALA HA   H  N N 9   
ALA HB1  H  N N 10  
ALA HB2  H  N N 11  
ALA HB3  H  N N 12  
ALA HXT  H  N N 13  
ARG N    N  N N 14  
ARG CA   C  N S 15  
ARG C    C  N N 16  
ARG O    O  N N 17  
ARG CB   C  N N 18  
ARG CG   C  N N 19  
ARG CD   C  N N 20  
ARG NE   N  N N 21  
ARG CZ   C  N N 22  
ARG NH1  N  N N 23  
ARG NH2  N  N N 24  
ARG OXT  O  N N 25  
ARG H    H  N N 26  
ARG H2   H  N N 27  
ARG HA   H  N N 28  
ARG HB2  H  N N 29  
ARG HB3  H  N N 30  
ARG HG2  H  N N 31  
ARG HG3  H  N N 32  
ARG HD2  H  N N 33  
ARG HD3  H  N N 34  
ARG HE   H  N N 35  
ARG HH11 H  N N 36  
ARG HH12 H  N N 37  
ARG HH21 H  N N 38  
ARG HH22 H  N N 39  
ARG HXT  H  N N 40  
ASP N    N  N N 41  
ASP CA   C  N S 42  
ASP C    C  N N 43  
ASP O    O  N N 44  
ASP CB   C  N N 45  
ASP CG   C  N N 46  
ASP OD1  O  N N 47  
ASP OD2  O  N N 48  
ASP OXT  O  N N 49  
ASP H    H  N N 50  
ASP H2   H  N N 51  
ASP HA   H  N N 52  
ASP HB2  H  N N 53  
ASP HB3  H  N N 54  
ASP HD2  H  N N 55  
ASP HXT  H  N N 56  
GLN N    N  N N 57  
GLN CA   C  N S 58  
GLN C    C  N N 59  
GLN O    O  N N 60  
GLN CB   C  N N 61  
GLN CG   C  N N 62  
GLN CD   C  N N 63  
GLN OE1  O  N N 64  
GLN NE2  N  N N 65  
GLN OXT  O  N N 66  
GLN H    H  N N 67  
GLN H2   H  N N 68  
GLN HA   H  N N 69  
GLN HB2  H  N N 70  
GLN HB3  H  N N 71  
GLN HG2  H  N N 72  
GLN HG3  H  N N 73  
GLN HE21 H  N N 74  
GLN HE22 H  N N 75  
GLN HXT  H  N N 76  
GLU N    N  N N 77  
GLU CA   C  N S 78  
GLU C    C  N N 79  
GLU O    O  N N 80  
GLU CB   C  N N 81  
GLU CG   C  N N 82  
GLU CD   C  N N 83  
GLU OE1  O  N N 84  
GLU OE2  O  N N 85  
GLU OXT  O  N N 86  
GLU H    H  N N 87  
GLU H2   H  N N 88  
GLU HA   H  N N 89  
GLU HB2  H  N N 90  
GLU HB3  H  N N 91  
GLU HG2  H  N N 92  
GLU HG3  H  N N 93  
GLU HE2  H  N N 94  
GLU HXT  H  N N 95  
GLY N    N  N N 96  
GLY CA   C  N N 97  
GLY C    C  N N 98  
GLY O    O  N N 99  
GLY OXT  O  N N 100 
GLY H    H  N N 101 
GLY H2   H  N N 102 
GLY HA2  H  N N 103 
GLY HA3  H  N N 104 
GLY HXT  H  N N 105 
HOH O    O  N N 106 
HOH H1   H  N N 107 
HOH H2   H  N N 108 
ILE N    N  N N 109 
ILE CA   C  N S 110 
ILE C    C  N N 111 
ILE O    O  N N 112 
ILE CB   C  N S 113 
ILE CG1  C  N N 114 
ILE CG2  C  N N 115 
ILE CD1  C  N N 116 
ILE OXT  O  N N 117 
ILE H    H  N N 118 
ILE H2   H  N N 119 
ILE HA   H  N N 120 
ILE HB   H  N N 121 
ILE HG12 H  N N 122 
ILE HG13 H  N N 123 
ILE HG21 H  N N 124 
ILE HG22 H  N N 125 
ILE HG23 H  N N 126 
ILE HD11 H  N N 127 
ILE HD12 H  N N 128 
ILE HD13 H  N N 129 
ILE HXT  H  N N 130 
LEU N    N  N N 131 
LEU CA   C  N S 132 
LEU C    C  N N 133 
LEU O    O  N N 134 
LEU CB   C  N N 135 
LEU CG   C  N N 136 
LEU CD1  C  N N 137 
LEU CD2  C  N N 138 
LEU OXT  O  N N 139 
LEU H    H  N N 140 
LEU H2   H  N N 141 
LEU HA   H  N N 142 
LEU HB2  H  N N 143 
LEU HB3  H  N N 144 
LEU HG   H  N N 145 
LEU HD11 H  N N 146 
LEU HD12 H  N N 147 
LEU HD13 H  N N 148 
LEU HD21 H  N N 149 
LEU HD22 H  N N 150 
LEU HD23 H  N N 151 
LEU HXT  H  N N 152 
LYS N    N  N N 153 
LYS CA   C  N S 154 
LYS C    C  N N 155 
LYS O    O  N N 156 
LYS CB   C  N N 157 
LYS CG   C  N N 158 
LYS CD   C  N N 159 
LYS CE   C  N N 160 
LYS NZ   N  N N 161 
LYS OXT  O  N N 162 
LYS H    H  N N 163 
LYS H2   H  N N 164 
LYS HA   H  N N 165 
LYS HB2  H  N N 166 
LYS HB3  H  N N 167 
LYS HG2  H  N N 168 
LYS HG3  H  N N 169 
LYS HD2  H  N N 170 
LYS HD3  H  N N 171 
LYS HE2  H  N N 172 
LYS HE3  H  N N 173 
LYS HZ1  H  N N 174 
LYS HZ2  H  N N 175 
LYS HZ3  H  N N 176 
LYS HXT  H  N N 177 
MET N    N  N N 178 
MET CA   C  N S 179 
MET C    C  N N 180 
MET O    O  N N 181 
MET CB   C  N N 182 
MET CG   C  N N 183 
MET SD   S  N N 184 
MET CE   C  N N 185 
MET OXT  O  N N 186 
MET H    H  N N 187 
MET H2   H  N N 188 
MET HA   H  N N 189 
MET HB2  H  N N 190 
MET HB3  H  N N 191 
MET HG2  H  N N 192 
MET HG3  H  N N 193 
MET HE1  H  N N 194 
MET HE2  H  N N 195 
MET HE3  H  N N 196 
MET HXT  H  N N 197 
PHE N    N  N N 198 
PHE CA   C  N S 199 
PHE C    C  N N 200 
PHE O    O  N N 201 
PHE CB   C  N N 202 
PHE CG   C  Y N 203 
PHE CD1  C  Y N 204 
PHE CD2  C  Y N 205 
PHE CE1  C  Y N 206 
PHE CE2  C  Y N 207 
PHE CZ   C  Y N 208 
PHE OXT  O  N N 209 
PHE H    H  N N 210 
PHE H2   H  N N 211 
PHE HA   H  N N 212 
PHE HB2  H  N N 213 
PHE HB3  H  N N 214 
PHE HD1  H  N N 215 
PHE HD2  H  N N 216 
PHE HE1  H  N N 217 
PHE HE2  H  N N 218 
PHE HZ   H  N N 219 
PHE HXT  H  N N 220 
SER N    N  N N 221 
SER CA   C  N S 222 
SER C    C  N N 223 
SER O    O  N N 224 
SER CB   C  N N 225 
SER OG   O  N N 226 
SER OXT  O  N N 227 
SER H    H  N N 228 
SER H2   H  N N 229 
SER HA   H  N N 230 
SER HB2  H  N N 231 
SER HB3  H  N N 232 
SER HG   H  N N 233 
SER HXT  H  N N 234 
THR N    N  N N 235 
THR CA   C  N S 236 
THR C    C  N N 237 
THR O    O  N N 238 
THR CB   C  N R 239 
THR OG1  O  N N 240 
THR CG2  C  N N 241 
THR OXT  O  N N 242 
THR H    H  N N 243 
THR H2   H  N N 244 
THR HA   H  N N 245 
THR HB   H  N N 246 
THR HG1  H  N N 247 
THR HG21 H  N N 248 
THR HG22 H  N N 249 
THR HG23 H  N N 250 
THR HXT  H  N N 251 
TYR N    N  N N 252 
TYR CA   C  N S 253 
TYR C    C  N N 254 
TYR O    O  N N 255 
TYR CB   C  N N 256 
TYR CG   C  Y N 257 
TYR CD1  C  Y N 258 
TYR CD2  C  Y N 259 
TYR CE1  C  Y N 260 
TYR CE2  C  Y N 261 
TYR CZ   C  Y N 262 
TYR OH   O  N N 263 
TYR OXT  O  N N 264 
TYR H    H  N N 265 
TYR H2   H  N N 266 
TYR HA   H  N N 267 
TYR HB2  H  N N 268 
TYR HB3  H  N N 269 
TYR HD1  H  N N 270 
TYR HD2  H  N N 271 
TYR HE1  H  N N 272 
TYR HE2  H  N N 273 
TYR HH   H  N N 274 
TYR HXT  H  N N 275 
VAL N    N  N N 276 
VAL CA   C  N S 277 
VAL C    C  N N 278 
VAL O    O  N N 279 
VAL CB   C  N N 280 
VAL CG1  C  N N 281 
VAL CG2  C  N N 282 
VAL OXT  O  N N 283 
VAL H    H  N N 284 
VAL H2   H  N N 285 
VAL HA   H  N N 286 
VAL HB   H  N N 287 
VAL HG11 H  N N 288 
VAL HG12 H  N N 289 
VAL HG13 H  N N 290 
VAL HG21 H  N N 291 
VAL HG22 H  N N 292 
VAL HG23 H  N N 293 
VAL HXT  H  N N 294 
ZN  ZN   ZN N N 295 
# 
loop_
_chem_comp_bond.comp_id 
_chem_comp_bond.atom_id_1 
_chem_comp_bond.atom_id_2 
_chem_comp_bond.value_order 
_chem_comp_bond.pdbx_aromatic_flag 
_chem_comp_bond.pdbx_stereo_config 
_chem_comp_bond.pdbx_ordinal 
ALA N   CA   sing N N 1   
ALA N   H    sing N N 2   
ALA N   H2   sing N N 3   
ALA CA  C    sing N N 4   
ALA CA  CB   sing N N 5   
ALA CA  HA   sing N N 6   
ALA C   O    doub N N 7   
ALA C   OXT  sing N N 8   
ALA CB  HB1  sing N N 9   
ALA CB  HB2  sing N N 10  
ALA CB  HB3  sing N N 11  
ALA OXT HXT  sing N N 12  
ARG N   CA   sing N N 13  
ARG N   H    sing N N 14  
ARG N   H2   sing N N 15  
ARG CA  C    sing N N 16  
ARG CA  CB   sing N N 17  
ARG CA  HA   sing N N 18  
ARG C   O    doub N N 19  
ARG C   OXT  sing N N 20  
ARG CB  CG   sing N N 21  
ARG CB  HB2  sing N N 22  
ARG CB  HB3  sing N N 23  
ARG CG  CD   sing N N 24  
ARG CG  HG2  sing N N 25  
ARG CG  HG3  sing N N 26  
ARG CD  NE   sing N N 27  
ARG CD  HD2  sing N N 28  
ARG CD  HD3  sing N N 29  
ARG NE  CZ   sing N N 30  
ARG NE  HE   sing N N 31  
ARG CZ  NH1  sing N N 32  
ARG CZ  NH2  doub N N 33  
ARG NH1 HH11 sing N N 34  
ARG NH1 HH12 sing N N 35  
ARG NH2 HH21 sing N N 36  
ARG NH2 HH22 sing N N 37  
ARG OXT HXT  sing N N 38  
ASP N   CA   sing N N 39  
ASP N   H    sing N N 40  
ASP N   H2   sing N N 41  
ASP CA  C    sing N N 42  
ASP CA  CB   sing N N 43  
ASP CA  HA   sing N N 44  
ASP C   O    doub N N 45  
ASP C   OXT  sing N N 46  
ASP CB  CG   sing N N 47  
ASP CB  HB2  sing N N 48  
ASP CB  HB3  sing N N 49  
ASP CG  OD1  doub N N 50  
ASP CG  OD2  sing N N 51  
ASP OD2 HD2  sing N N 52  
ASP OXT HXT  sing N N 53  
GLN N   CA   sing N N 54  
GLN N   H    sing N N 55  
GLN N   H2   sing N N 56  
GLN CA  C    sing N N 57  
GLN CA  CB   sing N N 58  
GLN CA  HA   sing N N 59  
GLN C   O    doub N N 60  
GLN C   OXT  sing N N 61  
GLN CB  CG   sing N N 62  
GLN CB  HB2  sing N N 63  
GLN CB  HB3  sing N N 64  
GLN CG  CD   sing N N 65  
GLN CG  HG2  sing N N 66  
GLN CG  HG3  sing N N 67  
GLN CD  OE1  doub N N 68  
GLN CD  NE2  sing N N 69  
GLN NE2 HE21 sing N N 70  
GLN NE2 HE22 sing N N 71  
GLN OXT HXT  sing N N 72  
GLU N   CA   sing N N 73  
GLU N   H    sing N N 74  
GLU N   H2   sing N N 75  
GLU CA  C    sing N N 76  
GLU CA  CB   sing N N 77  
GLU CA  HA   sing N N 78  
GLU C   O    doub N N 79  
GLU C   OXT  sing N N 80  
GLU CB  CG   sing N N 81  
GLU CB  HB2  sing N N 82  
GLU CB  HB3  sing N N 83  
GLU CG  CD   sing N N 84  
GLU CG  HG2  sing N N 85  
GLU CG  HG3  sing N N 86  
GLU CD  OE1  doub N N 87  
GLU CD  OE2  sing N N 88  
GLU OE2 HE2  sing N N 89  
GLU OXT HXT  sing N N 90  
GLY N   CA   sing N N 91  
GLY N   H    sing N N 92  
GLY N   H2   sing N N 93  
GLY CA  C    sing N N 94  
GLY CA  HA2  sing N N 95  
GLY CA  HA3  sing N N 96  
GLY C   O    doub N N 97  
GLY C   OXT  sing N N 98  
GLY OXT HXT  sing N N 99  
HOH O   H1   sing N N 100 
HOH O   H2   sing N N 101 
ILE N   CA   sing N N 102 
ILE N   H    sing N N 103 
ILE N   H2   sing N N 104 
ILE CA  C    sing N N 105 
ILE CA  CB   sing N N 106 
ILE CA  HA   sing N N 107 
ILE C   O    doub N N 108 
ILE C   OXT  sing N N 109 
ILE CB  CG1  sing N N 110 
ILE CB  CG2  sing N N 111 
ILE CB  HB   sing N N 112 
ILE CG1 CD1  sing N N 113 
ILE CG1 HG12 sing N N 114 
ILE CG1 HG13 sing N N 115 
ILE CG2 HG21 sing N N 116 
ILE CG2 HG22 sing N N 117 
ILE CG2 HG23 sing N N 118 
ILE CD1 HD11 sing N N 119 
ILE CD1 HD12 sing N N 120 
ILE CD1 HD13 sing N N 121 
ILE OXT HXT  sing N N 122 
LEU N   CA   sing N N 123 
LEU N   H    sing N N 124 
LEU N   H2   sing N N 125 
LEU CA  C    sing N N 126 
LEU CA  CB   sing N N 127 
LEU CA  HA   sing N N 128 
LEU C   O    doub N N 129 
LEU C   OXT  sing N N 130 
LEU CB  CG   sing N N 131 
LEU CB  HB2  sing N N 132 
LEU CB  HB3  sing N N 133 
LEU CG  CD1  sing N N 134 
LEU CG  CD2  sing N N 135 
LEU CG  HG   sing N N 136 
LEU CD1 HD11 sing N N 137 
LEU CD1 HD12 sing N N 138 
LEU CD1 HD13 sing N N 139 
LEU CD2 HD21 sing N N 140 
LEU CD2 HD22 sing N N 141 
LEU CD2 HD23 sing N N 142 
LEU OXT HXT  sing N N 143 
LYS N   CA   sing N N 144 
LYS N   H    sing N N 145 
LYS N   H2   sing N N 146 
LYS CA  C    sing N N 147 
LYS CA  CB   sing N N 148 
LYS CA  HA   sing N N 149 
LYS C   O    doub N N 150 
LYS C   OXT  sing N N 151 
LYS CB  CG   sing N N 152 
LYS CB  HB2  sing N N 153 
LYS CB  HB3  sing N N 154 
LYS CG  CD   sing N N 155 
LYS CG  HG2  sing N N 156 
LYS CG  HG3  sing N N 157 
LYS CD  CE   sing N N 158 
LYS CD  HD2  sing N N 159 
LYS CD  HD3  sing N N 160 
LYS CE  NZ   sing N N 161 
LYS CE  HE2  sing N N 162 
LYS CE  HE3  sing N N 163 
LYS NZ  HZ1  sing N N 164 
LYS NZ  HZ2  sing N N 165 
LYS NZ  HZ3  sing N N 166 
LYS OXT HXT  sing N N 167 
MET N   CA   sing N N 168 
MET N   H    sing N N 169 
MET N   H2   sing N N 170 
MET CA  C    sing N N 171 
MET CA  CB   sing N N 172 
MET CA  HA   sing N N 173 
MET C   O    doub N N 174 
MET C   OXT  sing N N 175 
MET CB  CG   sing N N 176 
MET CB  HB2  sing N N 177 
MET CB  HB3  sing N N 178 
MET CG  SD   sing N N 179 
MET CG  HG2  sing N N 180 
MET CG  HG3  sing N N 181 
MET SD  CE   sing N N 182 
MET CE  HE1  sing N N 183 
MET CE  HE2  sing N N 184 
MET CE  HE3  sing N N 185 
MET OXT HXT  sing N N 186 
PHE N   CA   sing N N 187 
PHE N   H    sing N N 188 
PHE N   H2   sing N N 189 
PHE CA  C    sing N N 190 
PHE CA  CB   sing N N 191 
PHE CA  HA   sing N N 192 
PHE C   O    doub N N 193 
PHE C   OXT  sing N N 194 
PHE CB  CG   sing N N 195 
PHE CB  HB2  sing N N 196 
PHE CB  HB3  sing N N 197 
PHE CG  CD1  doub Y N 198 
PHE CG  CD2  sing Y N 199 
PHE CD1 CE1  sing Y N 200 
PHE CD1 HD1  sing N N 201 
PHE CD2 CE2  doub Y N 202 
PHE CD2 HD2  sing N N 203 
PHE CE1 CZ   doub Y N 204 
PHE CE1 HE1  sing N N 205 
PHE CE2 CZ   sing Y N 206 
PHE CE2 HE2  sing N N 207 
PHE CZ  HZ   sing N N 208 
PHE OXT HXT  sing N N 209 
SER N   CA   sing N N 210 
SER N   H    sing N N 211 
SER N   H2   sing N N 212 
SER CA  C    sing N N 213 
SER CA  CB   sing N N 214 
SER CA  HA   sing N N 215 
SER C   O    doub N N 216 
SER C   OXT  sing N N 217 
SER CB  OG   sing N N 218 
SER CB  HB2  sing N N 219 
SER CB  HB3  sing N N 220 
SER OG  HG   sing N N 221 
SER OXT HXT  sing N N 222 
THR N   CA   sing N N 223 
THR N   H    sing N N 224 
THR N   H2   sing N N 225 
THR CA  C    sing N N 226 
THR CA  CB   sing N N 227 
THR CA  HA   sing N N 228 
THR C   O    doub N N 229 
THR C   OXT  sing N N 230 
THR CB  OG1  sing N N 231 
THR CB  CG2  sing N N 232 
THR CB  HB   sing N N 233 
THR OG1 HG1  sing N N 234 
THR CG2 HG21 sing N N 235 
THR CG2 HG22 sing N N 236 
THR CG2 HG23 sing N N 237 
THR OXT HXT  sing N N 238 
TYR N   CA   sing N N 239 
TYR N   H    sing N N 240 
TYR N   H2   sing N N 241 
TYR CA  C    sing N N 242 
TYR CA  CB   sing N N 243 
TYR CA  HA   sing N N 244 
TYR C   O    doub N N 245 
TYR C   OXT  sing N N 246 
TYR CB  CG   sing N N 247 
TYR CB  HB2  sing N N 248 
TYR CB  HB3  sing N N 249 
TYR CG  CD1  doub Y N 250 
TYR CG  CD2  sing Y N 251 
TYR CD1 CE1  sing Y N 252 
TYR CD1 HD1  sing N N 253 
TYR CD2 CE2  doub Y N 254 
TYR CD2 HD2  sing N N 255 
TYR CE1 CZ   doub Y N 256 
TYR CE1 HE1  sing N N 257 
TYR CE2 CZ   sing Y N 258 
TYR CE2 HE2  sing N N 259 
TYR CZ  OH   sing N N 260 
TYR OH  HH   sing N N 261 
TYR OXT HXT  sing N N 262 
VAL N   CA   sing N N 263 
VAL N   H    sing N N 264 
VAL N   H2   sing N N 265 
VAL CA  C    sing N N 266 
VAL CA  CB   sing N N 267 
VAL CA  HA   sing N N 268 
VAL C   O    doub N N 269 
VAL C   OXT  sing N N 270 
VAL CB  CG1  sing N N 271 
VAL CB  CG2  sing N N 272 
VAL CB  HB   sing N N 273 
VAL CG1 HG11 sing N N 274 
VAL CG1 HG12 sing N N 275 
VAL CG1 HG13 sing N N 276 
VAL CG2 HG21 sing N N 277 
VAL CG2 HG22 sing N N 278 
VAL CG2 HG23 sing N N 279 
VAL OXT HXT  sing N N 280 
# 
_pdbx_audit_support.funding_organization   'National Research Foundation (NRF, Korea)' 
_pdbx_audit_support.country                'Korea, Republic Of' 
_pdbx_audit_support.grant_number           S201903S00006 
_pdbx_audit_support.ordinal                1 
# 
loop_
_pdbx_entity_nonpoly.entity_id 
_pdbx_entity_nonpoly.name 
_pdbx_entity_nonpoly.comp_id 
2 'ZINC ION' ZN  
3 water      HOH 
# 
_pdbx_initial_refinement_model.id               1 
_pdbx_initial_refinement_model.entity_id_list   ? 
_pdbx_initial_refinement_model.type             'experimental model' 
_pdbx_initial_refinement_model.source_name      PDB 
_pdbx_initial_refinement_model.accession_code   2EHS 
_pdbx_initial_refinement_model.details          ? 
# 
_pdbx_struct_assembly_auth_evidence.id                     1 
_pdbx_struct_assembly_auth_evidence.assembly_id            1 
_pdbx_struct_assembly_auth_evidence.experimental_support   'gel filtration' 
_pdbx_struct_assembly_auth_evidence.details                ? 
# 
